data_4EC7
# 
_entry.id   4EC7 
# 
_audit_conform.dict_name       mmcif_pdbx.dic 
_audit_conform.dict_version    5.398 
_audit_conform.dict_location   http://mmcif.pdb.org/dictionaries/ascii/mmcif_pdbx.dic 
# 
loop_
_database_2.database_id 
_database_2.database_code 
_database_2.pdbx_database_accession 
_database_2.pdbx_DOI 
PDB   4EC7         pdb_00004ec7 10.2210/pdb4ec7/pdb 
RCSB  RCSB071434   ?            ?                   
WWPDB D_1000071434 ?            ?                   
# 
loop_
_pdbx_audit_revision_history.ordinal 
_pdbx_audit_revision_history.data_content_type 
_pdbx_audit_revision_history.major_revision 
_pdbx_audit_revision_history.minor_revision 
_pdbx_audit_revision_history.revision_date 
1 'Structure model' 1 0 2012-09-12 
2 'Structure model' 1 1 2024-11-13 
# 
_pdbx_audit_revision_details.ordinal             1 
_pdbx_audit_revision_details.revision_ordinal    1 
_pdbx_audit_revision_details.data_content_type   'Structure model' 
_pdbx_audit_revision_details.provider            repository 
_pdbx_audit_revision_details.type                'Initial release' 
_pdbx_audit_revision_details.description         ? 
_pdbx_audit_revision_details.details             ? 
# 
loop_
_pdbx_audit_revision_group.ordinal 
_pdbx_audit_revision_group.revision_ordinal 
_pdbx_audit_revision_group.data_content_type 
_pdbx_audit_revision_group.group 
1 2 'Structure model' 'Data collection'      
2 2 'Structure model' 'Database references'  
3 2 'Structure model' 'Derived calculations' 
4 2 'Structure model' 'Structure summary'    
# 
loop_
_pdbx_audit_revision_category.ordinal 
_pdbx_audit_revision_category.revision_ordinal 
_pdbx_audit_revision_category.data_content_type 
_pdbx_audit_revision_category.category 
1 2 'Structure model' chem_comp_atom            
2 2 'Structure model' chem_comp_bond            
3 2 'Structure model' database_2                
4 2 'Structure model' pdbx_entry_details        
5 2 'Structure model' pdbx_modification_feature 
6 2 'Structure model' struct_site               
# 
loop_
_pdbx_audit_revision_item.ordinal 
_pdbx_audit_revision_item.revision_ordinal 
_pdbx_audit_revision_item.data_content_type 
_pdbx_audit_revision_item.item 
1 2 'Structure model' '_database_2.pdbx_DOI'                         
2 2 'Structure model' '_database_2.pdbx_database_accession'          
3 2 'Structure model' '_pdbx_entry_details.has_protein_modification' 
4 2 'Structure model' '_struct_site.pdbx_auth_asym_id'               
5 2 'Structure model' '_struct_site.pdbx_auth_comp_id'               
6 2 'Structure model' '_struct_site.pdbx_auth_seq_id'                
# 
_pdbx_database_status.status_code                     REL 
_pdbx_database_status.entry_id                        4EC7 
_pdbx_database_status.recvd_initial_deposition_date   2012-03-26 
_pdbx_database_status.deposit_site                    RCSB 
_pdbx_database_status.process_site                    PDBJ 
_pdbx_database_status.methods_development_category    ? 
_pdbx_database_status.status_code_sf                  REL 
_pdbx_database_status.status_code_mr                  ? 
_pdbx_database_status.SG_entry                        ? 
_pdbx_database_status.status_code_cs                  ? 
_pdbx_database_status.pdb_format_compatible           Y 
_pdbx_database_status.status_code_nmr_data            ? 
# 
loop_
_audit_author.name 
_audit_author.pdbx_ordinal 
'Jiang, T.' 1 
'Wang, F.'  2 
'Tong, Q.'  3 
# 
_citation.id                        primary 
_citation.title                     'Structural and functional insights into lipid-bound nerve growth factors' 
_citation.journal_abbrev            'Faseb J.' 
_citation.journal_volume            26 
_citation.page_first                3811 
_citation.page_last                 3821 
_citation.year                      2012 
_citation.journal_id_ASTM           FAJOEC 
_citation.country                   US 
_citation.journal_id_ISSN           0892-6638 
_citation.journal_id_CSD            2074 
_citation.book_publisher            ? 
_citation.pdbx_database_id_PubMed   22649032 
_citation.pdbx_database_id_DOI      10.1096/fj.12-207316 
# 
loop_
_citation_author.citation_id 
_citation_author.name 
_citation_author.ordinal 
_citation_author.identifier_ORCID 
primary 'Tong, Q.'    1  ? 
primary 'Wang, F.'    2  ? 
primary 'Zhou, H.Z.'  3  ? 
primary 'Sun, H.L.'   4  ? 
primary 'Song, H.'    5  ? 
primary 'Shu, Y.Y.'   6  ? 
primary 'Gong, Y.'    7  ? 
primary 'Zhang, W.T.' 8  ? 
primary 'Cai, T.X.'   9  ? 
primary 'Yang, F.Q.'  10 ? 
primary 'Tang, J.'    11 ? 
primary 'Jiang, T.'   12 ? 
# 
loop_
_entity.id 
_entity.type 
_entity.src_method 
_entity.pdbx_description 
_entity.formula_weight 
_entity.pdbx_number_of_molecules 
_entity.pdbx_ec 
_entity.pdbx_mutation 
_entity.pdbx_fragment 
_entity.details 
1 polymer     nat 'Venom nerve growth factor'                                  13080.645 2  ? ? ? ? 
2 non-polymer syn '(2S)-1-hydroxy-3-(tetradecanoyloxy)propan-2-yl docosanoate' 625.018   1  ? ? ? ? 
3 water       nat water                                                        18.015    25 ? ? ? ? 
# 
_entity_name_com.entity_id   1 
_entity_name_com.name        vNGF 
# 
_entity_poly.entity_id                      1 
_entity_poly.type                           'polypeptide(L)' 
_entity_poly.nstd_linkage                   no 
_entity_poly.nstd_monomer                   no 
_entity_poly.pdbx_seq_one_letter_code       
;EDHPVHNLGEHSVCDSVSAWVTKTTATDIKGNTVTVMENVNLDNKVYKEYFFETKCKNPNPEPSGCRGIDSSHWNSYCTE
TDTFIKALTMEGNQASWRFIRIETACVCVITKKKGN
;
_entity_poly.pdbx_seq_one_letter_code_can   
;EDHPVHNLGEHSVCDSVSAWVTKTTATDIKGNTVTVMENVNLDNKVYKEYFFETKCKNPNPEPSGCRGIDSSHWNSYCTE
TDTFIKALTMEGNQASWRFIRIETACVCVITKKKGN
;
_entity_poly.pdbx_strand_id                 A,B 
_entity_poly.pdbx_target_identifier         ? 
# 
loop_
_pdbx_entity_nonpoly.entity_id 
_pdbx_entity_nonpoly.name 
_pdbx_entity_nonpoly.comp_id 
2 '(2S)-1-hydroxy-3-(tetradecanoyloxy)propan-2-yl docosanoate' L44 
3 water                                                        HOH 
# 
loop_
_entity_poly_seq.entity_id 
_entity_poly_seq.num 
_entity_poly_seq.mon_id 
_entity_poly_seq.hetero 
1 1   GLU n 
1 2   ASP n 
1 3   HIS n 
1 4   PRO n 
1 5   VAL n 
1 6   HIS n 
1 7   ASN n 
1 8   LEU n 
1 9   GLY n 
1 10  GLU n 
1 11  HIS n 
1 12  SER n 
1 13  VAL n 
1 14  CYS n 
1 15  ASP n 
1 16  SER n 
1 17  VAL n 
1 18  SER n 
1 19  ALA n 
1 20  TRP n 
1 21  VAL n 
1 22  THR n 
1 23  LYS n 
1 24  THR n 
1 25  THR n 
1 26  ALA n 
1 27  THR n 
1 28  ASP n 
1 29  ILE n 
1 30  LYS n 
1 31  GLY n 
1 32  ASN n 
1 33  THR n 
1 34  VAL n 
1 35  THR n 
1 36  VAL n 
1 37  MET n 
1 38  GLU n 
1 39  ASN n 
1 40  VAL n 
1 41  ASN n 
1 42  LEU n 
1 43  ASP n 
1 44  ASN n 
1 45  LYS n 
1 46  VAL n 
1 47  TYR n 
1 48  LYS n 
1 49  GLU n 
1 50  TYR n 
1 51  PHE n 
1 52  PHE n 
1 53  GLU n 
1 54  THR n 
1 55  LYS n 
1 56  CYS n 
1 57  LYS n 
1 58  ASN n 
1 59  PRO n 
1 60  ASN n 
1 61  PRO n 
1 62  GLU n 
1 63  PRO n 
1 64  SER n 
1 65  GLY n 
1 66  CYS n 
1 67  ARG n 
1 68  GLY n 
1 69  ILE n 
1 70  ASP n 
1 71  SER n 
1 72  SER n 
1 73  HIS n 
1 74  TRP n 
1 75  ASN n 
1 76  SER n 
1 77  TYR n 
1 78  CYS n 
1 79  THR n 
1 80  GLU n 
1 81  THR n 
1 82  ASP n 
1 83  THR n 
1 84  PHE n 
1 85  ILE n 
1 86  LYS n 
1 87  ALA n 
1 88  LEU n 
1 89  THR n 
1 90  MET n 
1 91  GLU n 
1 92  GLY n 
1 93  ASN n 
1 94  GLN n 
1 95  ALA n 
1 96  SER n 
1 97  TRP n 
1 98  ARG n 
1 99  PHE n 
1 100 ILE n 
1 101 ARG n 
1 102 ILE n 
1 103 GLU n 
1 104 THR n 
1 105 ALA n 
1 106 CYS n 
1 107 VAL n 
1 108 CYS n 
1 109 VAL n 
1 110 ILE n 
1 111 THR n 
1 112 LYS n 
1 113 LYS n 
1 114 LYS n 
1 115 GLY n 
1 116 ASN n 
# 
_entity_src_nat.entity_id                  1 
_entity_src_nat.pdbx_src_id                1 
_entity_src_nat.pdbx_alt_source_flag       sample 
_entity_src_nat.pdbx_beg_seq_num           ? 
_entity_src_nat.pdbx_end_seq_num           ? 
_entity_src_nat.common_name                'Chinese cobra' 
_entity_src_nat.pdbx_organism_scientific   'Naja atra' 
_entity_src_nat.pdbx_ncbi_taxonomy_id      8656 
_entity_src_nat.genus                      ? 
_entity_src_nat.species                    ? 
_entity_src_nat.strain                     ? 
_entity_src_nat.tissue                     ? 
_entity_src_nat.tissue_fraction            ? 
_entity_src_nat.pdbx_secretion             ? 
_entity_src_nat.pdbx_fragment              ? 
_entity_src_nat.pdbx_variant               ? 
_entity_src_nat.pdbx_cell_line             ? 
_entity_src_nat.pdbx_atcc                  ? 
_entity_src_nat.pdbx_cellular_location     ? 
_entity_src_nat.pdbx_organ                 ? 
_entity_src_nat.pdbx_organelle             ? 
_entity_src_nat.pdbx_cell                  ? 
_entity_src_nat.pdbx_plasmid_name          ? 
_entity_src_nat.pdbx_plasmid_details       ? 
_entity_src_nat.details                    ? 
# 
loop_
_chem_comp.id 
_chem_comp.type 
_chem_comp.mon_nstd_flag 
_chem_comp.name 
_chem_comp.pdbx_synonyms 
_chem_comp.formula 
_chem_comp.formula_weight 
ALA 'L-peptide linking' y ALANINE                                                      ? 'C3 H7 N O2'     89.093  
ARG 'L-peptide linking' y ARGININE                                                     ? 'C6 H15 N4 O2 1' 175.209 
ASN 'L-peptide linking' y ASPARAGINE                                                   ? 'C4 H8 N2 O3'    132.118 
ASP 'L-peptide linking' y 'ASPARTIC ACID'                                              ? 'C4 H7 N O4'     133.103 
CYS 'L-peptide linking' y CYSTEINE                                                     ? 'C3 H7 N O2 S'   121.158 
GLN 'L-peptide linking' y GLUTAMINE                                                    ? 'C5 H10 N2 O3'   146.144 
GLU 'L-peptide linking' y 'GLUTAMIC ACID'                                              ? 'C5 H9 N O4'     147.129 
GLY 'peptide linking'   y GLYCINE                                                      ? 'C2 H5 N O2'     75.067  
HIS 'L-peptide linking' y HISTIDINE                                                    ? 'C6 H10 N3 O2 1' 156.162 
HOH non-polymer         . WATER                                                        ? 'H2 O'           18.015  
ILE 'L-peptide linking' y ISOLEUCINE                                                   ? 'C6 H13 N O2'    131.173 
L44 non-polymer         . '(2S)-1-hydroxy-3-(tetradecanoyloxy)propan-2-yl docosanoate' ? 'C39 H76 O5'     625.018 
LEU 'L-peptide linking' y LEUCINE                                                      ? 'C6 H13 N O2'    131.173 
LYS 'L-peptide linking' y LYSINE                                                       ? 'C6 H15 N2 O2 1' 147.195 
MET 'L-peptide linking' y METHIONINE                                                   ? 'C5 H11 N O2 S'  149.211 
PHE 'L-peptide linking' y PHENYLALANINE                                                ? 'C9 H11 N O2'    165.189 
PRO 'L-peptide linking' y PROLINE                                                      ? 'C5 H9 N O2'     115.130 
SER 'L-peptide linking' y SERINE                                                       ? 'C3 H7 N O3'     105.093 
THR 'L-peptide linking' y THREONINE                                                    ? 'C4 H9 N O3'     119.119 
TRP 'L-peptide linking' y TRYPTOPHAN                                                   ? 'C11 H12 N2 O2'  204.225 
TYR 'L-peptide linking' y TYROSINE                                                     ? 'C9 H11 N O3'    181.189 
VAL 'L-peptide linking' y VALINE                                                       ? 'C5 H11 N O2'    117.146 
# 
loop_
_pdbx_poly_seq_scheme.asym_id 
_pdbx_poly_seq_scheme.entity_id 
_pdbx_poly_seq_scheme.seq_id 
_pdbx_poly_seq_scheme.mon_id 
_pdbx_poly_seq_scheme.ndb_seq_num 
_pdbx_poly_seq_scheme.pdb_seq_num 
_pdbx_poly_seq_scheme.auth_seq_num 
_pdbx_poly_seq_scheme.pdb_mon_id 
_pdbx_poly_seq_scheme.auth_mon_id 
_pdbx_poly_seq_scheme.pdb_strand_id 
_pdbx_poly_seq_scheme.pdb_ins_code 
_pdbx_poly_seq_scheme.hetero 
A 1 1   GLU 1   1   ?   ?   ?   A . n 
A 1 2   ASP 2   2   ?   ?   ?   A . n 
A 1 3   HIS 3   3   ?   ?   ?   A . n 
A 1 4   PRO 4   4   ?   ?   ?   A . n 
A 1 5   VAL 5   5   ?   ?   ?   A . n 
A 1 6   HIS 6   6   ?   ?   ?   A . n 
A 1 7   ASN 7   7   ?   ?   ?   A . n 
A 1 8   LEU 8   8   ?   ?   ?   A . n 
A 1 9   GLY 9   9   9   GLY GLY A . n 
A 1 10  GLU 10  10  10  GLU GLU A . n 
A 1 11  HIS 11  11  11  HIS HIS A . n 
A 1 12  SER 12  12  12  SER SER A . n 
A 1 13  VAL 13  13  13  VAL VAL A . n 
A 1 14  CYS 14  14  14  CYS CYS A . n 
A 1 15  ASP 15  15  15  ASP ASP A . n 
A 1 16  SER 16  16  16  SER SER A . n 
A 1 17  VAL 17  17  17  VAL VAL A . n 
A 1 18  SER 18  18  18  SER SER A . n 
A 1 19  ALA 19  19  19  ALA ALA A . n 
A 1 20  TRP 20  20  20  TRP TRP A . n 
A 1 21  VAL 21  21  21  VAL VAL A . n 
A 1 22  THR 22  22  22  THR THR A . n 
A 1 23  LYS 23  23  23  LYS LYS A . n 
A 1 24  THR 24  24  24  THR THR A . n 
A 1 25  THR 25  25  25  THR THR A . n 
A 1 26  ALA 26  26  26  ALA ALA A . n 
A 1 27  THR 27  27  27  THR THR A . n 
A 1 28  ASP 28  28  28  ASP ASP A . n 
A 1 29  ILE 29  29  29  ILE ILE A . n 
A 1 30  LYS 30  30  30  LYS LYS A . n 
A 1 31  GLY 31  31  31  GLY GLY A . n 
A 1 32  ASN 32  32  32  ASN ASN A . n 
A 1 33  THR 33  33  33  THR THR A . n 
A 1 34  VAL 34  34  34  VAL VAL A . n 
A 1 35  THR 35  35  35  THR THR A . n 
A 1 36  VAL 36  36  36  VAL VAL A . n 
A 1 37  MET 37  37  37  MET MET A . n 
A 1 38  GLU 38  38  38  GLU GLU A . n 
A 1 39  ASN 39  39  39  ASN ASN A . n 
A 1 40  VAL 40  40  40  VAL VAL A . n 
A 1 41  ASN 41  41  41  ASN ASN A . n 
A 1 42  LEU 42  42  42  LEU LEU A . n 
A 1 43  ASP 43  43  43  ASP ASP A . n 
A 1 44  ASN 44  44  44  ASN ASN A . n 
A 1 45  LYS 45  45  45  LYS LYS A . n 
A 1 46  VAL 46  46  46  VAL VAL A . n 
A 1 47  TYR 47  47  47  TYR TYR A . n 
A 1 48  LYS 48  48  48  LYS LYS A . n 
A 1 49  GLU 49  49  49  GLU GLU A . n 
A 1 50  TYR 50  50  50  TYR TYR A . n 
A 1 51  PHE 51  51  51  PHE PHE A . n 
A 1 52  PHE 52  52  52  PHE PHE A . n 
A 1 53  GLU 53  53  53  GLU GLU A . n 
A 1 54  THR 54  54  54  THR THR A . n 
A 1 55  LYS 55  55  55  LYS LYS A . n 
A 1 56  CYS 56  56  56  CYS CYS A . n 
A 1 57  LYS 57  57  57  LYS LYS A . n 
A 1 58  ASN 58  58  58  ASN ASN A . n 
A 1 59  PRO 59  59  59  PRO PRO A . n 
A 1 60  ASN 60  60  60  ASN ASN A . n 
A 1 61  PRO 61  61  61  PRO PRO A . n 
A 1 62  GLU 62  62  62  GLU GLU A . n 
A 1 63  PRO 63  63  63  PRO PRO A . n 
A 1 64  SER 64  64  64  SER SER A . n 
A 1 65  GLY 65  65  65  GLY GLY A . n 
A 1 66  CYS 66  66  66  CYS CYS A . n 
A 1 67  ARG 67  67  67  ARG ARG A . n 
A 1 68  GLY 68  68  68  GLY GLY A . n 
A 1 69  ILE 69  69  69  ILE ILE A . n 
A 1 70  ASP 70  70  70  ASP ASP A . n 
A 1 71  SER 71  71  71  SER SER A . n 
A 1 72  SER 72  72  72  SER SER A . n 
A 1 73  HIS 73  73  73  HIS HIS A . n 
A 1 74  TRP 74  74  74  TRP TRP A . n 
A 1 75  ASN 75  75  75  ASN ASN A . n 
A 1 76  SER 76  76  76  SER SER A . n 
A 1 77  TYR 77  77  77  TYR TYR A . n 
A 1 78  CYS 78  78  78  CYS CYS A . n 
A 1 79  THR 79  79  79  THR THR A . n 
A 1 80  GLU 80  80  80  GLU GLU A . n 
A 1 81  THR 81  81  81  THR THR A . n 
A 1 82  ASP 82  82  82  ASP ASP A . n 
A 1 83  THR 83  83  83  THR THR A . n 
A 1 84  PHE 84  84  84  PHE PHE A . n 
A 1 85  ILE 85  85  85  ILE ILE A . n 
A 1 86  LYS 86  86  86  LYS LYS A . n 
A 1 87  ALA 87  87  87  ALA ALA A . n 
A 1 88  LEU 88  88  88  LEU LEU A . n 
A 1 89  THR 89  89  89  THR THR A . n 
A 1 90  MET 90  90  90  MET MET A . n 
A 1 91  GLU 91  91  91  GLU GLU A . n 
A 1 92  GLY 92  92  92  GLY GLY A . n 
A 1 93  ASN 93  93  93  ASN ASN A . n 
A 1 94  GLN 94  94  94  GLN GLN A . n 
A 1 95  ALA 95  95  95  ALA ALA A . n 
A 1 96  SER 96  96  96  SER SER A . n 
A 1 97  TRP 97  97  97  TRP TRP A . n 
A 1 98  ARG 98  98  98  ARG ARG A . n 
A 1 99  PHE 99  99  99  PHE PHE A . n 
A 1 100 ILE 100 100 100 ILE ILE A . n 
A 1 101 ARG 101 101 101 ARG ARG A . n 
A 1 102 ILE 102 102 102 ILE ILE A . n 
A 1 103 GLU 103 103 103 GLU GLU A . n 
A 1 104 THR 104 104 104 THR THR A . n 
A 1 105 ALA 105 105 105 ALA ALA A . n 
A 1 106 CYS 106 106 106 CYS CYS A . n 
A 1 107 VAL 107 107 107 VAL VAL A . n 
A 1 108 CYS 108 108 108 CYS CYS A . n 
A 1 109 VAL 109 109 109 VAL VAL A . n 
A 1 110 ILE 110 110 110 ILE ILE A . n 
A 1 111 THR 111 111 111 THR THR A . n 
A 1 112 LYS 112 112 112 LYS LYS A . n 
A 1 113 LYS 113 113 113 LYS LYS A . n 
A 1 114 LYS 114 114 114 LYS LYS A . n 
A 1 115 GLY 115 115 115 GLY GLY A . n 
A 1 116 ASN 116 116 116 ASN ASN A . n 
B 1 1   GLU 1   1   ?   ?   ?   B . n 
B 1 2   ASP 2   2   ?   ?   ?   B . n 
B 1 3   HIS 3   3   ?   ?   ?   B . n 
B 1 4   PRO 4   4   ?   ?   ?   B . n 
B 1 5   VAL 5   5   ?   ?   ?   B . n 
B 1 6   HIS 6   6   ?   ?   ?   B . n 
B 1 7   ASN 7   7   ?   ?   ?   B . n 
B 1 8   LEU 8   8   ?   ?   ?   B . n 
B 1 9   GLY 9   9   9   GLY GLY B . n 
B 1 10  GLU 10  10  10  GLU GLU B . n 
B 1 11  HIS 11  11  11  HIS HIS B . n 
B 1 12  SER 12  12  12  SER SER B . n 
B 1 13  VAL 13  13  13  VAL VAL B . n 
B 1 14  CYS 14  14  14  CYS CYS B . n 
B 1 15  ASP 15  15  15  ASP ASP B . n 
B 1 16  SER 16  16  16  SER SER B . n 
B 1 17  VAL 17  17  17  VAL VAL B . n 
B 1 18  SER 18  18  18  SER SER B . n 
B 1 19  ALA 19  19  19  ALA ALA B . n 
B 1 20  TRP 20  20  20  TRP TRP B . n 
B 1 21  VAL 21  21  21  VAL VAL B . n 
B 1 22  THR 22  22  22  THR THR B . n 
B 1 23  LYS 23  23  23  LYS LYS B . n 
B 1 24  THR 24  24  24  THR THR B . n 
B 1 25  THR 25  25  25  THR THR B . n 
B 1 26  ALA 26  26  26  ALA ALA B . n 
B 1 27  THR 27  27  27  THR THR B . n 
B 1 28  ASP 28  28  28  ASP ASP B . n 
B 1 29  ILE 29  29  29  ILE ILE B . n 
B 1 30  LYS 30  30  30  LYS LYS B . n 
B 1 31  GLY 31  31  31  GLY GLY B . n 
B 1 32  ASN 32  32  32  ASN ASN B . n 
B 1 33  THR 33  33  33  THR THR B . n 
B 1 34  VAL 34  34  34  VAL VAL B . n 
B 1 35  THR 35  35  35  THR THR B . n 
B 1 36  VAL 36  36  36  VAL VAL B . n 
B 1 37  MET 37  37  37  MET MET B . n 
B 1 38  GLU 38  38  38  GLU GLU B . n 
B 1 39  ASN 39  39  39  ASN ASN B . n 
B 1 40  VAL 40  40  40  VAL VAL B . n 
B 1 41  ASN 41  41  41  ASN ASN B . n 
B 1 42  LEU 42  42  42  LEU LEU B . n 
B 1 43  ASP 43  43  43  ASP ASP B . n 
B 1 44  ASN 44  44  44  ASN ASN B . n 
B 1 45  LYS 45  45  45  LYS LYS B . n 
B 1 46  VAL 46  46  46  VAL VAL B . n 
B 1 47  TYR 47  47  47  TYR TYR B . n 
B 1 48  LYS 48  48  48  LYS LYS B . n 
B 1 49  GLU 49  49  49  GLU GLU B . n 
B 1 50  TYR 50  50  50  TYR TYR B . n 
B 1 51  PHE 51  51  51  PHE PHE B . n 
B 1 52  PHE 52  52  52  PHE PHE B . n 
B 1 53  GLU 53  53  53  GLU GLU B . n 
B 1 54  THR 54  54  54  THR THR B . n 
B 1 55  LYS 55  55  55  LYS LYS B . n 
B 1 56  CYS 56  56  56  CYS CYS B . n 
B 1 57  LYS 57  57  57  LYS LYS B . n 
B 1 58  ASN 58  58  58  ASN ASN B . n 
B 1 59  PRO 59  59  59  PRO PRO B . n 
B 1 60  ASN 60  60  60  ASN ASN B . n 
B 1 61  PRO 61  61  61  PRO PRO B . n 
B 1 62  GLU 62  62  62  GLU GLU B . n 
B 1 63  PRO 63  63  63  PRO PRO B . n 
B 1 64  SER 64  64  64  SER SER B . n 
B 1 65  GLY 65  65  65  GLY GLY B . n 
B 1 66  CYS 66  66  66  CYS CYS B . n 
B 1 67  ARG 67  67  67  ARG ARG B . n 
B 1 68  GLY 68  68  68  GLY GLY B . n 
B 1 69  ILE 69  69  69  ILE ILE B . n 
B 1 70  ASP 70  70  70  ASP ASP B . n 
B 1 71  SER 71  71  71  SER SER B . n 
B 1 72  SER 72  72  72  SER SER B . n 
B 1 73  HIS 73  73  73  HIS HIS B . n 
B 1 74  TRP 74  74  74  TRP TRP B . n 
B 1 75  ASN 75  75  75  ASN ASN B . n 
B 1 76  SER 76  76  76  SER SER B . n 
B 1 77  TYR 77  77  77  TYR TYR B . n 
B 1 78  CYS 78  78  78  CYS CYS B . n 
B 1 79  THR 79  79  79  THR THR B . n 
B 1 80  GLU 80  80  80  GLU GLU B . n 
B 1 81  THR 81  81  81  THR THR B . n 
B 1 82  ASP 82  82  82  ASP ASP B . n 
B 1 83  THR 83  83  83  THR THR B . n 
B 1 84  PHE 84  84  84  PHE PHE B . n 
B 1 85  ILE 85  85  85  ILE ILE B . n 
B 1 86  LYS 86  86  86  LYS LYS B . n 
B 1 87  ALA 87  87  87  ALA ALA B . n 
B 1 88  LEU 88  88  88  LEU LEU B . n 
B 1 89  THR 89  89  89  THR THR B . n 
B 1 90  MET 90  90  90  MET MET B . n 
B 1 91  GLU 91  91  91  GLU GLU B . n 
B 1 92  GLY 92  92  92  GLY GLY B . n 
B 1 93  ASN 93  93  93  ASN ASN B . n 
B 1 94  GLN 94  94  94  GLN GLN B . n 
B 1 95  ALA 95  95  95  ALA ALA B . n 
B 1 96  SER 96  96  96  SER SER B . n 
B 1 97  TRP 97  97  97  TRP TRP B . n 
B 1 98  ARG 98  98  98  ARG ARG B . n 
B 1 99  PHE 99  99  99  PHE PHE B . n 
B 1 100 ILE 100 100 100 ILE ILE B . n 
B 1 101 ARG 101 101 101 ARG ARG B . n 
B 1 102 ILE 102 102 102 ILE ILE B . n 
B 1 103 GLU 103 103 103 GLU GLU B . n 
B 1 104 THR 104 104 104 THR THR B . n 
B 1 105 ALA 105 105 105 ALA ALA B . n 
B 1 106 CYS 106 106 106 CYS CYS B . n 
B 1 107 VAL 107 107 107 VAL VAL B . n 
B 1 108 CYS 108 108 108 CYS CYS B . n 
B 1 109 VAL 109 109 109 VAL VAL B . n 
B 1 110 ILE 110 110 110 ILE ILE B . n 
B 1 111 THR 111 111 111 THR THR B . n 
B 1 112 LYS 112 112 112 LYS LYS B . n 
B 1 113 LYS 113 113 113 LYS LYS B . n 
B 1 114 LYS 114 114 114 LYS LYS B . n 
B 1 115 GLY 115 115 115 GLY GLY B . n 
B 1 116 ASN 116 116 116 ASN ASN B . n 
# 
loop_
_pdbx_nonpoly_scheme.asym_id 
_pdbx_nonpoly_scheme.entity_id 
_pdbx_nonpoly_scheme.mon_id 
_pdbx_nonpoly_scheme.ndb_seq_num 
_pdbx_nonpoly_scheme.pdb_seq_num 
_pdbx_nonpoly_scheme.auth_seq_num 
_pdbx_nonpoly_scheme.pdb_mon_id 
_pdbx_nonpoly_scheme.auth_mon_id 
_pdbx_nonpoly_scheme.pdb_strand_id 
_pdbx_nonpoly_scheme.pdb_ins_code 
C 2 L44 1  200 200 L44 L44 A . 
D 3 HOH 1  301 1   HOH HOH A . 
D 3 HOH 2  302 2   HOH HOH A . 
D 3 HOH 3  303 3   HOH HOH A . 
D 3 HOH 4  304 4   HOH HOH A . 
D 3 HOH 5  305 6   HOH HOH A . 
D 3 HOH 6  306 7   HOH HOH A . 
D 3 HOH 7  307 8   HOH HOH A . 
D 3 HOH 8  308 9   HOH HOH A . 
D 3 HOH 9  309 10  HOH HOH A . 
D 3 HOH 10 310 12  HOH HOH A . 
D 3 HOH 11 311 13  HOH HOH A . 
D 3 HOH 12 312 14  HOH HOH A . 
D 3 HOH 13 313 15  HOH HOH A . 
D 3 HOH 14 314 17  HOH HOH A . 
D 3 HOH 15 315 18  HOH HOH A . 
D 3 HOH 16 316 19  HOH HOH A . 
D 3 HOH 17 317 20  HOH HOH A . 
D 3 HOH 18 318 22  HOH HOH A . 
D 3 HOH 19 319 24  HOH HOH A . 
D 3 HOH 20 320 25  HOH HOH A . 
E 3 HOH 1  201 5   HOH HOH B . 
E 3 HOH 2  202 11  HOH HOH B . 
E 3 HOH 3  203 16  HOH HOH B . 
E 3 HOH 4  204 21  HOH HOH B . 
E 3 HOH 5  205 23  HOH HOH B . 
# 
loop_
_software.name 
_software.classification 
_software.version 
_software.citation_id 
_software.pdbx_ordinal 
CrystalClear 'data collection' .                            ? 1 
MOLREP       phasing           .                            ? 2 
PHENIX       refinement        '(phenix.refine: 1.7.3_928)' ? 3 
CrystalClear 'data reduction'  .                            ? 4 
CrystalClear 'data scaling'    .                            ? 5 
# 
_cell.entry_id           4EC7 
_cell.length_a           118.120 
_cell.length_b           118.120 
_cell.length_c           87.350 
_cell.angle_alpha        90.00 
_cell.angle_beta         90.00 
_cell.angle_gamma        120.00 
_cell.Z_PDB              24 
_cell.pdbx_unique_axis   ? 
_cell.length_a_esd       ? 
_cell.length_b_esd       ? 
_cell.length_c_esd       ? 
_cell.angle_alpha_esd    ? 
_cell.angle_beta_esd     ? 
_cell.angle_gamma_esd    ? 
# 
_symmetry.entry_id                         4EC7 
_symmetry.space_group_name_H-M             'P 6 2 2' 
_symmetry.pdbx_full_space_group_name_H-M   ? 
_symmetry.cell_setting                     ? 
_symmetry.Int_Tables_number                177 
_symmetry.space_group_name_Hall            ? 
# 
_exptl.entry_id          4EC7 
_exptl.method            'X-RAY DIFFRACTION' 
_exptl.crystals_number   1 
# 
_exptl_crystal.id                    1 
_exptl_crystal.density_meas          ? 
_exptl_crystal.density_Matthews      3.36 
_exptl_crystal.density_percent_sol   63.41 
_exptl_crystal.description           ? 
_exptl_crystal.F_000                 ? 
_exptl_crystal.preparation           ? 
# 
_exptl_crystal_grow.crystal_id      1 
_exptl_crystal_grow.method          'VAPOR DIFFUSION, HANGING DROP' 
_exptl_crystal_grow.temp            289 
_exptl_crystal_grow.temp_details    ? 
_exptl_crystal_grow.pH              6.5 
_exptl_crystal_grow.pdbx_details    
'25% PEG mme 5000, 0.2M ammonium sulfate, 0.1M MES, pH 6.5, VAPOR DIFFUSION, HANGING DROP, temperature 289K' 
_exptl_crystal_grow.pdbx_pH_range   . 
# 
_diffrn.id                     1 
_diffrn.ambient_temp           100 
_diffrn.ambient_temp_details   ? 
_diffrn.crystal_id             1 
# 
_diffrn_detector.diffrn_id              1 
_diffrn_detector.detector               'IMAGE PLATE' 
_diffrn_detector.type                   'RIGAKU RAXIS V' 
_diffrn_detector.pdbx_collection_date   2006-04-01 
_diffrn_detector.details                ? 
# 
_diffrn_radiation.diffrn_id                        1 
_diffrn_radiation.wavelength_id                    1 
_diffrn_radiation.pdbx_monochromatic_or_laue_m_l   M 
_diffrn_radiation.monochromator                    NA 
_diffrn_radiation.pdbx_diffrn_protocol             'SINGLE WAVELENGTH' 
_diffrn_radiation.pdbx_scattering_type             x-ray 
# 
_diffrn_radiation_wavelength.id           1 
_diffrn_radiation_wavelength.wavelength   1.5418 
_diffrn_radiation_wavelength.wt           1.0 
# 
_diffrn_source.diffrn_id                   1 
_diffrn_source.source                      'ROTATING ANODE' 
_diffrn_source.type                        'RIGAKU FR-E SUPERBRIGHT' 
_diffrn_source.pdbx_synchrotron_site       ? 
_diffrn_source.pdbx_synchrotron_beamline   ? 
_diffrn_source.pdbx_wavelength             ? 
_diffrn_source.pdbx_wavelength_list        1.5418 
# 
_reflns.entry_id                     4EC7 
_reflns.observed_criterion_sigma_I   1 
_reflns.observed_criterion_sigma_F   1 
_reflns.d_resolution_low             28.372 
_reflns.d_resolution_high            2.6 
_reflns.number_obs                   10968 
_reflns.number_all                   11077 
_reflns.percent_possible_obs         99 
_reflns.pdbx_Rmerge_I_obs            ? 
_reflns.pdbx_Rsym_value              ? 
_reflns.pdbx_netI_over_sigmaI        ? 
_reflns.B_iso_Wilson_estimate        36.110 
_reflns.pdbx_redundancy              ? 
_reflns.R_free_details               ? 
_reflns.limit_h_max                  ? 
_reflns.limit_h_min                  ? 
_reflns.limit_k_max                  ? 
_reflns.limit_k_min                  ? 
_reflns.limit_l_max                  ? 
_reflns.limit_l_min                  ? 
_reflns.observed_criterion_F_max     ? 
_reflns.observed_criterion_F_min     ? 
_reflns.pdbx_chi_squared             ? 
_reflns.pdbx_scaling_rejects         ? 
_reflns.pdbx_ordinal                 1 
_reflns.pdbx_diffrn_id               1 
# 
_reflns_shell.d_res_high                  2.6 
_reflns_shell.d_res_low                   2.69 
_reflns_shell.percent_possible_all        100 
_reflns_shell.Rmerge_I_obs                ? 
_reflns_shell.pdbx_Rsym_value             ? 
_reflns_shell.meanI_over_sigI_obs         ? 
_reflns_shell.pdbx_redundancy             ? 
_reflns_shell.percent_possible_obs        ? 
_reflns_shell.number_unique_all           ? 
_reflns_shell.number_measured_all         ? 
_reflns_shell.number_measured_obs         ? 
_reflns_shell.number_unique_obs           ? 
_reflns_shell.pdbx_chi_squared            ? 
_reflns_shell.pdbx_rejects                ? 
_reflns_shell.pdbx_netI_over_sigmaI_obs   ? 
_reflns_shell.number_possible             ? 
_reflns_shell.Rmerge_F_all                ? 
_reflns_shell.Rmerge_F_obs                ? 
_reflns_shell.Rmerge_I_all                ? 
_reflns_shell.meanI_over_sigI_all         ? 
_reflns_shell.pdbx_Rrim_I_all             ? 
_reflns_shell.pdbx_Rpim_I_all             ? 
_reflns_shell.pdbx_ordinal                1 
_reflns_shell.pdbx_diffrn_id              1 
# 
_refine.entry_id                                 4EC7 
_refine.pdbx_diffrn_id                           1 
_refine.pdbx_TLS_residual_ADP_flag               ? 
_refine.ls_number_reflns_obs                     10968 
_refine.ls_number_reflns_all                     11547 
_refine.pdbx_ls_sigma_I                          ? 
_refine.pdbx_ls_sigma_F                          1.62 
_refine.pdbx_data_cutoff_high_absF               ? 
_refine.pdbx_data_cutoff_low_absF                ? 
_refine.pdbx_data_cutoff_high_rms_absF           ? 
_refine.ls_d_res_low                             28.372 
_refine.ls_d_res_high                            2.600 
_refine.ls_percent_reflns_obs                    94.99 
_refine.ls_R_factor_obs                          0.2304 
_refine.ls_R_factor_all                          ? 
_refine.ls_R_factor_R_work                       0.2281 
_refine.ls_R_factor_R_free                       0.2689 
_refine.ls_R_factor_R_free_error                 ? 
_refine.ls_R_factor_R_free_error_details         ? 
_refine.ls_percent_reflns_R_free                 5.30 
_refine.ls_number_reflns_R_free                  581 
_refine.ls_number_parameters                     ? 
_refine.ls_number_restraints                     ? 
_refine.correlation_coeff_Fo_to_Fc               ? 
_refine.correlation_coeff_Fo_to_Fc_free          ? 
_refine.B_iso_mean                               41.2025 
_refine.aniso_B[1][1]                            -0.1784 
_refine.aniso_B[2][2]                            -0.1784 
_refine.aniso_B[3][3]                            0.3569 
_refine.aniso_B[1][2]                            0.0000 
_refine.aniso_B[1][3]                            0.0000 
_refine.aniso_B[2][3]                            -0.0000 
_refine.solvent_model_details                    'FLAT BULK SOLVENT MODEL' 
_refine.solvent_model_param_ksol                 0.351 
_refine.solvent_model_param_bsol                 30.382 
_refine.pdbx_solvent_vdw_probe_radii             1.00 
_refine.pdbx_solvent_ion_probe_radii             ? 
_refine.pdbx_solvent_shrinkage_radii             0.73 
_refine.pdbx_ls_cross_valid_method               ? 
_refine.details                                  ? 
_refine.pdbx_starting_model                      ? 
_refine.pdbx_method_to_determine_struct          'MOLECULAR REPLACEMENT' 
_refine.pdbx_isotropic_thermal_model             ? 
_refine.pdbx_stereochemistry_target_values       ML 
_refine.pdbx_stereochem_target_val_spec_case     ? 
_refine.pdbx_R_Free_selection_details            RANDOM 
_refine.pdbx_overall_ESU_R                       ? 
_refine.pdbx_overall_ESU_R_Free                  ? 
_refine.overall_SU_ML                            0.33 
_refine.overall_FOM_work_R_set                   0.8301 
_refine.B_iso_max                                121.750 
_refine.B_iso_min                                15.860 
_refine.pdbx_overall_phase_error                 23.7400 
_refine.occupancy_max                            1.000 
_refine.occupancy_min                            1.000 
_refine.pdbx_refine_id                           'X-RAY DIFFRACTION' 
_refine.ls_redundancy_reflns_obs                 ? 
_refine.overall_SU_B                             ? 
_refine.overall_SU_R_Cruickshank_DPI             ? 
_refine.overall_SU_R_free                        ? 
_refine.ls_wR_factor_R_free                      ? 
_refine.ls_wR_factor_R_work                      ? 
_refine.overall_FOM_free_R_set                   ? 
_refine.pdbx_overall_SU_R_free_Cruickshank_DPI   ? 
_refine.pdbx_overall_SU_R_Blow_DPI               ? 
_refine.pdbx_overall_SU_R_free_Blow_DPI          ? 
# 
_refine_hist.pdbx_refine_id                   'X-RAY DIFFRACTION' 
_refine_hist.cycle_id                         LAST 
_refine_hist.pdbx_number_atoms_protein        1694 
_refine_hist.pdbx_number_atoms_nucleic_acid   0 
_refine_hist.pdbx_number_atoms_ligand         44 
_refine_hist.number_atoms_solvent             25 
_refine_hist.number_atoms_total               1763 
_refine_hist.d_res_high                       2.600 
_refine_hist.d_res_low                        28.372 
# 
loop_
_refine_ls_restr.type 
_refine_ls_restr.dev_ideal 
_refine_ls_restr.dev_ideal_target 
_refine_ls_restr.weight 
_refine_ls_restr.number 
_refine_ls_restr.pdbx_refine_id 
_refine_ls_restr.pdbx_restraint_function 
f_bond_d           0.009  ? ? 1777 'X-RAY DIFFRACTION' ? 
f_angle_d          1.358  ? ? 2387 'X-RAY DIFFRACTION' ? 
f_dihedral_angle_d 20.042 ? ? 662  'X-RAY DIFFRACTION' ? 
f_chiral_restr     0.082  ? ? 266  'X-RAY DIFFRACTION' ? 
f_plane_restr      0.005  ? ? 299  'X-RAY DIFFRACTION' ? 
# 
loop_
_refine_ls_shell.d_res_high 
_refine_ls_shell.d_res_low 
_refine_ls_shell.pdbx_total_number_of_bins_used 
_refine_ls_shell.percent_reflns_obs 
_refine_ls_shell.number_reflns_R_work 
_refine_ls_shell.R_factor_all 
_refine_ls_shell.R_factor_R_work 
_refine_ls_shell.R_factor_R_free 
_refine_ls_shell.percent_reflns_R_free 
_refine_ls_shell.number_reflns_R_free 
_refine_ls_shell.R_factor_R_free_error 
_refine_ls_shell.number_reflns_all 
_refine_ls_shell.number_reflns_obs 
_refine_ls_shell.pdbx_refine_id 
_refine_ls_shell.redundancy_reflns_obs 
2.6001 2.8616  4 95.0000 2530 . 0.3076 0.3586 . 142 . 2672 . 'X-RAY DIFFRACTION' . 
2.8616 3.2751  4 95.0000 2562 . 0.2767 0.3019 . 131 . 2693 . 'X-RAY DIFFRACTION' . 
3.2751 4.1243  4 95.0000 2566 . 0.2116 0.2710 . 140 . 2706 . 'X-RAY DIFFRACTION' . 
4.1243 28.3732 4 95.0000 2729 . 0.1902 0.2279 . 168 . 2897 . 'X-RAY DIFFRACTION' . 
# 
_struct.entry_id                  4EC7 
_struct.title                     'Cobra NGF in complex with lipid' 
_struct.pdbx_model_details        ? 
_struct.pdbx_CASP_flag            ? 
_struct.pdbx_model_type_details   ? 
# 
_struct_keywords.entry_id        4EC7 
_struct_keywords.pdbx_keywords   HORMONE 
_struct_keywords.text            'Cobra NGF, Unknown Lipid, HORMONE' 
# 
loop_
_struct_asym.id 
_struct_asym.pdbx_blank_PDB_chainid_flag 
_struct_asym.pdbx_modified 
_struct_asym.entity_id 
_struct_asym.details 
A N N 1 ? 
B N N 1 ? 
C N N 2 ? 
D N N 3 ? 
E N N 3 ? 
# 
_struct_ref.id                         1 
_struct_ref.db_name                    UNP 
_struct_ref.db_code                    NGFV_NAJAT 
_struct_ref.pdbx_db_accession          P61898 
_struct_ref.entity_id                  1 
_struct_ref.pdbx_seq_one_letter_code   
;EDHPVHNLGEHSVCDSVSAWVTKTTATDIKGNTVTVMENVNLDNKVYKEYFFETKCKNPNPEPSGCRGIDSSHWNSYCTE
TDTFIKALTMEGNQASWRFIRIETACVCVITKKKGN
;
_struct_ref.pdbx_align_begin           1 
_struct_ref.pdbx_db_isoform            ? 
# 
loop_
_struct_ref_seq.align_id 
_struct_ref_seq.ref_id 
_struct_ref_seq.pdbx_PDB_id_code 
_struct_ref_seq.pdbx_strand_id 
_struct_ref_seq.seq_align_beg 
_struct_ref_seq.pdbx_seq_align_beg_ins_code 
_struct_ref_seq.seq_align_end 
_struct_ref_seq.pdbx_seq_align_end_ins_code 
_struct_ref_seq.pdbx_db_accession 
_struct_ref_seq.db_align_beg 
_struct_ref_seq.pdbx_db_align_beg_ins_code 
_struct_ref_seq.db_align_end 
_struct_ref_seq.pdbx_db_align_end_ins_code 
_struct_ref_seq.pdbx_auth_seq_align_beg 
_struct_ref_seq.pdbx_auth_seq_align_end 
1 1 4EC7 A 1 ? 116 ? P61898 1 ? 116 ? 1 116 
2 1 4EC7 B 1 ? 116 ? P61898 1 ? 116 ? 1 116 
# 
_pdbx_struct_assembly.id                   1 
_pdbx_struct_assembly.details              author_and_software_defined_assembly 
_pdbx_struct_assembly.method_details       PISA 
_pdbx_struct_assembly.oligomeric_details   dimeric 
_pdbx_struct_assembly.oligomeric_count     2 
# 
loop_
_pdbx_struct_assembly_prop.biol_id 
_pdbx_struct_assembly_prop.type 
_pdbx_struct_assembly_prop.value 
_pdbx_struct_assembly_prop.details 
1 'ABSA (A^2)' 3250  ? 
1 MORE         -21   ? 
1 'SSA (A^2)'  11820 ? 
# 
_pdbx_struct_assembly_gen.assembly_id       1 
_pdbx_struct_assembly_gen.oper_expression   1 
_pdbx_struct_assembly_gen.asym_id_list      A,B,C,D,E 
# 
_pdbx_struct_oper_list.id                   1 
_pdbx_struct_oper_list.type                 'identity operation' 
_pdbx_struct_oper_list.name                 1_555 
_pdbx_struct_oper_list.symmetry_operation   x,y,z 
_pdbx_struct_oper_list.matrix[1][1]         1.0000000000 
_pdbx_struct_oper_list.matrix[1][2]         0.0000000000 
_pdbx_struct_oper_list.matrix[1][3]         0.0000000000 
_pdbx_struct_oper_list.vector[1]            0.0000000000 
_pdbx_struct_oper_list.matrix[2][1]         0.0000000000 
_pdbx_struct_oper_list.matrix[2][2]         1.0000000000 
_pdbx_struct_oper_list.matrix[2][3]         0.0000000000 
_pdbx_struct_oper_list.vector[2]            0.0000000000 
_pdbx_struct_oper_list.matrix[3][1]         0.0000000000 
_pdbx_struct_oper_list.matrix[3][2]         0.0000000000 
_pdbx_struct_oper_list.matrix[3][3]         1.0000000000 
_pdbx_struct_oper_list.vector[3]            0.0000000000 
# 
_struct_biol.id        1 
_struct_biol.details   ? 
# 
loop_
_struct_conn.id 
_struct_conn.conn_type_id 
_struct_conn.pdbx_leaving_atom_flag 
_struct_conn.pdbx_PDB_id 
_struct_conn.ptnr1_label_asym_id 
_struct_conn.ptnr1_label_comp_id 
_struct_conn.ptnr1_label_seq_id 
_struct_conn.ptnr1_label_atom_id 
_struct_conn.pdbx_ptnr1_label_alt_id 
_struct_conn.pdbx_ptnr1_PDB_ins_code 
_struct_conn.pdbx_ptnr1_standard_comp_id 
_struct_conn.ptnr1_symmetry 
_struct_conn.ptnr2_label_asym_id 
_struct_conn.ptnr2_label_comp_id 
_struct_conn.ptnr2_label_seq_id 
_struct_conn.ptnr2_label_atom_id 
_struct_conn.pdbx_ptnr2_label_alt_id 
_struct_conn.pdbx_ptnr2_PDB_ins_code 
_struct_conn.ptnr1_auth_asym_id 
_struct_conn.ptnr1_auth_comp_id 
_struct_conn.ptnr1_auth_seq_id 
_struct_conn.ptnr2_auth_asym_id 
_struct_conn.ptnr2_auth_comp_id 
_struct_conn.ptnr2_auth_seq_id 
_struct_conn.ptnr2_symmetry 
_struct_conn.pdbx_ptnr3_label_atom_id 
_struct_conn.pdbx_ptnr3_label_seq_id 
_struct_conn.pdbx_ptnr3_label_comp_id 
_struct_conn.pdbx_ptnr3_label_asym_id 
_struct_conn.pdbx_ptnr3_label_alt_id 
_struct_conn.pdbx_ptnr3_PDB_ins_code 
_struct_conn.details 
_struct_conn.pdbx_dist_value 
_struct_conn.pdbx_value_order 
_struct_conn.pdbx_role 
disulf1 disulf ? ? A CYS 14 SG ? ? ? 1_555 A CYS 78  SG ? ? A CYS 14 A CYS 78  1_555 ? ? ? ? ? ? ? 2.009 ? ? 
disulf2 disulf ? ? A CYS 56 SG ? ? ? 1_555 A CYS 106 SG ? ? A CYS 56 A CYS 106 1_555 ? ? ? ? ? ? ? 2.015 ? ? 
disulf3 disulf ? ? A CYS 66 SG ? ? ? 1_555 A CYS 108 SG ? ? A CYS 66 A CYS 108 1_555 ? ? ? ? ? ? ? 2.043 ? ? 
disulf4 disulf ? ? B CYS 14 SG ? ? ? 1_555 B CYS 78  SG ? ? B CYS 14 B CYS 78  1_555 ? ? ? ? ? ? ? 2.014 ? ? 
disulf5 disulf ? ? B CYS 56 SG ? ? ? 1_555 B CYS 106 SG ? ? B CYS 56 B CYS 106 1_555 ? ? ? ? ? ? ? 2.026 ? ? 
disulf6 disulf ? ? B CYS 66 SG ? ? ? 1_555 B CYS 108 SG ? ? B CYS 66 B CYS 108 1_555 ? ? ? ? ? ? ? 2.033 ? ? 
# 
_struct_conn_type.id          disulf 
_struct_conn_type.criteria    ? 
_struct_conn_type.reference   ? 
# 
loop_
_pdbx_modification_feature.ordinal 
_pdbx_modification_feature.label_comp_id 
_pdbx_modification_feature.label_asym_id 
_pdbx_modification_feature.label_seq_id 
_pdbx_modification_feature.label_alt_id 
_pdbx_modification_feature.modified_residue_label_comp_id 
_pdbx_modification_feature.modified_residue_label_asym_id 
_pdbx_modification_feature.modified_residue_label_seq_id 
_pdbx_modification_feature.modified_residue_label_alt_id 
_pdbx_modification_feature.auth_comp_id 
_pdbx_modification_feature.auth_asym_id 
_pdbx_modification_feature.auth_seq_id 
_pdbx_modification_feature.PDB_ins_code 
_pdbx_modification_feature.symmetry 
_pdbx_modification_feature.modified_residue_auth_comp_id 
_pdbx_modification_feature.modified_residue_auth_asym_id 
_pdbx_modification_feature.modified_residue_auth_seq_id 
_pdbx_modification_feature.modified_residue_PDB_ins_code 
_pdbx_modification_feature.modified_residue_symmetry 
_pdbx_modification_feature.comp_id_linking_atom 
_pdbx_modification_feature.modified_residue_id_linking_atom 
_pdbx_modification_feature.modified_residue_id 
_pdbx_modification_feature.ref_pcm_id 
_pdbx_modification_feature.ref_comp_id 
_pdbx_modification_feature.type 
_pdbx_modification_feature.category 
1 CYS A 14 ? CYS A 78  ? CYS A 14 ? 1_555 CYS A 78  ? 1_555 SG SG . . . None 'Disulfide bridge' 
2 CYS A 56 ? CYS A 106 ? CYS A 56 ? 1_555 CYS A 106 ? 1_555 SG SG . . . None 'Disulfide bridge' 
3 CYS A 66 ? CYS A 108 ? CYS A 66 ? 1_555 CYS A 108 ? 1_555 SG SG . . . None 'Disulfide bridge' 
4 CYS B 14 ? CYS B 78  ? CYS B 14 ? 1_555 CYS B 78  ? 1_555 SG SG . . . None 'Disulfide bridge' 
5 CYS B 56 ? CYS B 106 ? CYS B 56 ? 1_555 CYS B 106 ? 1_555 SG SG . . . None 'Disulfide bridge' 
6 CYS B 66 ? CYS B 108 ? CYS B 66 ? 1_555 CYS B 108 ? 1_555 SG SG . . . None 'Disulfide bridge' 
# 
loop_
_struct_sheet.id 
_struct_sheet.type 
_struct_sheet.number_strands 
_struct_sheet.details 
A ? 5 ? 
B ? 2 ? 
C ? 5 ? 
D ? 2 ? 
E ? 2 ? 
F ? 2 ? 
# 
loop_
_struct_sheet_order.sheet_id 
_struct_sheet_order.range_id_1 
_struct_sheet_order.range_id_2 
_struct_sheet_order.offset 
_struct_sheet_order.sense 
A 1 2 ? anti-parallel 
A 2 3 ? anti-parallel 
A 3 4 ? anti-parallel 
A 4 5 ? anti-parallel 
B 1 2 ? anti-parallel 
C 1 2 ? anti-parallel 
C 2 3 ? anti-parallel 
C 3 4 ? anti-parallel 
C 4 5 ? anti-parallel 
D 1 2 ? anti-parallel 
E 1 2 ? anti-parallel 
F 1 2 ? anti-parallel 
# 
loop_
_struct_sheet_range.sheet_id 
_struct_sheet_range.id 
_struct_sheet_range.beg_label_comp_id 
_struct_sheet_range.beg_label_asym_id 
_struct_sheet_range.beg_label_seq_id 
_struct_sheet_range.pdbx_beg_PDB_ins_code 
_struct_sheet_range.end_label_comp_id 
_struct_sheet_range.end_label_asym_id 
_struct_sheet_range.end_label_seq_id 
_struct_sheet_range.pdbx_end_PDB_ins_code 
_struct_sheet_range.beg_auth_comp_id 
_struct_sheet_range.beg_auth_asym_id 
_struct_sheet_range.beg_auth_seq_id 
_struct_sheet_range.end_auth_comp_id 
_struct_sheet_range.end_auth_asym_id 
_struct_sheet_range.end_auth_seq_id 
A 1 HIS A 11 ? SER A 12  ? HIS A 11 SER A 12  
A 2 GLN B 94 ? ILE B 110 ? GLN B 94 ILE B 110 
A 3 SER B 76 ? GLU B 91  ? SER B 76 GLU B 91  
A 4 THR B 33 ? VAL B 36  ? THR B 33 VAL B 36  
A 5 THR B 25 ? THR B 27  ? THR B 25 THR B 27  
B 1 SER A 16 ? VAL A 21  ? SER A 16 VAL A 21  
B 2 PHE A 51 ? CYS A 56  ? PHE A 51 CYS A 56  
C 1 THR A 25 ? THR A 27  ? THR A 25 THR A 27  
C 2 THR A 33 ? VAL A 36  ? THR A 33 VAL A 36  
C 3 TRP A 74 ? GLU A 91  ? TRP A 74 GLU A 91  
C 4 GLN A 94 ? LYS A 112 ? GLN A 94 LYS A 112 
C 5 HIS B 11 ? SER B 12  ? HIS B 11 SER B 12  
D 1 ASN A 39 ? LEU A 42  ? ASN A 39 LEU A 42  
D 2 LYS A 45 ? LYS A 48  ? LYS A 45 LYS A 48  
E 1 SER B 16 ? VAL B 21  ? SER B 16 VAL B 21  
E 2 PHE B 51 ? CYS B 56  ? PHE B 51 CYS B 56  
F 1 ASN B 39 ? ASN B 41  ? ASN B 39 ASN B 41  
F 2 VAL B 46 ? LYS B 48  ? VAL B 46 LYS B 48  
# 
loop_
_pdbx_struct_sheet_hbond.sheet_id 
_pdbx_struct_sheet_hbond.range_id_1 
_pdbx_struct_sheet_hbond.range_id_2 
_pdbx_struct_sheet_hbond.range_1_label_atom_id 
_pdbx_struct_sheet_hbond.range_1_label_comp_id 
_pdbx_struct_sheet_hbond.range_1_label_asym_id 
_pdbx_struct_sheet_hbond.range_1_label_seq_id 
_pdbx_struct_sheet_hbond.range_1_PDB_ins_code 
_pdbx_struct_sheet_hbond.range_1_auth_atom_id 
_pdbx_struct_sheet_hbond.range_1_auth_comp_id 
_pdbx_struct_sheet_hbond.range_1_auth_asym_id 
_pdbx_struct_sheet_hbond.range_1_auth_seq_id 
_pdbx_struct_sheet_hbond.range_2_label_atom_id 
_pdbx_struct_sheet_hbond.range_2_label_comp_id 
_pdbx_struct_sheet_hbond.range_2_label_asym_id 
_pdbx_struct_sheet_hbond.range_2_label_seq_id 
_pdbx_struct_sheet_hbond.range_2_PDB_ins_code 
_pdbx_struct_sheet_hbond.range_2_auth_atom_id 
_pdbx_struct_sheet_hbond.range_2_auth_comp_id 
_pdbx_struct_sheet_hbond.range_2_auth_asym_id 
_pdbx_struct_sheet_hbond.range_2_auth_seq_id 
A 1 2 N HIS A 11  ? N HIS A 11  O ILE B 110 ? O ILE B 110 
A 2 3 O SER B 96  ? O SER B 96  N THR B 89  ? N THR B 89  
A 3 4 O MET B 90  ? O MET B 90  N THR B 35  ? N THR B 35  
A 4 5 O VAL B 34  ? O VAL B 34  N ALA B 26  ? N ALA B 26  
B 1 2 N ALA A 19  ? N ALA A 19  O GLU A 53  ? O GLU A 53  
C 1 2 N ALA A 26  ? N ALA A 26  O VAL A 34  ? O VAL A 34  
C 2 3 N THR A 35  ? N THR A 35  O MET A 90  ? O MET A 90  
C 3 4 N ILE A 85  ? N ILE A 85  O ILE A 100 ? O ILE A 100 
C 4 5 N ILE A 110 ? N ILE A 110 O HIS B 11  ? O HIS B 11  
D 1 2 N VAL A 40  ? N VAL A 40  O TYR A 47  ? O TYR A 47  
E 1 2 N VAL B 21  ? N VAL B 21  O PHE B 51  ? O PHE B 51  
F 1 2 N VAL B 40  ? N VAL B 40  O TYR B 47  ? O TYR B 47  
# 
_struct_site.id                   AC1 
_struct_site.pdbx_evidence_code   Software 
_struct_site.pdbx_auth_asym_id    A 
_struct_site.pdbx_auth_comp_id    L44 
_struct_site.pdbx_auth_seq_id     200 
_struct_site.pdbx_auth_ins_code   ? 
_struct_site.pdbx_num_residues    18 
_struct_site.details              'BINDING SITE FOR RESIDUE L44 A 200' 
# 
loop_
_struct_site_gen.id 
_struct_site_gen.site_id 
_struct_site_gen.pdbx_num_res 
_struct_site_gen.label_comp_id 
_struct_site_gen.label_asym_id 
_struct_site_gen.label_seq_id 
_struct_site_gen.pdbx_auth_ins_code 
_struct_site_gen.auth_comp_id 
_struct_site_gen.auth_asym_id 
_struct_site_gen.auth_seq_id 
_struct_site_gen.label_atom_id 
_struct_site_gen.label_alt_id 
_struct_site_gen.symmetry 
_struct_site_gen.details 
1  AC1 18 LEU A 42 ? LEU A 42  . ? 1_555 ? 
2  AC1 18 TYR A 47 ? TYR A 47  . ? 1_555 ? 
3  AC1 18 LYS A 48 ? LYS A 48  . ? 1_555 ? 
4  AC1 18 GLU A 49 ? GLU A 49  . ? 1_555 ? 
5  AC1 18 TYR A 50 ? TYR A 50  . ? 1_555 ? 
6  AC1 18 TYR A 77 ? TYR A 77  . ? 2_665 ? 
7  AC1 18 THR A 79 ? THR A 79  . ? 2_665 ? 
8  AC1 18 LYS A 86 ? LYS A 86  . ? 1_555 ? 
9  AC1 18 TRP A 97 ? TRP A 97  . ? 1_555 ? 
10 AC1 18 PHE A 99 ? PHE A 99  . ? 1_555 ? 
11 AC1 18 HOH D .  ? HOH A 302 . ? 1_555 ? 
12 AC1 18 HOH D .  ? HOH A 308 . ? 1_555 ? 
13 AC1 18 GLU B 10 ? GLU B 10  . ? 2_665 ? 
14 AC1 18 TRP B 20 ? TRP B 20  . ? 1_555 ? 
15 AC1 18 TYR B 47 ? TYR B 47  . ? 1_555 ? 
16 AC1 18 TYR B 50 ? TYR B 50  . ? 1_555 ? 
17 AC1 18 LYS B 86 ? LYS B 86  . ? 1_555 ? 
18 AC1 18 TRP B 97 ? TRP B 97  . ? 1_555 ? 
# 
_pdbx_entry_details.entry_id                   4EC7 
_pdbx_entry_details.nonpolymer_details         
'L44 IN 4EC7 IS UNKNOWN LIPID. THE AUTHOR DOES NOT KNOW THE COMPLETE STRUCTURE OF L44.' 
_pdbx_entry_details.sequence_details           ? 
_pdbx_entry_details.compound_details           ? 
_pdbx_entry_details.source_details             ? 
_pdbx_entry_details.has_ligand_of_interest     ? 
_pdbx_entry_details.has_protein_modification   Y 
# 
loop_
_pdbx_validate_close_contact.id 
_pdbx_validate_close_contact.PDB_model_num 
_pdbx_validate_close_contact.auth_atom_id_1 
_pdbx_validate_close_contact.auth_asym_id_1 
_pdbx_validate_close_contact.auth_comp_id_1 
_pdbx_validate_close_contact.auth_seq_id_1 
_pdbx_validate_close_contact.PDB_ins_code_1 
_pdbx_validate_close_contact.label_alt_id_1 
_pdbx_validate_close_contact.auth_atom_id_2 
_pdbx_validate_close_contact.auth_asym_id_2 
_pdbx_validate_close_contact.auth_comp_id_2 
_pdbx_validate_close_contact.auth_seq_id_2 
_pdbx_validate_close_contact.PDB_ins_code_2 
_pdbx_validate_close_contact.label_alt_id_2 
_pdbx_validate_close_contact.dist 
1 1 CB B CYS 14 ? ? SG B CYS 78 ? ? 1.77 
2 1 CB A CYS 14 ? ? SG A CYS 78 ? ? 1.85 
3 1 SG B CYS 14 ? ? CB B CYS 78 ? ? 1.89 
4 1 SG A CYS 14 ? ? CB A CYS 78 ? ? 2.08 
# 
loop_
_pdbx_validate_torsion.id 
_pdbx_validate_torsion.PDB_model_num 
_pdbx_validate_torsion.auth_comp_id 
_pdbx_validate_torsion.auth_asym_id 
_pdbx_validate_torsion.auth_seq_id 
_pdbx_validate_torsion.PDB_ins_code 
_pdbx_validate_torsion.label_alt_id 
_pdbx_validate_torsion.phi 
_pdbx_validate_torsion.psi 
1  1 ASN A 44  ? ? 56.62   18.87   
2  1 ASN A 58  ? ? 179.27  158.89  
3  1 ASN A 60  ? ? -157.24 83.13   
4  1 LEU B 42  ? ? -78.35  -114.46 
5  1 ASP B 43  ? ? -84.73  48.41   
6  1 ASN B 58  ? ? -165.97 116.02  
7  1 ASP B 70  ? ? -66.65  87.99   
8  1 THR B 111 ? ? -131.00 -42.02  
9  1 LYS B 112 ? ? -61.35  -104.88 
10 1 LYS B 114 ? ? 177.11  -66.59  
# 
loop_
_pdbx_unobs_or_zero_occ_residues.id 
_pdbx_unobs_or_zero_occ_residues.PDB_model_num 
_pdbx_unobs_or_zero_occ_residues.polymer_flag 
_pdbx_unobs_or_zero_occ_residues.occupancy_flag 
_pdbx_unobs_or_zero_occ_residues.auth_asym_id 
_pdbx_unobs_or_zero_occ_residues.auth_comp_id 
_pdbx_unobs_or_zero_occ_residues.auth_seq_id 
_pdbx_unobs_or_zero_occ_residues.PDB_ins_code 
_pdbx_unobs_or_zero_occ_residues.label_asym_id 
_pdbx_unobs_or_zero_occ_residues.label_comp_id 
_pdbx_unobs_or_zero_occ_residues.label_seq_id 
1  1 Y 1 A GLU 1 ? A GLU 1 
2  1 Y 1 A ASP 2 ? A ASP 2 
3  1 Y 1 A HIS 3 ? A HIS 3 
4  1 Y 1 A PRO 4 ? A PRO 4 
5  1 Y 1 A VAL 5 ? A VAL 5 
6  1 Y 1 A HIS 6 ? A HIS 6 
7  1 Y 1 A ASN 7 ? A ASN 7 
8  1 Y 1 A LEU 8 ? A LEU 8 
9  1 Y 1 B GLU 1 ? B GLU 1 
10 1 Y 1 B ASP 2 ? B ASP 2 
11 1 Y 1 B HIS 3 ? B HIS 3 
12 1 Y 1 B PRO 4 ? B PRO 4 
13 1 Y 1 B VAL 5 ? B VAL 5 
14 1 Y 1 B HIS 6 ? B HIS 6 
15 1 Y 1 B ASN 7 ? B ASN 7 
16 1 Y 1 B LEU 8 ? B LEU 8 
# 
loop_
_chem_comp_atom.comp_id 
_chem_comp_atom.atom_id 
_chem_comp_atom.type_symbol 
_chem_comp_atom.pdbx_aromatic_flag 
_chem_comp_atom.pdbx_stereo_config 
_chem_comp_atom.pdbx_ordinal 
ALA N    N N N 1   
ALA CA   C N S 2   
ALA C    C N N 3   
ALA O    O N N 4   
ALA CB   C N N 5   
ALA OXT  O N N 6   
ALA H    H N N 7   
ALA H2   H N N 8   
ALA HA   H N N 9   
ALA HB1  H N N 10  
ALA HB2  H N N 11  
ALA HB3  H N N 12  
ALA HXT  H N N 13  
ARG N    N N N 14  
ARG CA   C N S 15  
ARG C    C N N 16  
ARG O    O N N 17  
ARG CB   C N N 18  
ARG CG   C N N 19  
ARG CD   C N N 20  
ARG NE   N N N 21  
ARG CZ   C N N 22  
ARG NH1  N N N 23  
ARG NH2  N N N 24  
ARG OXT  O N N 25  
ARG H    H N N 26  
ARG H2   H N N 27  
ARG HA   H N N 28  
ARG HB2  H N N 29  
ARG HB3  H N N 30  
ARG HG2  H N N 31  
ARG HG3  H N N 32  
ARG HD2  H N N 33  
ARG HD3  H N N 34  
ARG HE   H N N 35  
ARG HH11 H N N 36  
ARG HH12 H N N 37  
ARG HH21 H N N 38  
ARG HH22 H N N 39  
ARG HXT  H N N 40  
ASN N    N N N 41  
ASN CA   C N S 42  
ASN C    C N N 43  
ASN O    O N N 44  
ASN CB   C N N 45  
ASN CG   C N N 46  
ASN OD1  O N N 47  
ASN ND2  N N N 48  
ASN OXT  O N N 49  
ASN H    H N N 50  
ASN H2   H N N 51  
ASN HA   H N N 52  
ASN HB2  H N N 53  
ASN HB3  H N N 54  
ASN HD21 H N N 55  
ASN HD22 H N N 56  
ASN HXT  H N N 57  
ASP N    N N N 58  
ASP CA   C N S 59  
ASP C    C N N 60  
ASP O    O N N 61  
ASP CB   C N N 62  
ASP CG   C N N 63  
ASP OD1  O N N 64  
ASP OD2  O N N 65  
ASP OXT  O N N 66  
ASP H    H N N 67  
ASP H2   H N N 68  
ASP HA   H N N 69  
ASP HB2  H N N 70  
ASP HB3  H N N 71  
ASP HD2  H N N 72  
ASP HXT  H N N 73  
CYS N    N N N 74  
CYS CA   C N R 75  
CYS C    C N N 76  
CYS O    O N N 77  
CYS CB   C N N 78  
CYS SG   S N N 79  
CYS OXT  O N N 80  
CYS H    H N N 81  
CYS H2   H N N 82  
CYS HA   H N N 83  
CYS HB2  H N N 84  
CYS HB3  H N N 85  
CYS HG   H N N 86  
CYS HXT  H N N 87  
GLN N    N N N 88  
GLN CA   C N S 89  
GLN C    C N N 90  
GLN O    O N N 91  
GLN CB   C N N 92  
GLN CG   C N N 93  
GLN CD   C N N 94  
GLN OE1  O N N 95  
GLN NE2  N N N 96  
GLN OXT  O N N 97  
GLN H    H N N 98  
GLN H2   H N N 99  
GLN HA   H N N 100 
GLN HB2  H N N 101 
GLN HB3  H N N 102 
GLN HG2  H N N 103 
GLN HG3  H N N 104 
GLN HE21 H N N 105 
GLN HE22 H N N 106 
GLN HXT  H N N 107 
GLU N    N N N 108 
GLU CA   C N S 109 
GLU C    C N N 110 
GLU O    O N N 111 
GLU CB   C N N 112 
GLU CG   C N N 113 
GLU CD   C N N 114 
GLU OE1  O N N 115 
GLU OE2  O N N 116 
GLU OXT  O N N 117 
GLU H    H N N 118 
GLU H2   H N N 119 
GLU HA   H N N 120 
GLU HB2  H N N 121 
GLU HB3  H N N 122 
GLU HG2  H N N 123 
GLU HG3  H N N 124 
GLU HE2  H N N 125 
GLU HXT  H N N 126 
GLY N    N N N 127 
GLY CA   C N N 128 
GLY C    C N N 129 
GLY O    O N N 130 
GLY OXT  O N N 131 
GLY H    H N N 132 
GLY H2   H N N 133 
GLY HA2  H N N 134 
GLY HA3  H N N 135 
GLY HXT  H N N 136 
HIS N    N N N 137 
HIS CA   C N S 138 
HIS C    C N N 139 
HIS O    O N N 140 
HIS CB   C N N 141 
HIS CG   C Y N 142 
HIS ND1  N Y N 143 
HIS CD2  C Y N 144 
HIS CE1  C Y N 145 
HIS NE2  N Y N 146 
HIS OXT  O N N 147 
HIS H    H N N 148 
HIS H2   H N N 149 
HIS HA   H N N 150 
HIS HB2  H N N 151 
HIS HB3  H N N 152 
HIS HD1  H N N 153 
HIS HD2  H N N 154 
HIS HE1  H N N 155 
HIS HE2  H N N 156 
HIS HXT  H N N 157 
HOH O    O N N 158 
HOH H1   H N N 159 
HOH H2   H N N 160 
ILE N    N N N 161 
ILE CA   C N S 162 
ILE C    C N N 163 
ILE O    O N N 164 
ILE CB   C N S 165 
ILE CG1  C N N 166 
ILE CG2  C N N 167 
ILE CD1  C N N 168 
ILE OXT  O N N 169 
ILE H    H N N 170 
ILE H2   H N N 171 
ILE HA   H N N 172 
ILE HB   H N N 173 
ILE HG12 H N N 174 
ILE HG13 H N N 175 
ILE HG21 H N N 176 
ILE HG22 H N N 177 
ILE HG23 H N N 178 
ILE HD11 H N N 179 
ILE HD12 H N N 180 
ILE HD13 H N N 181 
ILE HXT  H N N 182 
L44 C1   C N N 183 
L44 O1   O N N 184 
L44 C2   C N S 185 
L44 O2   O N N 186 
L44 C3   C N N 187 
L44 O3   O N N 188 
L44 C4   C N N 189 
L44 O4   O N N 190 
L44 C5   C N N 191 
L44 C6   C N N 192 
L44 C7   C N N 193 
L44 C8   C N N 194 
L44 C9   C N N 195 
L44 C10  C N N 196 
L44 C11  C N N 197 
L44 C12  C N N 198 
L44 C13  C N N 199 
L44 C14  C N N 200 
L44 C15  C N N 201 
L44 C16  C N N 202 
L44 C17  C N N 203 
L44 C18  C N N 204 
L44 O18  O N N 205 
L44 C19  C N N 206 
L44 C20  C N N 207 
L44 C21  C N N 208 
L44 C22  C N N 209 
L44 C23  C N N 210 
L44 C24  C N N 211 
L44 C25  C N N 212 
L44 C26  C N N 213 
L44 C27  C N N 214 
L44 C28  C N N 215 
L44 C29  C N N 216 
L44 C30  C N N 217 
L44 C31  C N N 218 
L44 C32  C N N 219 
L44 C33  C N N 220 
L44 C34  C N N 221 
L44 C35  C N N 222 
L44 C36  C N N 223 
L44 C37  C N N 224 
L44 C38  C N N 225 
L44 C39  C N N 226 
L44 H1   H N N 227 
L44 H2   H N N 228 
L44 H3   H N N 229 
L44 H4   H N N 230 
L44 H5   H N N 231 
L44 H6   H N N 232 
L44 H9   H N N 233 
L44 H10  H N N 234 
L44 H11  H N N 235 
L44 H12  H N N 236 
L44 H13  H N N 237 
L44 H14  H N N 238 
L44 H15  H N N 239 
L44 H16  H N N 240 
L44 H17  H N N 241 
L44 H18  H N N 242 
L44 H19  H N N 243 
L44 H20  H N N 244 
L44 H21  H N N 245 
L44 H22  H N N 246 
L44 H23  H N N 247 
L44 H24  H N N 248 
L44 H25  H N N 249 
L44 H26  H N N 250 
L44 H27  H N N 251 
L44 H28  H N N 252 
L44 H29  H N N 253 
L44 H30  H N N 254 
L44 H31  H N N 255 
L44 H32  H N N 256 
L44 H33  H N N 257 
L44 H34  H N N 258 
L44 H35  H N N 259 
L44 H36  H N N 260 
L44 H37  H N N 261 
L44 H38  H N N 262 
L44 H39  H N N 263 
L44 H40  H N N 264 
L44 H41  H N N 265 
L44 H42  H N N 266 
L44 H43  H N N 267 
L44 H44  H N N 268 
L44 H45  H N N 269 
L44 H46  H N N 270 
L44 H47  H N N 271 
L44 H48  H N N 272 
L44 H49  H N N 273 
L44 H50  H N N 274 
L44 H51  H N N 275 
L44 H52  H N N 276 
L44 H53  H N N 277 
L44 H54  H N N 278 
L44 H55  H N N 279 
L44 H56  H N N 280 
L44 H57  H N N 281 
L44 H58  H N N 282 
L44 H59  H N N 283 
L44 H60  H N N 284 
L44 H61  H N N 285 
L44 H62  H N N 286 
L44 H63  H N N 287 
L44 H64  H N N 288 
L44 H65  H N N 289 
L44 H66  H N N 290 
L44 H67  H N N 291 
L44 H68  H N N 292 
L44 H69  H N N 293 
L44 H70  H N N 294 
L44 H71  H N N 295 
L44 H72  H N N 296 
L44 H73  H N N 297 
L44 H74  H N N 298 
L44 H75  H N N 299 
L44 H76  H N N 300 
L44 H77  H N N 301 
L44 H78  H N N 302 
LEU N    N N N 303 
LEU CA   C N S 304 
LEU C    C N N 305 
LEU O    O N N 306 
LEU CB   C N N 307 
LEU CG   C N N 308 
LEU CD1  C N N 309 
LEU CD2  C N N 310 
LEU OXT  O N N 311 
LEU H    H N N 312 
LEU H2   H N N 313 
LEU HA   H N N 314 
LEU HB2  H N N 315 
LEU HB3  H N N 316 
LEU HG   H N N 317 
LEU HD11 H N N 318 
LEU HD12 H N N 319 
LEU HD13 H N N 320 
LEU HD21 H N N 321 
LEU HD22 H N N 322 
LEU HD23 H N N 323 
LEU HXT  H N N 324 
LYS N    N N N 325 
LYS CA   C N S 326 
LYS C    C N N 327 
LYS O    O N N 328 
LYS CB   C N N 329 
LYS CG   C N N 330 
LYS CD   C N N 331 
LYS CE   C N N 332 
LYS NZ   N N N 333 
LYS OXT  O N N 334 
LYS H    H N N 335 
LYS H2   H N N 336 
LYS HA   H N N 337 
LYS HB2  H N N 338 
LYS HB3  H N N 339 
LYS HG2  H N N 340 
LYS HG3  H N N 341 
LYS HD2  H N N 342 
LYS HD3  H N N 343 
LYS HE2  H N N 344 
LYS HE3  H N N 345 
LYS HZ1  H N N 346 
LYS HZ2  H N N 347 
LYS HZ3  H N N 348 
LYS HXT  H N N 349 
MET N    N N N 350 
MET CA   C N S 351 
MET C    C N N 352 
MET O    O N N 353 
MET CB   C N N 354 
MET CG   C N N 355 
MET SD   S N N 356 
MET CE   C N N 357 
MET OXT  O N N 358 
MET H    H N N 359 
MET H2   H N N 360 
MET HA   H N N 361 
MET HB2  H N N 362 
MET HB3  H N N 363 
MET HG2  H N N 364 
MET HG3  H N N 365 
MET HE1  H N N 366 
MET HE2  H N N 367 
MET HE3  H N N 368 
MET HXT  H N N 369 
PHE N    N N N 370 
PHE CA   C N S 371 
PHE C    C N N 372 
PHE O    O N N 373 
PHE CB   C N N 374 
PHE CG   C Y N 375 
PHE CD1  C Y N 376 
PHE CD2  C Y N 377 
PHE CE1  C Y N 378 
PHE CE2  C Y N 379 
PHE CZ   C Y N 380 
PHE OXT  O N N 381 
PHE H    H N N 382 
PHE H2   H N N 383 
PHE HA   H N N 384 
PHE HB2  H N N 385 
PHE HB3  H N N 386 
PHE HD1  H N N 387 
PHE HD2  H N N 388 
PHE HE1  H N N 389 
PHE HE2  H N N 390 
PHE HZ   H N N 391 
PHE HXT  H N N 392 
PRO N    N N N 393 
PRO CA   C N S 394 
PRO C    C N N 395 
PRO O    O N N 396 
PRO CB   C N N 397 
PRO CG   C N N 398 
PRO CD   C N N 399 
PRO OXT  O N N 400 
PRO H    H N N 401 
PRO HA   H N N 402 
PRO HB2  H N N 403 
PRO HB3  H N N 404 
PRO HG2  H N N 405 
PRO HG3  H N N 406 
PRO HD2  H N N 407 
PRO HD3  H N N 408 
PRO HXT  H N N 409 
SER N    N N N 410 
SER CA   C N S 411 
SER C    C N N 412 
SER O    O N N 413 
SER CB   C N N 414 
SER OG   O N N 415 
SER OXT  O N N 416 
SER H    H N N 417 
SER H2   H N N 418 
SER HA   H N N 419 
SER HB2  H N N 420 
SER HB3  H N N 421 
SER HG   H N N 422 
SER HXT  H N N 423 
THR N    N N N 424 
THR CA   C N S 425 
THR C    C N N 426 
THR O    O N N 427 
THR CB   C N R 428 
THR OG1  O N N 429 
THR CG2  C N N 430 
THR OXT  O N N 431 
THR H    H N N 432 
THR H2   H N N 433 
THR HA   H N N 434 
THR HB   H N N 435 
THR HG1  H N N 436 
THR HG21 H N N 437 
THR HG22 H N N 438 
THR HG23 H N N 439 
THR HXT  H N N 440 
TRP N    N N N 441 
TRP CA   C N S 442 
TRP C    C N N 443 
TRP O    O N N 444 
TRP CB   C N N 445 
TRP CG   C Y N 446 
TRP CD1  C Y N 447 
TRP CD2  C Y N 448 
TRP NE1  N Y N 449 
TRP CE2  C Y N 450 
TRP CE3  C Y N 451 
TRP CZ2  C Y N 452 
TRP CZ3  C Y N 453 
TRP CH2  C Y N 454 
TRP OXT  O N N 455 
TRP H    H N N 456 
TRP H2   H N N 457 
TRP HA   H N N 458 
TRP HB2  H N N 459 
TRP HB3  H N N 460 
TRP HD1  H N N 461 
TRP HE1  H N N 462 
TRP HE3  H N N 463 
TRP HZ2  H N N 464 
TRP HZ3  H N N 465 
TRP HH2  H N N 466 
TRP HXT  H N N 467 
TYR N    N N N 468 
TYR CA   C N S 469 
TYR C    C N N 470 
TYR O    O N N 471 
TYR CB   C N N 472 
TYR CG   C Y N 473 
TYR CD1  C Y N 474 
TYR CD2  C Y N 475 
TYR CE1  C Y N 476 
TYR CE2  C Y N 477 
TYR CZ   C Y N 478 
TYR OH   O N N 479 
TYR OXT  O N N 480 
TYR H    H N N 481 
TYR H2   H N N 482 
TYR HA   H N N 483 
TYR HB2  H N N 484 
TYR HB3  H N N 485 
TYR HD1  H N N 486 
TYR HD2  H N N 487 
TYR HE1  H N N 488 
TYR HE2  H N N 489 
TYR HH   H N N 490 
TYR HXT  H N N 491 
VAL N    N N N 492 
VAL CA   C N S 493 
VAL C    C N N 494 
VAL O    O N N 495 
VAL CB   C N N 496 
VAL CG1  C N N 497 
VAL CG2  C N N 498 
VAL OXT  O N N 499 
VAL H    H N N 500 
VAL H2   H N N 501 
VAL HA   H N N 502 
VAL HB   H N N 503 
VAL HG11 H N N 504 
VAL HG12 H N N 505 
VAL HG13 H N N 506 
VAL HG21 H N N 507 
VAL HG22 H N N 508 
VAL HG23 H N N 509 
VAL HXT  H N N 510 
# 
loop_
_chem_comp_bond.comp_id 
_chem_comp_bond.atom_id_1 
_chem_comp_bond.atom_id_2 
_chem_comp_bond.value_order 
_chem_comp_bond.pdbx_aromatic_flag 
_chem_comp_bond.pdbx_stereo_config 
_chem_comp_bond.pdbx_ordinal 
ALA N   CA   sing N N 1   
ALA N   H    sing N N 2   
ALA N   H2   sing N N 3   
ALA CA  C    sing N N 4   
ALA CA  CB   sing N N 5   
ALA CA  HA   sing N N 6   
ALA C   O    doub N N 7   
ALA C   OXT  sing N N 8   
ALA CB  HB1  sing N N 9   
ALA CB  HB2  sing N N 10  
ALA CB  HB3  sing N N 11  
ALA OXT HXT  sing N N 12  
ARG N   CA   sing N N 13  
ARG N   H    sing N N 14  
ARG N   H2   sing N N 15  
ARG CA  C    sing N N 16  
ARG CA  CB   sing N N 17  
ARG CA  HA   sing N N 18  
ARG C   O    doub N N 19  
ARG C   OXT  sing N N 20  
ARG CB  CG   sing N N 21  
ARG CB  HB2  sing N N 22  
ARG CB  HB3  sing N N 23  
ARG CG  CD   sing N N 24  
ARG CG  HG2  sing N N 25  
ARG CG  HG3  sing N N 26  
ARG CD  NE   sing N N 27  
ARG CD  HD2  sing N N 28  
ARG CD  HD3  sing N N 29  
ARG NE  CZ   sing N N 30  
ARG NE  HE   sing N N 31  
ARG CZ  NH1  sing N N 32  
ARG CZ  NH2  doub N N 33  
ARG NH1 HH11 sing N N 34  
ARG NH1 HH12 sing N N 35  
ARG NH2 HH21 sing N N 36  
ARG NH2 HH22 sing N N 37  
ARG OXT HXT  sing N N 38  
ASN N   CA   sing N N 39  
ASN N   H    sing N N 40  
ASN N   H2   sing N N 41  
ASN CA  C    sing N N 42  
ASN CA  CB   sing N N 43  
ASN CA  HA   sing N N 44  
ASN C   O    doub N N 45  
ASN C   OXT  sing N N 46  
ASN CB  CG   sing N N 47  
ASN CB  HB2  sing N N 48  
ASN CB  HB3  sing N N 49  
ASN CG  OD1  doub N N 50  
ASN CG  ND2  sing N N 51  
ASN ND2 HD21 sing N N 52  
ASN ND2 HD22 sing N N 53  
ASN OXT HXT  sing N N 54  
ASP N   CA   sing N N 55  
ASP N   H    sing N N 56  
ASP N   H2   sing N N 57  
ASP CA  C    sing N N 58  
ASP CA  CB   sing N N 59  
ASP CA  HA   sing N N 60  
ASP C   O    doub N N 61  
ASP C   OXT  sing N N 62  
ASP CB  CG   sing N N 63  
ASP CB  HB2  sing N N 64  
ASP CB  HB3  sing N N 65  
ASP CG  OD1  doub N N 66  
ASP CG  OD2  sing N N 67  
ASP OD2 HD2  sing N N 68  
ASP OXT HXT  sing N N 69  
CYS N   CA   sing N N 70  
CYS N   H    sing N N 71  
CYS N   H2   sing N N 72  
CYS CA  C    sing N N 73  
CYS CA  CB   sing N N 74  
CYS CA  HA   sing N N 75  
CYS C   O    doub N N 76  
CYS C   OXT  sing N N 77  
CYS CB  SG   sing N N 78  
CYS CB  HB2  sing N N 79  
CYS CB  HB3  sing N N 80  
CYS SG  HG   sing N N 81  
CYS OXT HXT  sing N N 82  
GLN N   CA   sing N N 83  
GLN N   H    sing N N 84  
GLN N   H2   sing N N 85  
GLN CA  C    sing N N 86  
GLN CA  CB   sing N N 87  
GLN CA  HA   sing N N 88  
GLN C   O    doub N N 89  
GLN C   OXT  sing N N 90  
GLN CB  CG   sing N N 91  
GLN CB  HB2  sing N N 92  
GLN CB  HB3  sing N N 93  
GLN CG  CD   sing N N 94  
GLN CG  HG2  sing N N 95  
GLN CG  HG3  sing N N 96  
GLN CD  OE1  doub N N 97  
GLN CD  NE2  sing N N 98  
GLN NE2 HE21 sing N N 99  
GLN NE2 HE22 sing N N 100 
GLN OXT HXT  sing N N 101 
GLU N   CA   sing N N 102 
GLU N   H    sing N N 103 
GLU N   H2   sing N N 104 
GLU CA  C    sing N N 105 
GLU CA  CB   sing N N 106 
GLU CA  HA   sing N N 107 
GLU C   O    doub N N 108 
GLU C   OXT  sing N N 109 
GLU CB  CG   sing N N 110 
GLU CB  HB2  sing N N 111 
GLU CB  HB3  sing N N 112 
GLU CG  CD   sing N N 113 
GLU CG  HG2  sing N N 114 
GLU CG  HG3  sing N N 115 
GLU CD  OE1  doub N N 116 
GLU CD  OE2  sing N N 117 
GLU OE2 HE2  sing N N 118 
GLU OXT HXT  sing N N 119 
GLY N   CA   sing N N 120 
GLY N   H    sing N N 121 
GLY N   H2   sing N N 122 
GLY CA  C    sing N N 123 
GLY CA  HA2  sing N N 124 
GLY CA  HA3  sing N N 125 
GLY C   O    doub N N 126 
GLY C   OXT  sing N N 127 
GLY OXT HXT  sing N N 128 
HIS N   CA   sing N N 129 
HIS N   H    sing N N 130 
HIS N   H2   sing N N 131 
HIS CA  C    sing N N 132 
HIS CA  CB   sing N N 133 
HIS CA  HA   sing N N 134 
HIS C   O    doub N N 135 
HIS C   OXT  sing N N 136 
HIS CB  CG   sing N N 137 
HIS CB  HB2  sing N N 138 
HIS CB  HB3  sing N N 139 
HIS CG  ND1  sing Y N 140 
HIS CG  CD2  doub Y N 141 
HIS ND1 CE1  doub Y N 142 
HIS ND1 HD1  sing N N 143 
HIS CD2 NE2  sing Y N 144 
HIS CD2 HD2  sing N N 145 
HIS CE1 NE2  sing Y N 146 
HIS CE1 HE1  sing N N 147 
HIS NE2 HE2  sing N N 148 
HIS OXT HXT  sing N N 149 
HOH O   H1   sing N N 150 
HOH O   H2   sing N N 151 
ILE N   CA   sing N N 152 
ILE N   H    sing N N 153 
ILE N   H2   sing N N 154 
ILE CA  C    sing N N 155 
ILE CA  CB   sing N N 156 
ILE CA  HA   sing N N 157 
ILE C   O    doub N N 158 
ILE C   OXT  sing N N 159 
ILE CB  CG1  sing N N 160 
ILE CB  CG2  sing N N 161 
ILE CB  HB   sing N N 162 
ILE CG1 CD1  sing N N 163 
ILE CG1 HG12 sing N N 164 
ILE CG1 HG13 sing N N 165 
ILE CG2 HG21 sing N N 166 
ILE CG2 HG22 sing N N 167 
ILE CG2 HG23 sing N N 168 
ILE CD1 HD11 sing N N 169 
ILE CD1 HD12 sing N N 170 
ILE CD1 HD13 sing N N 171 
ILE OXT HXT  sing N N 172 
L44 C37 C36  sing N N 173 
L44 C37 C38  sing N N 174 
L44 C35 C36  sing N N 175 
L44 C35 C34  sing N N 176 
L44 C33 C34  sing N N 177 
L44 C33 C32  sing N N 178 
L44 C39 C38  sing N N 179 
L44 C31 C32  sing N N 180 
L44 C31 C30  sing N N 181 
L44 C29 C30  sing N N 182 
L44 C29 C28  sing N N 183 
L44 C27 C28  sing N N 184 
L44 C27 C26  sing N N 185 
L44 C25 C26  sing N N 186 
L44 C25 C24  sing N N 187 
L44 C23 C24  sing N N 188 
L44 C23 C22  sing N N 189 
L44 C21 C22  sing N N 190 
L44 C21 C20  sing N N 191 
L44 C20 C19  sing N N 192 
L44 C19 C18  sing N N 193 
L44 O1  C1   sing N N 194 
L44 C18 O2   sing N N 195 
L44 C18 O18  doub N N 196 
L44 C1  C2   sing N N 197 
L44 O2  C2   sing N N 198 
L44 C2  C3   sing N N 199 
L44 C3  O3   sing N N 200 
L44 O3  C4   sing N N 201 
L44 O4  C4   doub N N 202 
L44 C4  C5   sing N N 203 
L44 C5  C6   sing N N 204 
L44 C6  C7   sing N N 205 
L44 C7  C8   sing N N 206 
L44 C8  C9   sing N N 207 
L44 C9  C10  sing N N 208 
L44 C10 C11  sing N N 209 
L44 C17 C16  sing N N 210 
L44 C11 C12  sing N N 211 
L44 C16 C15  sing N N 212 
L44 C12 C13  sing N N 213 
L44 C15 C14  sing N N 214 
L44 C14 C13  sing N N 215 
L44 C1  H1   sing N N 216 
L44 C1  H2   sing N N 217 
L44 O1  H3   sing N N 218 
L44 C2  H4   sing N N 219 
L44 C3  H5   sing N N 220 
L44 C3  H6   sing N N 221 
L44 C5  H9   sing N N 222 
L44 C5  H10  sing N N 223 
L44 C6  H11  sing N N 224 
L44 C6  H12  sing N N 225 
L44 C7  H13  sing N N 226 
L44 C7  H14  sing N N 227 
L44 C8  H15  sing N N 228 
L44 C8  H16  sing N N 229 
L44 C9  H17  sing N N 230 
L44 C9  H18  sing N N 231 
L44 C10 H19  sing N N 232 
L44 C10 H20  sing N N 233 
L44 C11 H21  sing N N 234 
L44 C11 H22  sing N N 235 
L44 C12 H23  sing N N 236 
L44 C12 H24  sing N N 237 
L44 C13 H25  sing N N 238 
L44 C13 H26  sing N N 239 
L44 C14 H27  sing N N 240 
L44 C14 H28  sing N N 241 
L44 C15 H29  sing N N 242 
L44 C15 H30  sing N N 243 
L44 C16 H31  sing N N 244 
L44 C16 H32  sing N N 245 
L44 C17 H33  sing N N 246 
L44 C17 H34  sing N N 247 
L44 C17 H35  sing N N 248 
L44 C19 H36  sing N N 249 
L44 C19 H37  sing N N 250 
L44 C20 H38  sing N N 251 
L44 C20 H39  sing N N 252 
L44 C21 H40  sing N N 253 
L44 C21 H41  sing N N 254 
L44 C22 H42  sing N N 255 
L44 C22 H43  sing N N 256 
L44 C23 H44  sing N N 257 
L44 C23 H45  sing N N 258 
L44 C24 H46  sing N N 259 
L44 C24 H47  sing N N 260 
L44 C25 H48  sing N N 261 
L44 C25 H49  sing N N 262 
L44 C26 H50  sing N N 263 
L44 C26 H51  sing N N 264 
L44 C27 H52  sing N N 265 
L44 C27 H53  sing N N 266 
L44 C28 H54  sing N N 267 
L44 C28 H55  sing N N 268 
L44 C29 H56  sing N N 269 
L44 C29 H57  sing N N 270 
L44 C30 H58  sing N N 271 
L44 C30 H59  sing N N 272 
L44 C31 H60  sing N N 273 
L44 C31 H61  sing N N 274 
L44 C32 H62  sing N N 275 
L44 C32 H63  sing N N 276 
L44 C33 H64  sing N N 277 
L44 C33 H65  sing N N 278 
L44 C34 H66  sing N N 279 
L44 C34 H67  sing N N 280 
L44 C35 H68  sing N N 281 
L44 C35 H69  sing N N 282 
L44 C36 H70  sing N N 283 
L44 C36 H71  sing N N 284 
L44 C37 H72  sing N N 285 
L44 C37 H73  sing N N 286 
L44 C38 H74  sing N N 287 
L44 C38 H75  sing N N 288 
L44 C39 H76  sing N N 289 
L44 C39 H77  sing N N 290 
L44 C39 H78  sing N N 291 
LEU N   CA   sing N N 292 
LEU N   H    sing N N 293 
LEU N   H2   sing N N 294 
LEU CA  C    sing N N 295 
LEU CA  CB   sing N N 296 
LEU CA  HA   sing N N 297 
LEU C   O    doub N N 298 
LEU C   OXT  sing N N 299 
LEU CB  CG   sing N N 300 
LEU CB  HB2  sing N N 301 
LEU CB  HB3  sing N N 302 
LEU CG  CD1  sing N N 303 
LEU CG  CD2  sing N N 304 
LEU CG  HG   sing N N 305 
LEU CD1 HD11 sing N N 306 
LEU CD1 HD12 sing N N 307 
LEU CD1 HD13 sing N N 308 
LEU CD2 HD21 sing N N 309 
LEU CD2 HD22 sing N N 310 
LEU CD2 HD23 sing N N 311 
LEU OXT HXT  sing N N 312 
LYS N   CA   sing N N 313 
LYS N   H    sing N N 314 
LYS N   H2   sing N N 315 
LYS CA  C    sing N N 316 
LYS CA  CB   sing N N 317 
LYS CA  HA   sing N N 318 
LYS C   O    doub N N 319 
LYS C   OXT  sing N N 320 
LYS CB  CG   sing N N 321 
LYS CB  HB2  sing N N 322 
LYS CB  HB3  sing N N 323 
LYS CG  CD   sing N N 324 
LYS CG  HG2  sing N N 325 
LYS CG  HG3  sing N N 326 
LYS CD  CE   sing N N 327 
LYS CD  HD2  sing N N 328 
LYS CD  HD3  sing N N 329 
LYS CE  NZ   sing N N 330 
LYS CE  HE2  sing N N 331 
LYS CE  HE3  sing N N 332 
LYS NZ  HZ1  sing N N 333 
LYS NZ  HZ2  sing N N 334 
LYS NZ  HZ3  sing N N 335 
LYS OXT HXT  sing N N 336 
MET N   CA   sing N N 337 
MET N   H    sing N N 338 
MET N   H2   sing N N 339 
MET CA  C    sing N N 340 
MET CA  CB   sing N N 341 
MET CA  HA   sing N N 342 
MET C   O    doub N N 343 
MET C   OXT  sing N N 344 
MET CB  CG   sing N N 345 
MET CB  HB2  sing N N 346 
MET CB  HB3  sing N N 347 
MET CG  SD   sing N N 348 
MET CG  HG2  sing N N 349 
MET CG  HG3  sing N N 350 
MET SD  CE   sing N N 351 
MET CE  HE1  sing N N 352 
MET CE  HE2  sing N N 353 
MET CE  HE3  sing N N 354 
MET OXT HXT  sing N N 355 
PHE N   CA   sing N N 356 
PHE N   H    sing N N 357 
PHE N   H2   sing N N 358 
PHE CA  C    sing N N 359 
PHE CA  CB   sing N N 360 
PHE CA  HA   sing N N 361 
PHE C   O    doub N N 362 
PHE C   OXT  sing N N 363 
PHE CB  CG   sing N N 364 
PHE CB  HB2  sing N N 365 
PHE CB  HB3  sing N N 366 
PHE CG  CD1  doub Y N 367 
PHE CG  CD2  sing Y N 368 
PHE CD1 CE1  sing Y N 369 
PHE CD1 HD1  sing N N 370 
PHE CD2 CE2  doub Y N 371 
PHE CD2 HD2  sing N N 372 
PHE CE1 CZ   doub Y N 373 
PHE CE1 HE1  sing N N 374 
PHE CE2 CZ   sing Y N 375 
PHE CE2 HE2  sing N N 376 
PHE CZ  HZ   sing N N 377 
PHE OXT HXT  sing N N 378 
PRO N   CA   sing N N 379 
PRO N   CD   sing N N 380 
PRO N   H    sing N N 381 
PRO CA  C    sing N N 382 
PRO CA  CB   sing N N 383 
PRO CA  HA   sing N N 384 
PRO C   O    doub N N 385 
PRO C   OXT  sing N N 386 
PRO CB  CG   sing N N 387 
PRO CB  HB2  sing N N 388 
PRO CB  HB3  sing N N 389 
PRO CG  CD   sing N N 390 
PRO CG  HG2  sing N N 391 
PRO CG  HG3  sing N N 392 
PRO CD  HD2  sing N N 393 
PRO CD  HD3  sing N N 394 
PRO OXT HXT  sing N N 395 
SER N   CA   sing N N 396 
SER N   H    sing N N 397 
SER N   H2   sing N N 398 
SER CA  C    sing N N 399 
SER CA  CB   sing N N 400 
SER CA  HA   sing N N 401 
SER C   O    doub N N 402 
SER C   OXT  sing N N 403 
SER CB  OG   sing N N 404 
SER CB  HB2  sing N N 405 
SER CB  HB3  sing N N 406 
SER OG  HG   sing N N 407 
SER OXT HXT  sing N N 408 
THR N   CA   sing N N 409 
THR N   H    sing N N 410 
THR N   H2   sing N N 411 
THR CA  C    sing N N 412 
THR CA  CB   sing N N 413 
THR CA  HA   sing N N 414 
THR C   O    doub N N 415 
THR C   OXT  sing N N 416 
THR CB  OG1  sing N N 417 
THR CB  CG2  sing N N 418 
THR CB  HB   sing N N 419 
THR OG1 HG1  sing N N 420 
THR CG2 HG21 sing N N 421 
THR CG2 HG22 sing N N 422 
THR CG2 HG23 sing N N 423 
THR OXT HXT  sing N N 424 
TRP N   CA   sing N N 425 
TRP N   H    sing N N 426 
TRP N   H2   sing N N 427 
TRP CA  C    sing N N 428 
TRP CA  CB   sing N N 429 
TRP CA  HA   sing N N 430 
TRP C   O    doub N N 431 
TRP C   OXT  sing N N 432 
TRP CB  CG   sing N N 433 
TRP CB  HB2  sing N N 434 
TRP CB  HB3  sing N N 435 
TRP CG  CD1  doub Y N 436 
TRP CG  CD2  sing Y N 437 
TRP CD1 NE1  sing Y N 438 
TRP CD1 HD1  sing N N 439 
TRP CD2 CE2  doub Y N 440 
TRP CD2 CE3  sing Y N 441 
TRP NE1 CE2  sing Y N 442 
TRP NE1 HE1  sing N N 443 
TRP CE2 CZ2  sing Y N 444 
TRP CE3 CZ3  doub Y N 445 
TRP CE3 HE3  sing N N 446 
TRP CZ2 CH2  doub Y N 447 
TRP CZ2 HZ2  sing N N 448 
TRP CZ3 CH2  sing Y N 449 
TRP CZ3 HZ3  sing N N 450 
TRP CH2 HH2  sing N N 451 
TRP OXT HXT  sing N N 452 
TYR N   CA   sing N N 453 
TYR N   H    sing N N 454 
TYR N   H2   sing N N 455 
TYR CA  C    sing N N 456 
TYR CA  CB   sing N N 457 
TYR CA  HA   sing N N 458 
TYR C   O    doub N N 459 
TYR C   OXT  sing N N 460 
TYR CB  CG   sing N N 461 
TYR CB  HB2  sing N N 462 
TYR CB  HB3  sing N N 463 
TYR CG  CD1  doub Y N 464 
TYR CG  CD2  sing Y N 465 
TYR CD1 CE1  sing Y N 466 
TYR CD1 HD1  sing N N 467 
TYR CD2 CE2  doub Y N 468 
TYR CD2 HD2  sing N N 469 
TYR CE1 CZ   doub Y N 470 
TYR CE1 HE1  sing N N 471 
TYR CE2 CZ   sing Y N 472 
TYR CE2 HE2  sing N N 473 
TYR CZ  OH   sing N N 474 
TYR OH  HH   sing N N 475 
TYR OXT HXT  sing N N 476 
VAL N   CA   sing N N 477 
VAL N   H    sing N N 478 
VAL N   H2   sing N N 479 
VAL CA  C    sing N N 480 
VAL CA  CB   sing N N 481 
VAL CA  HA   sing N N 482 
VAL C   O    doub N N 483 
VAL C   OXT  sing N N 484 
VAL CB  CG1  sing N N 485 
VAL CB  CG2  sing N N 486 
VAL CB  HB   sing N N 487 
VAL CG1 HG11 sing N N 488 
VAL CG1 HG12 sing N N 489 
VAL CG1 HG13 sing N N 490 
VAL CG2 HG21 sing N N 491 
VAL CG2 HG22 sing N N 492 
VAL CG2 HG23 sing N N 493 
VAL OXT HXT  sing N N 494 
# 
_atom_sites.entry_id                    4EC7 
_atom_sites.fract_transf_matrix[1][1]   -0.00445484 
_atom_sites.fract_transf_matrix[1][2]   -0.00861027 
_atom_sites.fract_transf_matrix[1][3]   -0.00125831 
_atom_sites.fract_transf_matrix[2][1]   -0.00958041 
_atom_sites.fract_transf_matrix[2][2]   -0.00031233 
_atom_sites.fract_transf_matrix[2][3]   -0.00192052 
_atom_sites.fract_transf_matrix[3][1]   0.00223295 
_atom_sites.fract_transf_matrix[3][2]   0.00048406 
_atom_sites.fract_transf_matrix[3][3]   -0.01121768 
_atom_sites.fract_transf_vector[1]      0.268361 
_atom_sites.fract_transf_vector[2]      0.491507 
_atom_sites.fract_transf_vector[3]      0.258647 
# 
loop_
_atom_type.symbol 
C 
N 
O 
S 
# 
loop_
_atom_site.group_PDB 
_atom_site.id 
_atom_site.type_symbol 
_atom_site.label_atom_id 
_atom_site.label_alt_id 
_atom_site.label_comp_id 
_atom_site.label_asym_id 
_atom_site.label_entity_id 
_atom_site.label_seq_id 
_atom_site.pdbx_PDB_ins_code 
_atom_site.Cartn_x 
_atom_site.Cartn_y 
_atom_site.Cartn_z 
_atom_site.occupancy 
_atom_site.B_iso_or_equiv 
_atom_site.pdbx_formal_charge 
_atom_site.auth_seq_id 
_atom_site.auth_comp_id 
_atom_site.auth_asym_id 
_atom_site.auth_atom_id 
_atom_site.pdbx_PDB_model_num 
ATOM   1    N N   . GLY A 1 9   ? 19.569  10.909  -4.924  1.00 53.07  ? 9   GLY A N   1 
ATOM   2    C CA  . GLY A 1 9   ? 18.938  12.179  -4.584  1.00 60.47  ? 9   GLY A CA  1 
ATOM   3    C C   . GLY A 1 9   ? 17.490  12.277  -5.043  1.00 60.93  ? 9   GLY A C   1 
ATOM   4    O O   . GLY A 1 9   ? 17.111  13.200  -5.768  1.00 59.87  ? 9   GLY A O   1 
ATOM   5    N N   . GLU A 1 10  ? 16.669  11.331  -4.602  1.00 61.13  ? 10  GLU A N   1 
ATOM   6    C CA  . GLU A 1 10  ? 15.300  11.231  -5.096  1.00 55.08  ? 10  GLU A CA  1 
ATOM   7    C C   . GLU A 1 10  ? 14.264  11.813  -4.134  1.00 55.06  ? 10  GLU A C   1 
ATOM   8    O O   . GLU A 1 10  ? 14.451  11.835  -2.915  1.00 52.57  ? 10  GLU A O   1 
ATOM   9    C CB  . GLU A 1 10  ? 14.958  9.770   -5.428  1.00 51.06  ? 10  GLU A CB  1 
ATOM   10   C CG  . GLU A 1 10  ? 15.909  9.104   -6.431  1.00 53.75  ? 10  GLU A CG  1 
ATOM   11   C CD  . GLU A 1 10  ? 15.392  7.766   -6.952  1.00 57.17  ? 10  GLU A CD  1 
ATOM   12   O OE1 . GLU A 1 10  ? 15.419  7.552   -8.185  1.00 54.51  ? 10  GLU A OE1 1 
ATOM   13   O OE2 . GLU A 1 10  ? 14.970  6.925   -6.130  1.00 57.64  ? 10  GLU A OE2 1 
ATOM   14   N N   . HIS A 1 11  ? 13.162  12.280  -4.697  1.00 52.21  ? 11  HIS A N   1 
ATOM   15   C CA  . HIS A 1 11  ? 12.072  12.782  -3.887  1.00 48.52  ? 11  HIS A CA  1 
ATOM   16   C C   . HIS A 1 11  ? 10.778  12.144  -4.334  1.00 46.80  ? 11  HIS A C   1 
ATOM   17   O O   . HIS A 1 11  ? 10.624  11.801  -5.509  1.00 44.98  ? 11  HIS A O   1 
ATOM   18   C CB  . HIS A 1 11  ? 11.982  14.303  -3.999  1.00 48.83  ? 11  HIS A CB  1 
ATOM   19   C CG  . HIS A 1 11  ? 13.068  15.009  -3.263  1.00 62.23  ? 11  HIS A CG  1 
ATOM   20   N ND1 . HIS A 1 11  ? 12.910  15.464  -1.969  1.00 73.06  ? 11  HIS A ND1 1 
ATOM   21   C CD2 . HIS A 1 11  ? 14.340  15.311  -3.615  1.00 62.41  ? 11  HIS A CD2 1 
ATOM   22   C CE1 . HIS A 1 11  ? 14.032  16.028  -1.565  1.00 66.80  ? 11  HIS A CE1 1 
ATOM   23   N NE2 . HIS A 1 11  ? 14.917  15.950  -2.545  1.00 68.91  ? 11  HIS A NE2 1 
ATOM   24   N N   . SER A 1 12  ? 9.855   11.945  -3.398  1.00 45.81  ? 12  SER A N   1 
ATOM   25   C CA  . SER A 1 12  ? 8.506   11.590  -3.798  1.00 39.56  ? 12  SER A CA  1 
ATOM   26   C C   . SER A 1 12  ? 7.778   12.890  -4.017  1.00 35.47  ? 12  SER A C   1 
ATOM   27   O O   . SER A 1 12  ? 8.169   13.930  -3.473  1.00 35.57  ? 12  SER A O   1 
ATOM   28   C CB  . SER A 1 12  ? 7.788   10.748  -2.749  1.00 45.18  ? 12  SER A CB  1 
ATOM   29   O OG  . SER A 1 12  ? 6.621   10.166  -3.319  1.00 46.07  ? 12  SER A OG  1 
ATOM   30   N N   . VAL A 1 13  ? 6.736   12.841  -4.832  1.00 29.94  ? 13  VAL A N   1 
ATOM   31   C CA  . VAL A 1 13  ? 6.007   14.052  -5.174  1.00 31.60  ? 13  VAL A CA  1 
ATOM   32   C C   . VAL A 1 13  ? 5.076   14.471  -4.042  1.00 35.48  ? 13  VAL A C   1 
ATOM   33   O O   . VAL A 1 13  ? 4.630   15.624  -3.971  1.00 35.24  ? 13  VAL A O   1 
ATOM   34   C CB  . VAL A 1 13  ? 5.207   13.852  -6.440  1.00 30.53  ? 13  VAL A CB  1 
ATOM   35   C CG1 . VAL A 1 13  ? 6.155   13.634  -7.616  1.00 36.16  ? 13  VAL A CG1 1 
ATOM   36   C CG2 . VAL A 1 13  ? 4.290   12.654  -6.285  1.00 32.38  ? 13  VAL A CG2 1 
ATOM   37   N N   . CYS A 1 14  ? 4.778   13.517  -3.166  1.00 34.99  ? 14  CYS A N   1 
ATOM   38   C CA  . CYS A 1 14  ? 3.986   13.785  -1.978  1.00 36.18  ? 14  CYS A CA  1 
ATOM   39   C C   . CYS A 1 14  ? 4.647   13.084  -0.775  1.00 36.99  ? 14  CYS A C   1 
ATOM   40   O O   . CYS A 1 14  ? 5.248   12.016  -0.941  1.00 32.89  ? 14  CYS A O   1 
ATOM   41   C CB  . CYS A 1 14  ? 2.524   13.374  -2.204  1.00 32.66  ? 14  CYS A CB  1 
ATOM   42   S SG  . CYS A 1 14  ? 1.452   14.757  -2.853  1.00 37.38  ? 14  CYS A SG  1 
ATOM   43   N N   . ASP A 1 15  ? 4.593   13.705  0.407   1.00 35.80  ? 15  ASP A N   1 
ATOM   44   C CA  . ASP A 1 15  ? 5.274   13.161  1.583   1.00 35.21  ? 15  ASP A CA  1 
ATOM   45   C C   . ASP A 1 15  ? 4.369   12.227  2.367   1.00 31.24  ? 15  ASP A C   1 
ATOM   46   O O   . ASP A 1 15  ? 3.195   12.541  2.580   1.00 25.56  ? 15  ASP A O   1 
ATOM   47   C CB  . ASP A 1 15  ? 5.765   14.280  2.505   1.00 35.53  ? 15  ASP A CB  1 
ATOM   48   C CG  . ASP A 1 15  ? 6.832   15.147  1.859   1.00 38.94  ? 15  ASP A CG  1 
ATOM   49   O OD1 . ASP A 1 15  ? 7.629   14.607  1.060   1.00 45.69  ? 15  ASP A OD1 1 
ATOM   50   O OD2 . ASP A 1 15  ? 6.875   16.370  2.147   1.00 33.33  ? 15  ASP A OD2 1 
ATOM   51   N N   . SER A 1 16  ? 4.917   11.087  2.788   1.00 31.21  ? 16  SER A N   1 
ATOM   52   C CA  . SER A 1 16  ? 4.144   10.085  3.518   1.00 30.82  ? 16  SER A CA  1 
ATOM   53   C C   . SER A 1 16  ? 4.702   9.803   4.924   1.00 32.89  ? 16  SER A C   1 
ATOM   54   O O   . SER A 1 16  ? 5.857   10.098  5.229   1.00 33.14  ? 16  SER A O   1 
ATOM   55   C CB  . SER A 1 16  ? 4.099   8.785   2.723   1.00 28.68  ? 16  SER A CB  1 
ATOM   56   O OG  . SER A 1 16  ? 5.332   8.113   2.848   1.00 33.74  ? 16  SER A OG  1 
ATOM   57   N N   . VAL A 1 17  ? 3.864   9.251   5.791   1.00 33.11  ? 17  VAL A N   1 
ATOM   58   C CA  . VAL A 1 17  ? 4.297   8.843   7.118   1.00 27.45  ? 17  VAL A CA  1 
ATOM   59   C C   . VAL A 1 17  ? 3.867   7.395   7.345   1.00 30.37  ? 17  VAL A C   1 
ATOM   60   O O   . VAL A 1 17  ? 2.671   7.091   7.363   1.00 29.77  ? 17  VAL A O   1 
ATOM   61   C CB  . VAL A 1 17  ? 3.689   9.741   8.189   1.00 27.90  ? 17  VAL A CB  1 
ATOM   62   C CG1 . VAL A 1 17  ? 4.017   9.208   9.562   1.00 30.63  ? 17  VAL A CG1 1 
ATOM   63   C CG2 . VAL A 1 17  ? 4.220   11.161  8.044   1.00 32.51  ? 17  VAL A CG2 1 
ATOM   64   N N   . SER A 1 18  ? 4.835   6.496   7.493   1.00 28.25  ? 18  SER A N   1 
ATOM   65   C CA  . SER A 1 18  ? 4.503   5.097   7.713   1.00 27.20  ? 18  SER A CA  1 
ATOM   66   C C   . SER A 1 18  ? 4.706   4.734   9.185   1.00 27.62  ? 18  SER A C   1 
ATOM   67   O O   . SER A 1 18  ? 5.669   5.197   9.824   1.00 25.66  ? 18  SER A O   1 
ATOM   68   C CB  . SER A 1 18  ? 5.345   4.189   6.817   1.00 25.85  ? 18  SER A CB  1 
ATOM   69   O OG  . SER A 1 18  ? 5.123   4.493   5.452   1.00 28.21  ? 18  SER A OG  1 
ATOM   70   N N   . ALA A 1 19  ? 3.794   3.916   9.718   1.00 25.97  ? 19  ALA A N   1 
ATOM   71   C CA  . ALA A 1 19  ? 3.889   3.426   11.098  1.00 23.51  ? 19  ALA A CA  1 
ATOM   72   C C   . ALA A 1 19  ? 3.134   2.134   11.324  1.00 27.93  ? 19  ALA A C   1 
ATOM   73   O O   . ALA A 1 19  ? 2.236   1.760   10.552  1.00 27.89  ? 19  ALA A O   1 
ATOM   74   C CB  . ALA A 1 19  ? 3.400   4.464   12.065  1.00 21.20  ? 19  ALA A CB  1 
ATOM   75   N N   . TRP A 1 20  ? 3.500   1.458   12.401  1.00 29.62  ? 20  TRP A N   1 
ATOM   76   C CA  . TRP A 1 20  ? 2.759   0.286   12.834  1.00 27.44  ? 20  TRP A CA  1 
ATOM   77   C C   . TRP A 1 20  ? 1.659   0.788   13.746  1.00 25.25  ? 20  TRP A C   1 
ATOM   78   O O   . TRP A 1 20  ? 1.920   1.549   14.684  1.00 25.92  ? 20  TRP A O   1 
ATOM   79   C CB  . TRP A 1 20  ? 3.683   -0.692  13.566  1.00 30.16  ? 20  TRP A CB  1 
ATOM   80   C CG  . TRP A 1 20  ? 4.691   -1.302  12.629  1.00 36.81  ? 20  TRP A CG  1 
ATOM   81   C CD1 . TRP A 1 20  ? 6.007   -0.933  12.456  1.00 37.48  ? 20  TRP A CD1 1 
ATOM   82   C CD2 . TRP A 1 20  ? 4.450   -2.370  11.704  1.00 36.20  ? 20  TRP A CD2 1 
ATOM   83   N NE1 . TRP A 1 20  ? 6.590   -1.721  11.485  1.00 37.81  ? 20  TRP A NE1 1 
ATOM   84   C CE2 . TRP A 1 20  ? 5.656   -2.613  11.014  1.00 35.00  ? 20  TRP A CE2 1 
ATOM   85   C CE3 . TRP A 1 20  ? 3.332   -3.151  11.401  1.00 35.70  ? 20  TRP A CE3 1 
ATOM   86   C CZ2 . TRP A 1 20  ? 5.765   -3.604  10.033  1.00 33.44  ? 20  TRP A CZ2 1 
ATOM   87   C CZ3 . TRP A 1 20  ? 3.450   -4.135  10.430  1.00 36.20  ? 20  TRP A CZ3 1 
ATOM   88   C CH2 . TRP A 1 20  ? 4.654   -4.350  9.759   1.00 32.38  ? 20  TRP A CH2 1 
ATOM   89   N N   . VAL A 1 21  ? 0.422   0.399   13.450  1.00 24.28  ? 21  VAL A N   1 
ATOM   90   C CA  . VAL A 1 21  ? -0.714  0.859   14.229  1.00 23.93  ? 21  VAL A CA  1 
ATOM   91   C C   . VAL A 1 21  ? -1.635  -0.290  14.566  1.00 26.10  ? 21  VAL A C   1 
ATOM   92   O O   . VAL A 1 21  ? -1.636  -1.338  13.899  1.00 24.82  ? 21  VAL A O   1 
ATOM   93   C CB  . VAL A 1 21  ? -1.543  1.931   13.486  1.00 24.50  ? 21  VAL A CB  1 
ATOM   94   C CG1 . VAL A 1 21  ? -0.732  3.200   13.271  1.00 27.13  ? 21  VAL A CG1 1 
ATOM   95   C CG2 . VAL A 1 21  ? -2.041  1.397   12.162  1.00 24.29  ? 21  VAL A CG2 1 
ATOM   96   N N   . THR A 1 22  ? -2.417  -0.073  15.615  1.00 24.49  ? 22  THR A N   1 
ATOM   97   C CA  . THR A 1 22  ? -3.501  -0.962  15.963  1.00 22.81  ? 22  THR A CA  1 
ATOM   98   C C   . THR A 1 22  ? -4.807  -0.246  15.654  1.00 24.84  ? 22  THR A C   1 
ATOM   99   O O   . THR A 1 22  ? -4.885  0.988   15.679  1.00 25.02  ? 22  THR A O   1 
ATOM   100  C CB  . THR A 1 22  ? -3.479  -1.273  17.443  1.00 26.76  ? 22  THR A CB  1 
ATOM   101  O OG1 . THR A 1 22  ? -3.679  -0.053  18.175  1.00 28.48  ? 22  THR A OG1 1 
ATOM   102  C CG2 . THR A 1 22  ? -2.141  -1.882  17.817  1.00 27.23  ? 22  THR A CG2 1 
ATOM   103  N N   . LYS A 1 23  ? -5.839  -1.023  15.368  1.00 26.32  ? 23  LYS A N   1 
ATOM   104  C CA  . LYS A 1 23  ? -7.146  -0.456  15.160  1.00 23.55  ? 23  LYS A CA  1 
ATOM   105  C C   . LYS A 1 23  ? -8.142  -1.180  16.047  1.00 25.85  ? 23  LYS A C   1 
ATOM   106  O O   . LYS A 1 23  ? -7.960  -2.368  16.370  1.00 26.55  ? 23  LYS A O   1 
ATOM   107  C CB  . LYS A 1 23  ? -7.525  -0.571  13.690  1.00 22.33  ? 23  LYS A CB  1 
ATOM   108  C CG  . LYS A 1 23  ? -6.487  0.056   12.774  1.00 24.37  ? 23  LYS A CG  1 
ATOM   109  C CD  . LYS A 1 23  ? -7.061  0.428   11.408  1.00 26.97  ? 23  LYS A CD  1 
ATOM   110  C CE  . LYS A 1 23  ? -7.184  1.935   11.262  1.00 32.35  ? 23  LYS A CE  1 
ATOM   111  N NZ  . LYS A 1 23  ? -5.944  2.631   11.742  1.00 36.45  ? 23  LYS A NZ  1 
ATOM   112  N N   . THR A 1 24  ? -9.178  -0.448  16.460  1.00 23.54  ? 24  THR A N   1 
ATOM   113  C CA  . THR A 1 24  ? -10.268 -1.018  17.245  1.00 21.90  ? 24  THR A CA  1 
ATOM   114  C C   . THR A 1 24  ? -11.434 -1.271  16.319  1.00 24.43  ? 24  THR A C   1 
ATOM   115  O O   . THR A 1 24  ? -12.184 -2.245  16.464  1.00 26.33  ? 24  THR A O   1 
ATOM   116  C CB  . THR A 1 24  ? -10.738 -0.037  18.290  1.00 23.14  ? 24  THR A CB  1 
ATOM   117  O OG1 . THR A 1 24  ? -11.082 1.195   17.646  1.00 30.13  ? 24  THR A OG1 1 
ATOM   118  C CG2 . THR A 1 24  ? -9.641  0.213   19.304  1.00 24.03  ? 24  THR A CG2 1 
ATOM   119  N N   . THR A 1 25  ? -11.588 -0.362  15.367  1.00 22.48  ? 25  THR A N   1 
ATOM   120  C CA  . THR A 1 25  ? -12.608 -0.498  14.362  1.00 19.76  ? 25  THR A CA  1 
ATOM   121  C C   . THR A 1 25  ? -11.974 -0.263  12.997  1.00 18.32  ? 25  THR A C   1 
ATOM   122  O O   . THR A 1 25  ? -11.012 0.496   12.879  1.00 15.86  ? 25  THR A O   1 
ATOM   123  C CB  . THR A 1 25  ? -13.700 0.549   14.578  1.00 22.77  ? 25  THR A CB  1 
ATOM   124  O OG1 . THR A 1 25  ? -14.539 0.602   13.420  1.00 27.06  ? 25  THR A OG1 1 
ATOM   125  C CG2 . THR A 1 25  ? -13.072 1.937   14.773  1.00 21.91  ? 25  THR A CG2 1 
ATOM   126  N N   . ALA A 1 26  ? -12.526 -0.908  11.973  1.00 19.09  ? 26  ALA A N   1 
ATOM   127  C CA  . ALA A 1 26  ? -12.122 -0.671  10.594  1.00 20.05  ? 26  ALA A CA  1 
ATOM   128  C C   . ALA A 1 26  ? -13.263 -0.909  9.609   1.00 21.40  ? 26  ALA A C   1 
ATOM   129  O O   . ALA A 1 26  ? -14.385 -1.268  10.003  1.00 18.77  ? 26  ALA A O   1 
ATOM   130  C CB  . ALA A 1 26  ? -10.960 -1.536  10.240  1.00 20.89  ? 26  ALA A CB  1 
ATOM   131  N N   . THR A 1 27  ? -12.972 -0.713  8.326   1.00 21.36  ? 27  THR A N   1 
ATOM   132  C CA  . THR A 1 27  ? -13.954 -0.987  7.284   1.00 21.81  ? 27  THR A CA  1 
ATOM   133  C C   . THR A 1 27  ? -13.439 -2.096  6.385   1.00 21.35  ? 27  THR A C   1 
ATOM   134  O O   . THR A 1 27  ? -12.324 -1.987  5.858   1.00 24.98  ? 27  THR A O   1 
ATOM   135  C CB  . THR A 1 27  ? -14.206 0.267   6.442   1.00 24.93  ? 27  THR A CB  1 
ATOM   136  O OG1 . THR A 1 27  ? -14.849 1.269   7.254   1.00 25.81  ? 27  THR A OG1 1 
ATOM   137  C CG2 . THR A 1 27  ? -15.083 -0.065  5.238   1.00 24.65  ? 27  THR A CG2 1 
ATOM   138  N N   . ASP A 1 28  ? -14.221 -3.165  6.207   1.00 20.28  ? 28  ASP A N   1 
ATOM   139  C CA  . ASP A 1 28  ? -13.751 -4.276  5.358   1.00 24.69  ? 28  ASP A CA  1 
ATOM   140  C C   . ASP A 1 28  ? -13.829 -4.012  3.852   1.00 23.21  ? 28  ASP A C   1 
ATOM   141  O O   . ASP A 1 28  ? -14.328 -2.978  3.412   1.00 21.41  ? 28  ASP A O   1 
ATOM   142  C CB  . ASP A 1 28  ? -14.423 -5.605  5.705   1.00 24.78  ? 28  ASP A CB  1 
ATOM   143  C CG  . ASP A 1 28  ? -15.870 -5.669  5.277   1.00 27.01  ? 28  ASP A CG  1 
ATOM   144  O OD1 . ASP A 1 28  ? -16.328 -4.839  4.462   1.00 29.91  ? 28  ASP A OD1 1 
ATOM   145  O OD2 . ASP A 1 28  ? -16.563 -6.586  5.760   1.00 28.81  ? 28  ASP A OD2 1 
ATOM   146  N N   . ILE A 1 29  ? -13.344 -4.963  3.070   1.00 25.51  ? 29  ILE A N   1 
ATOM   147  C CA  . ILE A 1 29  ? -13.288 -4.816  1.619   1.00 29.94  ? 29  ILE A CA  1 
ATOM   148  C C   . ILE A 1 29  ? -14.656 -4.462  0.999   1.00 33.22  ? 29  ILE A C   1 
ATOM   149  O O   . ILE A 1 29  ? -14.726 -3.713  0.013   1.00 33.20  ? 29  ILE A O   1 
ATOM   150  C CB  . ILE A 1 29  ? -12.669 -6.087  0.969   1.00 30.29  ? 29  ILE A CB  1 
ATOM   151  C CG1 . ILE A 1 29  ? -12.481 -5.919  -0.535  1.00 28.88  ? 29  ILE A CG1 1 
ATOM   152  C CG2 . ILE A 1 29  ? -13.488 -7.334  1.277   1.00 33.27  ? 29  ILE A CG2 1 
ATOM   153  C CD1 . ILE A 1 29  ? -11.101 -5.485  -0.885  1.00 34.01  ? 29  ILE A CD1 1 
ATOM   154  N N   . LYS A 1 30  ? -15.738 -4.966  1.593   1.00 32.90  ? 30  LYS A N   1 
ATOM   155  C CA  . LYS A 1 30  ? -17.068 -4.803  0.999   1.00 31.64  ? 30  LYS A CA  1 
ATOM   156  C C   . LYS A 1 30  ? -17.817 -3.585  1.526   1.00 28.66  ? 30  LYS A C   1 
ATOM   157  O O   . LYS A 1 30  ? -18.845 -3.188  0.972   1.00 36.26  ? 30  LYS A O   1 
ATOM   158  C CB  . LYS A 1 30  ? -17.905 -6.084  1.142   1.00 35.53  ? 30  LYS A CB  1 
ATOM   159  C CG  . LYS A 1 30  ? -17.718 -6.826  2.476   1.00 36.74  ? 30  LYS A CG  1 
ATOM   160  C CD  . LYS A 1 30  ? -16.755 -8.030  2.357   1.00 46.24  ? 30  LYS A CD  1 
ATOM   161  C CE  . LYS A 1 30  ? -16.561 -8.783  3.694   1.00 39.99  ? 30  LYS A CE  1 
ATOM   162  N NZ  . LYS A 1 30  ? -15.158 -9.272  3.892   1.00 34.81  ? 30  LYS A NZ  1 
ATOM   163  N N   . GLY A 1 31  ? -17.287 -2.977  2.581   1.00 25.81  ? 31  GLY A N   1 
ATOM   164  C CA  . GLY A 1 31  ? -17.875 -1.759  3.103   1.00 24.00  ? 31  GLY A CA  1 
ATOM   165  C C   . GLY A 1 31  ? -18.345 -1.791  4.556   1.00 22.82  ? 31  GLY A C   1 
ATOM   166  O O   . GLY A 1 31  ? -18.610 -0.726  5.123   1.00 24.81  ? 31  GLY A O   1 
ATOM   167  N N   . ASN A 1 32  ? -18.468 -2.968  5.169   1.00 20.02  ? 32  ASN A N   1 
ATOM   168  C CA  . ASN A 1 32  ? -19.059 -3.021  6.509   1.00 19.44  ? 32  ASN A CA  1 
ATOM   169  C C   . ASN A 1 32  ? -18.095 -2.483  7.554   1.00 20.06  ? 32  ASN A C   1 
ATOM   170  O O   . ASN A 1 32  ? -16.913 -2.843  7.558   1.00 21.67  ? 32  ASN A O   1 
ATOM   171  C CB  . ASN A 1 32  ? -19.441 -4.452  6.909   1.00 24.69  ? 32  ASN A CB  1 
ATOM   172  C CG  . ASN A 1 32  ? -19.864 -5.312  5.725   1.00 25.51  ? 32  ASN A CG  1 
ATOM   173  O OD1 . ASN A 1 32  ? -20.963 -5.146  5.156   1.00 22.41  ? 32  ASN A OD1 1 
ATOM   174  N ND2 . ASN A 1 32  ? -18.996 -6.257  5.359   1.00 25.38  ? 32  ASN A ND2 1 
ATOM   175  N N   . THR A 1 33  ? -18.563 -1.621  8.446   1.00 18.49  ? 33  THR A N   1 
ATOM   176  C CA  . THR A 1 33  ? -17.663 -1.235  9.522   1.00 23.14  ? 33  THR A CA  1 
ATOM   177  C C   . THR A 1 33  ? -17.666 -2.407  10.473  1.00 23.70  ? 33  THR A C   1 
ATOM   178  O O   . THR A 1 33  ? -18.703 -3.045  10.683  1.00 21.62  ? 33  THR A O   1 
ATOM   179  C CB  . THR A 1 33  ? -18.049 0.060   10.259  1.00 23.77  ? 33  THR A CB  1 
ATOM   180  O OG1 . THR A 1 33  ? -19.348 -0.086  10.826  1.00 23.25  ? 33  THR A OG1 1 
ATOM   181  C CG2 . THR A 1 33  ? -18.028 1.262   9.314   1.00 22.66  ? 33  THR A CG2 1 
ATOM   182  N N   . VAL A 1 34  ? -16.505 -2.702  11.037  1.00 23.78  ? 34  VAL A N   1 
ATOM   183  C CA  . VAL A 1 34  ? -16.367 -3.916  11.800  1.00 19.55  ? 34  VAL A CA  1 
ATOM   184  C C   . VAL A 1 34  ? -15.368 -3.687  12.936  1.00 21.54  ? 34  VAL A C   1 
ATOM   185  O O   . VAL A 1 34  ? -14.441 -2.899  12.781  1.00 22.07  ? 34  VAL A O   1 
ATOM   186  C CB  . VAL A 1 34  ? -15.965 -5.047  10.848  1.00 22.36  ? 34  VAL A CB  1 
ATOM   187  C CG1 . VAL A 1 34  ? -14.500 -4.929  10.448  1.00 22.21  ? 34  VAL A CG1 1 
ATOM   188  C CG2 . VAL A 1 34  ? -16.239 -6.370  11.471  1.00 26.94  ? 34  VAL A CG2 1 
ATOM   189  N N   . THR A 1 35  ? -15.591 -4.318  14.095  1.00 22.27  ? 35  THR A N   1 
ATOM   190  C CA  . THR A 1 35  ? -14.630 -4.240  15.200  1.00 20.84  ? 35  THR A CA  1 
ATOM   191  C C   . THR A 1 35  ? -13.417 -5.091  14.849  1.00 22.85  ? 35  THR A C   1 
ATOM   192  O O   . THR A 1 35  ? -13.568 -6.237  14.408  1.00 25.08  ? 35  THR A O   1 
ATOM   193  C CB  . THR A 1 35  ? -15.230 -4.739  16.541  1.00 19.64  ? 35  THR A CB  1 
ATOM   194  O OG1 . THR A 1 35  ? -16.157 -3.776  17.032  1.00 19.27  ? 35  THR A OG1 1 
ATOM   195  C CG2 . THR A 1 35  ? -14.159 -4.902  17.595  1.00 19.22  ? 35  THR A CG2 1 
ATOM   196  N N   . VAL A 1 36  ? -12.218 -4.538  15.020  1.00 21.27  ? 36  VAL A N   1 
ATOM   197  C CA  . VAL A 1 36  ? -10.998 -5.320  14.818  1.00 24.57  ? 36  VAL A CA  1 
ATOM   198  C C   . VAL A 1 36  ? -10.466 -5.805  16.161  1.00 25.16  ? 36  VAL A C   1 
ATOM   199  O O   . VAL A 1 36  ? -10.199 -5.002  17.057  1.00 25.90  ? 36  VAL A O   1 
ATOM   200  C CB  . VAL A 1 36  ? -9.908  -4.512  14.100  1.00 22.78  ? 36  VAL A CB  1 
ATOM   201  C CG1 . VAL A 1 36  ? -8.638  -5.320  13.997  1.00 20.32  ? 36  VAL A CG1 1 
ATOM   202  C CG2 . VAL A 1 36  ? -10.377 -4.123  12.732  1.00 22.77  ? 36  VAL A CG2 1 
ATOM   203  N N   . MET A 1 37  ? -10.300 -7.116  16.298  1.00 25.97  ? 37  MET A N   1 
ATOM   204  C CA  . MET A 1 37  ? -9.897  -7.692  17.574  1.00 28.08  ? 37  MET A CA  1 
ATOM   205  C C   . MET A 1 37  ? -8.559  -7.172  18.038  1.00 27.13  ? 37  MET A C   1 
ATOM   206  O O   . MET A 1 37  ? -7.637  -6.988  17.240  1.00 29.18  ? 37  MET A O   1 
ATOM   207  C CB  . MET A 1 37  ? -9.818  -9.206  17.455  1.00 26.73  ? 37  MET A CB  1 
ATOM   208  C CG  . MET A 1 37  ? -11.039 -9.817  16.796  1.00 29.55  ? 37  MET A CG  1 
ATOM   209  S SD  . MET A 1 37  ? -12.552 -9.470  17.702  1.00 35.65  ? 37  MET A SD  1 
ATOM   210  C CE  . MET A 1 37  ? -11.964 -9.756  19.380  1.00 36.35  ? 37  MET A CE  1 
ATOM   211  N N   . GLU A 1 38  ? -8.440  -6.924  19.330  1.00 23.55  ? 38  GLU A N   1 
ATOM   212  C CA  . GLU A 1 38  ? -7.138  -6.564  19.865  1.00 27.93  ? 38  GLU A CA  1 
ATOM   213  C C   . GLU A 1 38  ? -6.161  -7.699  19.619  1.00 31.59  ? 38  GLU A C   1 
ATOM   214  O O   . GLU A 1 38  ? -5.040  -7.469  19.167  1.00 36.33  ? 38  GLU A O   1 
ATOM   215  C CB  . GLU A 1 38  ? -7.223  -6.315  21.365  1.00 28.38  ? 38  GLU A CB  1 
ATOM   216  C CG  . GLU A 1 38  ? -5.873  -6.159  22.024  1.00 30.55  ? 38  GLU A CG  1 
ATOM   217  C CD  . GLU A 1 38  ? -5.997  -6.080  23.526  1.00 32.37  ? 38  GLU A CD  1 
ATOM   218  O OE1 . GLU A 1 38  ? -6.805  -6.865  24.067  1.00 32.74  ? 38  GLU A OE1 1 
ATOM   219  O OE2 . GLU A 1 38  ? -5.303  -5.240  24.150  1.00 31.51  ? 38  GLU A OE2 1 
ATOM   220  N N   . ASN A 1 39  ? -6.587  -8.924  19.921  1.00 30.50  ? 39  ASN A N   1 
ATOM   221  C CA  . ASN A 1 39  ? -5.683  -10.072 19.886  1.00 31.74  ? 39  ASN A CA  1 
ATOM   222  C C   . ASN A 1 39  ? -6.170  -11.170 18.972  1.00 32.14  ? 39  ASN A C   1 
ATOM   223  O O   . ASN A 1 39  ? -7.350  -11.235 18.635  1.00 34.42  ? 39  ASN A O   1 
ATOM   224  C CB  . ASN A 1 39  ? -5.516  -10.680 21.287  1.00 30.69  ? 39  ASN A CB  1 
ATOM   225  C CG  . ASN A 1 39  ? -4.702  -9.812  22.211  1.00 32.33  ? 39  ASN A CG  1 
ATOM   226  O OD1 . ASN A 1 39  ? -3.890  -8.991  21.769  1.00 34.37  ? 39  ASN A OD1 1 
ATOM   227  N ND2 . ASN A 1 39  ? -4.905  -9.995  23.509  1.00 31.28  ? 39  ASN A ND2 1 
ATOM   228  N N   . VAL A 1 40  ? -5.256  -12.061 18.615  1.00 31.14  ? 40  VAL A N   1 
ATOM   229  C CA  . VAL A 1 40  ? -5.590  -13.222 17.805  1.00 32.36  ? 40  VAL A CA  1 
ATOM   230  C C   . VAL A 1 40  ? -4.942  -14.469 18.415  1.00 37.70  ? 40  VAL A C   1 
ATOM   231  O O   . VAL A 1 40  ? -3.952  -14.357 19.148  1.00 39.04  ? 40  VAL A O   1 
ATOM   232  C CB  . VAL A 1 40  ? -5.130  -13.024 16.359  1.00 32.01  ? 40  VAL A CB  1 
ATOM   233  C CG1 . VAL A 1 40  ? -3.632  -13.163 16.273  1.00 35.66  ? 40  VAL A CG1 1 
ATOM   234  C CG2 . VAL A 1 40  ? -5.802  -14.026 15.438  1.00 36.13  ? 40  VAL A CG2 1 
ATOM   235  N N   . ASN A 1 41  ? -5.506  -15.647 18.151  1.00 39.04  ? 41  ASN A N   1 
ATOM   236  C CA  . ASN A 1 41  ? -5.040  -16.861 18.816  1.00 46.58  ? 41  ASN A CA  1 
ATOM   237  C C   . ASN A 1 41  ? -4.607  -17.914 17.825  1.00 50.85  ? 41  ASN A C   1 
ATOM   238  O O   . ASN A 1 41  ? -5.439  -18.642 17.283  1.00 50.98  ? 41  ASN A O   1 
ATOM   239  C CB  . ASN A 1 41  ? -6.116  -17.446 19.746  1.00 46.55  ? 41  ASN A CB  1 
ATOM   240  C CG  . ASN A 1 41  ? -6.437  -16.534 20.923  1.00 51.62  ? 41  ASN A CG  1 
ATOM   241  O OD1 . ASN A 1 41  ? -5.544  -15.924 21.515  1.00 50.45  ? 41  ASN A OD1 1 
ATOM   242  N ND2 . ASN A 1 41  ? -7.722  -16.427 21.258  1.00 47.03  ? 41  ASN A ND2 1 
ATOM   243  N N   . LEU A 1 42  ? -3.304  -17.997 17.589  1.00 53.59  ? 42  LEU A N   1 
ATOM   244  C CA  . LEU A 1 42  ? -2.779  -18.973 16.645  1.00 54.46  ? 42  LEU A CA  1 
ATOM   245  C C   . LEU A 1 42  ? -1.736  -19.853 17.309  1.00 57.28  ? 42  LEU A C   1 
ATOM   246  O O   . LEU A 1 42  ? -0.911  -19.363 18.096  1.00 57.26  ? 42  LEU A O   1 
ATOM   247  C CB  . LEU A 1 42  ? -2.210  -18.284 15.395  1.00 46.03  ? 42  LEU A CB  1 
ATOM   248  C CG  . LEU A 1 42  ? -3.282  -17.815 14.415  1.00 42.66  ? 42  LEU A CG  1 
ATOM   249  C CD1 . LEU A 1 42  ? -2.693  -17.088 13.215  1.00 42.43  ? 42  LEU A CD1 1 
ATOM   250  C CD2 . LEU A 1 42  ? -4.119  -18.988 13.964  1.00 47.74  ? 42  LEU A CD2 1 
ATOM   251  N N   . ASP A 1 43  ? -1.800  -21.150 17.005  1.00 60.27  ? 43  ASP A N   1 
ATOM   252  C CA  . ASP A 1 43  ? -0.847  -22.129 17.523  1.00 63.18  ? 43  ASP A CA  1 
ATOM   253  C C   . ASP A 1 43  ? -0.734  -22.024 19.042  1.00 63.85  ? 43  ASP A C   1 
ATOM   254  O O   . ASP A 1 43  ? 0.359   -21.892 19.588  1.00 56.84  ? 43  ASP A O   1 
ATOM   255  C CB  . ASP A 1 43  ? 0.514   -21.954 16.839  1.00 62.09  ? 43  ASP A CB  1 
ATOM   256  C CG  . ASP A 1 43  ? 0.403   -21.970 15.324  1.00 62.65  ? 43  ASP A CG  1 
ATOM   257  O OD1 . ASP A 1 43  ? -0.278  -22.880 14.798  1.00 61.20  ? 43  ASP A OD1 1 
ATOM   258  O OD2 . ASP A 1 43  ? 0.979   -21.068 14.668  1.00 52.96  ? 43  ASP A OD2 1 
ATOM   259  N N   . ASN A 1 44  ? -1.891  -22.033 19.700  1.00 66.82  ? 44  ASN A N   1 
ATOM   260  C CA  . ASN A 1 44  ? -1.982  -22.049 21.156  1.00 64.21  ? 44  ASN A CA  1 
ATOM   261  C C   . ASN A 1 44  ? -1.265  -20.899 21.868  1.00 62.32  ? 44  ASN A C   1 
ATOM   262  O O   . ASN A 1 44  ? -0.977  -20.987 23.065  1.00 65.25  ? 44  ASN A O   1 
ATOM   263  C CB  . ASN A 1 44  ? -1.525  -23.410 21.690  1.00 65.28  ? 44  ASN A CB  1 
ATOM   264  C CG  . ASN A 1 44  ? -2.214  -24.566 20.984  1.00 70.36  ? 44  ASN A CG  1 
ATOM   265  O OD1 . ASN A 1 44  ? -1.989  -24.801 19.794  1.00 67.24  ? 44  ASN A OD1 1 
ATOM   266  N ND2 . ASN A 1 44  ? -3.065  -25.286 21.710  1.00 70.82  ? 44  ASN A ND2 1 
ATOM   267  N N   . LYS A 1 45  ? -0.979  -19.826 21.132  1.00 55.90  ? 45  LYS A N   1 
ATOM   268  C CA  . LYS A 1 45  ? -0.449  -18.607 21.740  1.00 57.25  ? 45  LYS A CA  1 
ATOM   269  C C   . LYS A 1 45  ? -1.208  -17.377 21.239  1.00 53.72  ? 45  LYS A C   1 
ATOM   270  O O   . LYS A 1 45  ? -1.755  -17.400 20.131  1.00 54.45  ? 45  LYS A O   1 
ATOM   271  C CB  . LYS A 1 45  ? 1.055   -18.468 21.476  1.00 57.58  ? 45  LYS A CB  1 
ATOM   272  C CG  . LYS A 1 45  ? 1.725   -17.366 22.304  1.00 61.26  ? 45  LYS A CG  1 
ATOM   273  C CD  . LYS A 1 45  ? 1.195   -17.351 23.743  1.00 57.07  ? 45  LYS A CD  1 
ATOM   274  C CE  . LYS A 1 45  ? 1.358   -15.978 24.384  1.00 53.11  ? 45  LYS A CE  1 
ATOM   275  N NZ  . LYS A 1 45  ? 0.562   -15.854 25.645  1.00 52.89  ? 45  LYS A NZ  1 
ATOM   276  N N   . VAL A 1 46  ? -1.254  -16.320 22.058  1.00 46.41  ? 46  VAL A N   1 
ATOM   277  C CA  . VAL A 1 46  ? -1.946  -15.072 21.690  1.00 47.13  ? 46  VAL A CA  1 
ATOM   278  C C   . VAL A 1 46  ? -1.007  -14.008 21.093  1.00 44.72  ? 46  VAL A C   1 
ATOM   279  O O   . VAL A 1 46  ? 0.115   -13.809 21.568  1.00 42.91  ? 46  VAL A O   1 
ATOM   280  C CB  . VAL A 1 46  ? -2.740  -14.464 22.882  1.00 38.83  ? 46  VAL A CB  1 
ATOM   281  C CG1 . VAL A 1 46  ? -1.801  -13.936 23.954  1.00 43.05  ? 46  VAL A CG1 1 
ATOM   282  C CG2 . VAL A 1 46  ? -3.632  -13.343 22.411  1.00 35.39  ? 46  VAL A CG2 1 
ATOM   283  N N   . TYR A 1 47  ? -1.470  -13.341 20.038  1.00 38.92  ? 47  TYR A N   1 
ATOM   284  C CA  . TYR A 1 47  ? -0.695  -12.281 19.401  1.00 38.34  ? 47  TYR A CA  1 
ATOM   285  C C   . TYR A 1 47  ? -1.567  -11.059 19.212  1.00 37.08  ? 47  TYR A C   1 
ATOM   286  O O   . TYR A 1 47  ? -2.770  -11.181 18.950  1.00 37.68  ? 47  TYR A O   1 
ATOM   287  C CB  . TYR A 1 47  ? -0.183  -12.714 18.016  1.00 39.03  ? 47  TYR A CB  1 
ATOM   288  C CG  . TYR A 1 47  ? 0.611   -13.999 17.979  1.00 42.71  ? 47  TYR A CG  1 
ATOM   289  C CD1 . TYR A 1 47  ? 0.066   -15.155 17.431  1.00 47.16  ? 47  TYR A CD1 1 
ATOM   290  C CD2 . TYR A 1 47  ? 1.912   -14.055 18.472  1.00 43.06  ? 47  TYR A CD2 1 
ATOM   291  C CE1 . TYR A 1 47  ? 0.788   -16.337 17.383  1.00 48.38  ? 47  TYR A CE1 1 
ATOM   292  C CE2 . TYR A 1 47  ? 2.645   -15.234 18.425  1.00 46.44  ? 47  TYR A CE2 1 
ATOM   293  C CZ  . TYR A 1 47  ? 2.076   -16.368 17.879  1.00 50.54  ? 47  TYR A CZ  1 
ATOM   294  O OH  . TYR A 1 47  ? 2.792   -17.538 17.835  1.00 57.59  ? 47  TYR A OH  1 
ATOM   295  N N   . LYS A 1 48  ? -0.973  -9.876  19.317  1.00 41.35  ? 48  LYS A N   1 
ATOM   296  C CA  . LYS A 1 48  ? -1.704  -8.662  18.990  1.00 35.85  ? 48  LYS A CA  1 
ATOM   297  C C   . LYS A 1 48  ? -1.795  -8.477  17.493  1.00 33.46  ? 48  LYS A C   1 
ATOM   298  O O   . LYS A 1 48  ? -0.987  -9.013  16.734  1.00 35.23  ? 48  LYS A O   1 
ATOM   299  C CB  . LYS A 1 48  ? -1.040  -7.447  19.597  1.00 37.08  ? 48  LYS A CB  1 
ATOM   300  C CG  . LYS A 1 48  ? -1.264  -7.329  21.067  1.00 41.37  ? 48  LYS A CG  1 
ATOM   301  C CD  . LYS A 1 48  ? -1.326  -5.873  21.440  1.00 46.38  ? 48  LYS A CD  1 
ATOM   302  C CE  . LYS A 1 48  ? -1.721  -5.725  22.886  1.00 49.78  ? 48  LYS A CE  1 
ATOM   303  N NZ  . LYS A 1 48  ? -1.979  -4.297  23.170  1.00 51.66  ? 48  LYS A NZ  1 
ATOM   304  N N   . GLU A 1 49  ? -2.793  -7.716  17.074  1.00 32.69  ? 49  GLU A N   1 
ATOM   305  C CA  . GLU A 1 49  ? -2.969  -7.404  15.678  1.00 27.52  ? 49  GLU A CA  1 
ATOM   306  C C   . GLU A 1 49  ? -2.346  -6.039  15.408  1.00 27.30  ? 49  GLU A C   1 
ATOM   307  O O   . GLU A 1 49  ? -2.782  -5.034  15.965  1.00 33.30  ? 49  GLU A O   1 
ATOM   308  C CB  . GLU A 1 49  ? -4.466  -7.417  15.327  1.00 28.33  ? 49  GLU A CB  1 
ATOM   309  C CG  . GLU A 1 49  ? -5.112  -8.799  15.456  1.00 25.99  ? 49  GLU A CG  1 
ATOM   310  C CD  . GLU A 1 49  ? -6.205  -9.065  14.425  1.00 25.99  ? 49  GLU A CD  1 
ATOM   311  O OE1 . GLU A 1 49  ? -7.295  -8.460  14.515  1.00 29.25  ? 49  GLU A OE1 1 
ATOM   312  O OE2 . GLU A 1 49  ? -5.986  -9.897  13.517  1.00 28.12  ? 49  GLU A OE2 1 
ATOM   313  N N   . TYR A 1 50  ? -1.313  -6.007  14.574  1.00 28.21  ? 50  TYR A N   1 
ATOM   314  C CA  . TYR A 1 50  ? -0.710  -4.747  14.145  1.00 26.19  ? 50  TYR A CA  1 
ATOM   315  C C   . TYR A 1 50  ? -0.913  -4.609  12.655  1.00 24.90  ? 50  TYR A C   1 
ATOM   316  O O   . TYR A 1 50  ? -1.121  -5.613  11.953  1.00 24.41  ? 50  TYR A O   1 
ATOM   317  C CB  . TYR A 1 50  ? 0.790   -4.755  14.412  1.00 29.91  ? 50  TYR A CB  1 
ATOM   318  C CG  . TYR A 1 50  ? 1.124   -4.737  15.865  1.00 37.84  ? 50  TYR A CG  1 
ATOM   319  C CD1 . TYR A 1 50  ? 1.314   -3.530  16.537  1.00 42.03  ? 50  TYR A CD1 1 
ATOM   320  C CD2 . TYR A 1 50  ? 1.253   -5.923  16.582  1.00 40.14  ? 50  TYR A CD2 1 
ATOM   321  C CE1 . TYR A 1 50  ? 1.626   -3.498  17.895  1.00 45.28  ? 50  TYR A CE1 1 
ATOM   322  C CE2 . TYR A 1 50  ? 1.563   -5.904  17.941  1.00 46.56  ? 50  TYR A CE2 1 
ATOM   323  C CZ  . TYR A 1 50  ? 1.745   -4.690  18.589  1.00 48.05  ? 50  TYR A CZ  1 
ATOM   324  O OH  . TYR A 1 50  ? 2.045   -4.682  19.927  1.00 51.33  ? 50  TYR A OH  1 
ATOM   325  N N   . PHE A 1 51  ? -0.812  -3.375  12.162  1.00 25.93  ? 51  PHE A N   1 
ATOM   326  C CA  . PHE A 1 51  ? -0.926  -3.128  10.732  1.00 26.46  ? 51  PHE A CA  1 
ATOM   327  C C   . PHE A 1 51  ? 0.080   -2.092  10.304  1.00 26.05  ? 51  PHE A C   1 
ATOM   328  O O   . PHE A 1 51  ? 0.297   -1.116  11.013  1.00 25.61  ? 51  PHE A O   1 
ATOM   329  C CB  . PHE A 1 51  ? -2.344  -2.658  10.407  1.00 24.07  ? 51  PHE A CB  1 
ATOM   330  C CG  . PHE A 1 51  ? -3.388  -3.643  10.813  1.00 24.55  ? 51  PHE A CG  1 
ATOM   331  C CD1 . PHE A 1 51  ? -3.774  -4.655  9.949   1.00 22.99  ? 51  PHE A CD1 1 
ATOM   332  C CD2 . PHE A 1 51  ? -3.944  -3.601  12.087  1.00 25.27  ? 51  PHE A CD2 1 
ATOM   333  C CE1 . PHE A 1 51  ? -4.725  -5.590  10.332  1.00 21.55  ? 51  PHE A CE1 1 
ATOM   334  C CE2 . PHE A 1 51  ? -4.889  -4.536  12.470  1.00 22.67  ? 51  PHE A CE2 1 
ATOM   335  C CZ  . PHE A 1 51  ? -5.277  -5.526  11.589  1.00 22.91  ? 51  PHE A CZ  1 
ATOM   336  N N   . PHE A 1 52  ? 0.698   -2.302  9.147   1.00 26.71  ? 52  PHE A N   1 
ATOM   337  C CA  . PHE A 1 52  ? 1.632   -1.317  8.632   1.00 30.31  ? 52  PHE A CA  1 
ATOM   338  C C   . PHE A 1 52  ? 0.870   -0.255  7.851   1.00 33.43  ? 52  PHE A C   1 
ATOM   339  O O   . PHE A 1 52  ? 0.509   -0.464  6.674   1.00 32.51  ? 52  PHE A O   1 
ATOM   340  C CB  . PHE A 1 52  ? 2.692   -1.976  7.751   1.00 31.63  ? 52  PHE A CB  1 
ATOM   341  C CG  . PHE A 1 52  ? 3.771   -1.027  7.282   1.00 33.56  ? 52  PHE A CG  1 
ATOM   342  C CD1 . PHE A 1 52  ? 4.696   -0.498  8.183   1.00 32.67  ? 52  PHE A CD1 1 
ATOM   343  C CD2 . PHE A 1 52  ? 3.863   -0.673  5.941   1.00 32.00  ? 52  PHE A CD2 1 
ATOM   344  C CE1 . PHE A 1 52  ? 5.690   0.373   7.755   1.00 28.81  ? 52  PHE A CE1 1 
ATOM   345  C CE2 . PHE A 1 52  ? 4.850   0.201   5.501   1.00 32.43  ? 52  PHE A CE2 1 
ATOM   346  C CZ  . PHE A 1 52  ? 5.769   0.723   6.405   1.00 29.37  ? 52  PHE A CZ  1 
ATOM   347  N N   . GLU A 1 53  ? 0.625   0.880   8.507   1.00 28.92  ? 53  GLU A N   1 
ATOM   348  C CA  . GLU A 1 53  ? -0.144  1.956   7.886   1.00 29.07  ? 53  GLU A CA  1 
ATOM   349  C C   . GLU A 1 53  ? 0.740   3.084   7.367   1.00 29.49  ? 53  GLU A C   1 
ATOM   350  O O   . GLU A 1 53  ? 1.619   3.564   8.078   1.00 27.71  ? 53  GLU A O   1 
ATOM   351  C CB  . GLU A 1 53  ? -1.158  2.526   8.875   1.00 30.09  ? 53  GLU A CB  1 
ATOM   352  C CG  . GLU A 1 53  ? -1.965  3.692   8.319   1.00 34.26  ? 53  GLU A CG  1 
ATOM   353  C CD  . GLU A 1 53  ? -3.158  4.050   9.186   1.00 40.41  ? 53  GLU A CD  1 
ATOM   354  O OE1 . GLU A 1 53  ? -4.310  3.699   8.796   1.00 36.29  ? 53  GLU A OE1 1 
ATOM   355  O OE2 . GLU A 1 53  ? -2.937  4.685   10.247  1.00 42.11  ? 53  GLU A OE2 1 
ATOM   356  N N   . THR A 1 54  ? 0.484   3.513   6.132   1.00 30.07  ? 54  THR A N   1 
ATOM   357  C CA  . THR A 1 54  ? 1.181   4.650   5.528   1.00 30.35  ? 54  THR A CA  1 
ATOM   358  C C   . THR A 1 54  ? 0.166   5.734   5.122   1.00 28.76  ? 54  THR A C   1 
ATOM   359  O O   . THR A 1 54  ? -0.593  5.544   4.165   1.00 27.98  ? 54  THR A O   1 
ATOM   360  C CB  . THR A 1 54  ? 1.951   4.224   4.257   1.00 29.61  ? 54  THR A CB  1 
ATOM   361  O OG1 . THR A 1 54  ? 2.925   3.218   4.568   1.00 29.94  ? 54  THR A OG1 1 
ATOM   362  C CG2 . THR A 1 54  ? 2.628   5.406   3.637   1.00 28.04  ? 54  THR A CG2 1 
ATOM   363  N N   . LYS A 1 55  ? 0.161   6.856   5.842   1.00 27.47  ? 55  LYS A N   1 
ATOM   364  C CA  . LYS A 1 55  ? -0.728  7.993   5.566   1.00 25.82  ? 55  LYS A CA  1 
ATOM   365  C C   . LYS A 1 55  ? 0.008   9.113   4.840   1.00 25.34  ? 55  LYS A C   1 
ATOM   366  O O   . LYS A 1 55  ? 1.241   9.156   4.833   1.00 25.01  ? 55  LYS A O   1 
ATOM   367  C CB  . LYS A 1 55  ? -1.259  8.594   6.879   1.00 26.88  ? 55  LYS A CB  1 
ATOM   368  C CG  . LYS A 1 55  ? -2.384  7.843   7.587   1.00 29.52  ? 55  LYS A CG  1 
ATOM   369  C CD  . LYS A 1 55  ? -2.529  8.372   9.030   1.00 35.85  ? 55  LYS A CD  1 
ATOM   370  C CE  . LYS A 1 55  ? -3.823  7.888   9.728   1.00 46.32  ? 55  LYS A CE  1 
ATOM   371  N NZ  . LYS A 1 55  ? -5.074  8.593   9.291   1.00 36.87  ? 55  LYS A NZ  1 
ATOM   372  N N   . CYS A 1 56  ? -0.750  10.037  4.249   1.00 23.57  ? 56  CYS A N   1 
ATOM   373  C CA  . CYS A 1 56  ? -0.177  11.289  3.768   1.00 25.69  ? 56  CYS A CA  1 
ATOM   374  C C   . CYS A 1 56  ? 0.220   12.147  4.972   1.00 27.69  ? 56  CYS A C   1 
ATOM   375  O O   . CYS A 1 56  ? -0.598  12.385  5.860   1.00 27.50  ? 56  CYS A O   1 
ATOM   376  C CB  . CYS A 1 56  ? -1.198  12.073  2.947   1.00 28.15  ? 56  CYS A CB  1 
ATOM   377  S SG  . CYS A 1 56  ? -1.443  11.527  1.263   1.00 28.93  ? 56  CYS A SG  1 
ATOM   378  N N   . LYS A 1 57  ? 1.466   12.610  4.993   1.00 28.73  ? 57  LYS A N   1 
ATOM   379  C CA  . LYS A 1 57  ? 1.962   13.554  6.004   1.00 27.15  ? 57  LYS A CA  1 
ATOM   380  C C   . LYS A 1 57  ? 1.196   14.880  5.976   1.00 28.12  ? 57  LYS A C   1 
ATOM   381  O O   . LYS A 1 57  ? 1.066   15.557  7.005   1.00 32.32  ? 57  LYS A O   1 
ATOM   382  C CB  . LYS A 1 57  ? 3.451   13.802  5.753   1.00 32.69  ? 57  LYS A CB  1 
ATOM   383  C CG  . LYS A 1 57  ? 4.130   14.777  6.691   1.00 31.57  ? 57  LYS A CG  1 
ATOM   384  C CD  . LYS A 1 57  ? 5.635   14.559  6.624   1.00 35.67  ? 57  LYS A CD  1 
ATOM   385  C CE  . LYS A 1 57  ? 6.361   15.255  7.764   1.00 46.33  ? 57  LYS A CE  1 
ATOM   386  N NZ  . LYS A 1 57  ? 7.448   14.383  8.304   1.00 44.43  ? 57  LYS A NZ  1 
ATOM   387  N N   . ASN A 1 58  ? 0.686   15.226  4.792   1.00 31.09  ? 58  ASN A N   1 
ATOM   388  C CA  . ASN A 1 58  ? -0.125  16.425  4.549   1.00 31.37  ? 58  ASN A CA  1 
ATOM   389  C C   . ASN A 1 58  ? -0.468  16.421  3.066   1.00 30.39  ? 58  ASN A C   1 
ATOM   390  O O   . ASN A 1 58  ? 0.227   15.765  2.282   1.00 29.61  ? 58  ASN A O   1 
ATOM   391  C CB  . ASN A 1 58  ? 0.648   17.695  4.879   1.00 34.47  ? 58  ASN A CB  1 
ATOM   392  C CG  . ASN A 1 58  ? 1.811   17.919  3.939   1.00 32.60  ? 58  ASN A CG  1 
ATOM   393  O OD1 . ASN A 1 58  ? 1.618   18.357  2.800   1.00 35.83  ? 58  ASN A OD1 1 
ATOM   394  N ND2 . ASN A 1 58  ? 3.034   17.626  4.409   1.00 28.97  ? 58  ASN A ND2 1 
ATOM   395  N N   . PRO A 1 59  ? -1.532  17.145  2.676   1.00 28.18  ? 59  PRO A N   1 
ATOM   396  C CA  . PRO A 1 59  ? -2.004  17.049  1.287   1.00 31.62  ? 59  PRO A CA  1 
ATOM   397  C C   . PRO A 1 59  ? -1.370  18.028  0.299   1.00 33.75  ? 59  PRO A C   1 
ATOM   398  O O   . PRO A 1 59  ? -1.787  18.037  -0.868  1.00 30.56  ? 59  PRO A O   1 
ATOM   399  C CB  . PRO A 1 59  ? -3.525  17.298  1.392   1.00 35.20  ? 59  PRO A CB  1 
ATOM   400  C CG  . PRO A 1 59  ? -3.750  17.967  2.681   1.00 34.41  ? 59  PRO A CG  1 
ATOM   401  C CD  . PRO A 1 59  ? -2.554  17.695  3.586   1.00 33.08  ? 59  PRO A CD  1 
ATOM   402  N N   . ASN A 1 60  ? -0.383  18.809  0.735   1.00 33.86  ? 60  ASN A N   1 
ATOM   403  C CA  . ASN A 1 60  ? 0.301   19.728  -0.174  1.00 32.73  ? 60  ASN A CA  1 
ATOM   404  C C   . ASN A 1 60  ? 1.685   20.095  0.326   1.00 32.54  ? 60  ASN A C   1 
ATOM   405  O O   . ASN A 1 60  ? 1.866   21.141  0.951   1.00 37.28  ? 60  ASN A O   1 
ATOM   406  C CB  . ASN A 1 60  ? -0.529  20.995  -0.359  1.00 31.73  ? 60  ASN A CB  1 
ATOM   407  C CG  . ASN A 1 60  ? -1.318  21.343  0.877   1.00 37.35  ? 60  ASN A CG  1 
ATOM   408  O OD1 . ASN A 1 60  ? -2.551  21.247  0.898   1.00 40.11  ? 60  ASN A OD1 1 
ATOM   409  N ND2 . ASN A 1 60  ? -0.610  21.721  1.935   1.00 37.73  ? 60  ASN A ND2 1 
ATOM   410  N N   . PRO A 1 61  ? 2.670   19.232  0.048   1.00 31.51  ? 61  PRO A N   1 
ATOM   411  C CA  . PRO A 1 61  ? 4.048   19.446  0.502   1.00 33.82  ? 61  PRO A CA  1 
ATOM   412  C C   . PRO A 1 61  ? 4.540   20.802  0.020   1.00 38.64  ? 61  PRO A C   1 
ATOM   413  O O   . PRO A 1 61  ? 5.182   21.527  0.790   1.00 37.97  ? 61  PRO A O   1 
ATOM   414  C CB  . PRO A 1 61  ? 4.831   18.309  -0.174  1.00 31.17  ? 61  PRO A CB  1 
ATOM   415  C CG  . PRO A 1 61  ? 3.926   17.763  -1.256  1.00 30.03  ? 61  PRO A CG  1 
ATOM   416  C CD  . PRO A 1 61  ? 2.530   18.016  -0.777  1.00 32.90  ? 61  PRO A CD  1 
ATOM   417  N N   . GLU A 1 62  ? 4.210   21.118  -1.235  1.00 38.43  ? 62  GLU A N   1 
ATOM   418  C CA  . GLU A 1 62  ? 4.421   22.434  -1.832  1.00 39.71  ? 62  GLU A CA  1 
ATOM   419  C C   . GLU A 1 62  ? 3.134   23.236  -1.741  1.00 40.24  ? 62  GLU A C   1 
ATOM   420  O O   . GLU A 1 62  ? 2.044   22.663  -1.806  1.00 40.74  ? 62  GLU A O   1 
ATOM   421  C CB  . GLU A 1 62  ? 4.804   22.276  -3.306  1.00 40.40  ? 62  GLU A CB  1 
ATOM   422  C CG  . GLU A 1 62  ? 6.140   22.882  -3.678  1.00 43.92  ? 62  GLU A CG  1 
ATOM   423  C CD  . GLU A 1 62  ? 7.287   22.336  -2.842  1.00 55.75  ? 62  GLU A CD  1 
ATOM   424  O OE1 . GLU A 1 62  ? 8.045   21.480  -3.350  1.00 58.41  ? 62  GLU A OE1 1 
ATOM   425  O OE2 . GLU A 1 62  ? 7.444   22.762  -1.678  1.00 53.34  ? 62  GLU A OE2 1 
ATOM   426  N N   . PRO A 1 63  ? 3.247   24.568  -1.623  1.00 42.13  ? 63  PRO A N   1 
ATOM   427  C CA  . PRO A 1 63  ? 2.051   25.411  -1.508  1.00 42.24  ? 63  PRO A CA  1 
ATOM   428  C C   . PRO A 1 63  ? 1.107   25.279  -2.701  1.00 43.46  ? 63  PRO A C   1 
ATOM   429  O O   . PRO A 1 63  ? -0.037  25.730  -2.620  1.00 47.82  ? 63  PRO A O   1 
ATOM   430  C CB  . PRO A 1 63  ? 2.629   26.832  -1.458  1.00 38.01  ? 63  PRO A CB  1 
ATOM   431  C CG  . PRO A 1 63  ? 4.006   26.715  -2.075  1.00 39.99  ? 63  PRO A CG  1 
ATOM   432  C CD  . PRO A 1 63  ? 4.484   25.365  -1.634  1.00 40.28  ? 63  PRO A CD  1 
ATOM   433  N N   . SER A 1 64  ? 1.579   24.678  -3.790  1.00 40.33  ? 64  SER A N   1 
ATOM   434  C CA  . SER A 1 64  ? 0.754   24.502  -4.983  1.00 38.47  ? 64  SER A CA  1 
ATOM   435  C C   . SER A 1 64  ? 0.365   23.033  -5.229  1.00 41.49  ? 64  SER A C   1 
ATOM   436  O O   . SER A 1 64  ? -0.033  22.655  -6.348  1.00 41.71  ? 64  SER A O   1 
ATOM   437  C CB  . SER A 1 64  ? 1.485   25.053  -6.200  1.00 39.77  ? 64  SER A CB  1 
ATOM   438  O OG  . SER A 1 64  ? 2.778   24.476  -6.312  1.00 49.03  ? 64  SER A OG  1 
ATOM   439  N N   . GLY A 1 65  ? 0.488   22.207  -4.192  1.00 34.88  ? 65  GLY A N   1 
ATOM   440  C CA  . GLY A 1 65  ? 0.026   20.836  -4.272  1.00 31.49  ? 65  GLY A CA  1 
ATOM   441  C C   . GLY A 1 65  ? 1.166   19.850  -4.199  1.00 34.93  ? 65  GLY A C   1 
ATOM   442  O O   . GLY A 1 65  ? 2.057   19.968  -3.338  1.00 34.82  ? 65  GLY A O   1 
ATOM   443  N N   . CYS A 1 66  ? 1.137   18.863  -5.096  1.00 35.96  ? 66  CYS A N   1 
ATOM   444  C CA  . CYS A 1 66  ? 2.182   17.858  -5.131  1.00 30.85  ? 66  CYS A CA  1 
ATOM   445  C C   . CYS A 1 66  ? 3.481   18.530  -5.547  1.00 31.47  ? 66  CYS A C   1 
ATOM   446  O O   . CYS A 1 66  ? 3.473   19.631  -6.106  1.00 32.51  ? 66  CYS A O   1 
ATOM   447  C CB  . CYS A 1 66  ? 1.812   16.745  -6.102  1.00 32.72  ? 66  CYS A CB  1 
ATOM   448  S SG  . CYS A 1 66  ? 0.161   16.052  -5.828  1.00 33.12  ? 66  CYS A SG  1 
ATOM   449  N N   . ARG A 1 67  ? 4.596   17.877  -5.245  1.00 32.57  ? 67  ARG A N   1 
ATOM   450  C CA  . ARG A 1 67  ? 5.913   18.424  -5.551  1.00 36.32  ? 67  ARG A CA  1 
ATOM   451  C C   . ARG A 1 67  ? 6.296   18.149  -7.003  1.00 35.34  ? 67  ARG A C   1 
ATOM   452  O O   . ARG A 1 67  ? 5.881   17.141  -7.576  1.00 34.16  ? 67  ARG A O   1 
ATOM   453  C CB  . ARG A 1 67  ? 6.965   17.817  -4.618  1.00 34.29  ? 67  ARG A CB  1 
ATOM   454  C CG  . ARG A 1 67  ? 8.317   18.496  -4.699  1.00 39.91  ? 67  ARG A CG  1 
ATOM   455  C CD  . ARG A 1 67  ? 9.298   17.862  -3.743  1.00 42.81  ? 67  ARG A CD  1 
ATOM   456  N NE  . ARG A 1 67  ? 8.621   17.043  -2.744  1.00 40.77  ? 67  ARG A NE  1 
ATOM   457  C CZ  . ARG A 1 67  ? 8.360   17.447  -1.506  1.00 43.99  ? 67  ARG A CZ  1 
ATOM   458  N NH1 . ARG A 1 67  ? 8.720   18.660  -1.112  1.00 47.23  ? 67  ARG A NH1 1 
ATOM   459  N NH2 . ARG A 1 67  ? 7.743   16.638  -0.658  1.00 40.91  ? 67  ARG A NH2 1 
ATOM   460  N N   . GLY A 1 68  ? 7.067   19.052  -7.604  1.00 40.54  ? 68  GLY A N   1 
ATOM   461  C CA  . GLY A 1 68  ? 7.535   18.875  -8.976  1.00 41.93  ? 68  GLY A CA  1 
ATOM   462  C C   . GLY A 1 68  ? 6.474   18.854  -10.075 1.00 41.78  ? 68  GLY A C   1 
ATOM   463  O O   . GLY A 1 68  ? 6.777   18.538  -11.230 1.00 44.74  ? 68  GLY A O   1 
ATOM   464  N N   . ILE A 1 69  ? 5.232   19.178  -9.727  1.00 41.61  ? 69  ILE A N   1 
ATOM   465  C CA  . ILE A 1 69  ? 4.150   19.269  -10.711 1.00 41.34  ? 69  ILE A CA  1 
ATOM   466  C C   . ILE A 1 69  ? 4.200   20.619  -11.422 1.00 44.58  ? 69  ILE A C   1 
ATOM   467  O O   . ILE A 1 69  ? 4.507   21.642  -10.806 1.00 46.63  ? 69  ILE A O   1 
ATOM   468  C CB  . ILE A 1 69  ? 2.778   19.106  -10.016 1.00 38.89  ? 69  ILE A CB  1 
ATOM   469  C CG1 . ILE A 1 69  ? 2.548   17.649  -9.627  1.00 39.96  ? 69  ILE A CG1 1 
ATOM   470  C CG2 . ILE A 1 69  ? 1.632   19.555  -10.896 1.00 41.15  ? 69  ILE A CG2 1 
ATOM   471  C CD1 . ILE A 1 69  ? 2.472   16.707  -10.812 1.00 38.51  ? 69  ILE A CD1 1 
ATOM   472  N N   . ASP A 1 70  ? 3.903   20.629  -12.717 1.00 43.93  ? 70  ASP A N   1 
ATOM   473  C CA  . ASP A 1 70  ? 3.739   21.885  -13.446 1.00 44.58  ? 70  ASP A CA  1 
ATOM   474  C C   . ASP A 1 70  ? 2.440   22.574  -13.042 1.00 46.80  ? 70  ASP A C   1 
ATOM   475  O O   . ASP A 1 70  ? 1.373   22.273  -13.599 1.00 49.17  ? 70  ASP A O   1 
ATOM   476  C CB  . ASP A 1 70  ? 3.729   21.623  -14.948 1.00 44.55  ? 70  ASP A CB  1 
ATOM   477  C CG  . ASP A 1 70  ? 3.351   22.850  -15.750 1.00 48.59  ? 70  ASP A CG  1 
ATOM   478  O OD1 . ASP A 1 70  ? 3.556   23.985  -15.259 1.00 46.76  ? 70  ASP A OD1 1 
ATOM   479  O OD2 . ASP A 1 70  ? 2.844   22.674  -16.873 1.00 50.52  ? 70  ASP A OD2 1 
ATOM   480  N N   . SER A 1 71  ? 2.532   23.508  -12.096 1.00 44.14  ? 71  SER A N   1 
ATOM   481  C CA  . SER A 1 71  ? 1.338   24.119  -11.520 1.00 44.52  ? 71  SER A CA  1 
ATOM   482  C C   . SER A 1 71  ? 0.569   24.917  -12.545 1.00 46.13  ? 71  SER A C   1 
ATOM   483  O O   . SER A 1 71  ? -0.662  24.959  -12.505 1.00 51.58  ? 71  SER A O   1 
ATOM   484  C CB  . SER A 1 71  ? 1.683   25.001  -10.322 1.00 44.82  ? 71  SER A CB  1 
ATOM   485  O OG  . SER A 1 71  ? 3.055   25.345  -10.314 1.00 50.45  ? 71  SER A OG  1 
ATOM   486  N N   . SER A 1 72  ? 1.287   25.540  -13.469 1.00 47.03  ? 72  SER A N   1 
ATOM   487  C CA  . SER A 1 72  ? 0.635   26.351  -14.491 1.00 49.28  ? 72  SER A CA  1 
ATOM   488  C C   . SER A 1 72  ? -0.448  25.573  -15.254 1.00 50.96  ? 72  SER A C   1 
ATOM   489  O O   . SER A 1 72  ? -1.465  26.147  -15.641 1.00 53.18  ? 72  SER A O   1 
ATOM   490  C CB  . SER A 1 72  ? 1.668   26.914  -15.458 1.00 44.93  ? 72  SER A CB  1 
ATOM   491  O OG  . SER A 1 72  ? 2.480   25.875  -15.954 1.00 50.92  ? 72  SER A OG  1 
ATOM   492  N N   . HIS A 1 73  ? -0.244  24.268  -15.438 1.00 47.44  ? 73  HIS A N   1 
ATOM   493  C CA  . HIS A 1 73  ? -1.166  23.456  -16.229 1.00 48.57  ? 73  HIS A CA  1 
ATOM   494  C C   . HIS A 1 73  ? -1.997  22.508  -15.372 1.00 51.96  ? 73  HIS A C   1 
ATOM   495  O O   . HIS A 1 73  ? -3.059  22.043  -15.800 1.00 53.83  ? 73  HIS A O   1 
ATOM   496  C CB  . HIS A 1 73  ? -0.410  22.635  -17.287 1.00 50.34  ? 73  HIS A CB  1 
ATOM   497  C CG  . HIS A 1 73  ? 0.333   23.464  -18.292 1.00 52.17  ? 73  HIS A CG  1 
ATOM   498  N ND1 . HIS A 1 73  ? 1.297   24.380  -17.932 1.00 56.61  ? 73  HIS A ND1 1 
ATOM   499  C CD2 . HIS A 1 73  ? 0.269   23.495  -19.643 1.00 49.48  ? 73  HIS A CD2 1 
ATOM   500  C CE1 . HIS A 1 73  ? 1.786   24.955  -19.021 1.00 56.37  ? 73  HIS A CE1 1 
ATOM   501  N NE2 . HIS A 1 73  ? 1.176   24.437  -20.068 1.00 57.92  ? 73  HIS A NE2 1 
ATOM   502  N N   . TRP A 1 74  ? -1.509  22.210  -14.171 1.00 48.76  ? 74  TRP A N   1 
ATOM   503  C CA  . TRP A 1 74  ? -2.151  21.207  -13.324 1.00 47.38  ? 74  TRP A CA  1 
ATOM   504  C C   . TRP A 1 74  ? -2.388  21.664  -11.887 1.00 47.35  ? 74  TRP A C   1 
ATOM   505  O O   . TRP A 1 74  ? -1.458  22.107  -11.193 1.00 45.17  ? 74  TRP A O   1 
ATOM   506  C CB  . TRP A 1 74  ? -1.292  19.939  -13.282 1.00 45.17  ? 74  TRP A CB  1 
ATOM   507  C CG  . TRP A 1 74  ? -1.041  19.327  -14.615 1.00 48.18  ? 74  TRP A CG  1 
ATOM   508  C CD1 . TRP A 1 74  ? 0.070   19.478  -15.398 1.00 49.61  ? 74  TRP A CD1 1 
ATOM   509  C CD2 . TRP A 1 74  ? -1.926  18.455  -15.335 1.00 51.84  ? 74  TRP A CD2 1 
ATOM   510  N NE1 . TRP A 1 74  ? -0.072  18.751  -16.561 1.00 50.23  ? 74  TRP A NE1 1 
ATOM   511  C CE2 . TRP A 1 74  ? -1.289  18.117  -16.545 1.00 51.99  ? 74  TRP A CE2 1 
ATOM   512  C CE3 . TRP A 1 74  ? -3.197  17.930  -15.070 1.00 52.55  ? 74  TRP A CE3 1 
ATOM   513  C CZ2 . TRP A 1 74  ? -1.888  17.274  -17.492 1.00 55.65  ? 74  TRP A CZ2 1 
ATOM   514  C CZ3 . TRP A 1 74  ? -3.788  17.094  -16.011 1.00 49.89  ? 74  TRP A CZ3 1 
ATOM   515  C CH2 . TRP A 1 74  ? -3.135  16.773  -17.201 1.00 51.75  ? 74  TRP A CH2 1 
ATOM   516  N N   . ASN A 1 75  ? -3.622  21.536  -11.418 1.00 45.10  ? 75  ASN A N   1 
ATOM   517  C CA  . ASN A 1 75  ? -3.827  21.605  -9.977  1.00 44.24  ? 75  ASN A CA  1 
ATOM   518  C C   . ASN A 1 75  ? -3.602  20.209  -9.436  1.00 42.85  ? 75  ASN A C   1 
ATOM   519  O O   . ASN A 1 75  ? -3.878  19.228  -10.124 1.00 46.37  ? 75  ASN A O   1 
ATOM   520  C CB  . ASN A 1 75  ? -5.217  22.122  -9.629  1.00 47.56  ? 75  ASN A CB  1 
ATOM   521  C CG  . ASN A 1 75  ? -5.431  23.557  -10.084 1.00 53.06  ? 75  ASN A CG  1 
ATOM   522  O OD1 . ASN A 1 75  ? -6.348  23.837  -10.849 1.00 55.59  ? 75  ASN A OD1 1 
ATOM   523  N ND2 . ASN A 1 75  ? -4.575  24.472  -9.619  1.00 52.27  ? 75  ASN A ND2 1 
ATOM   524  N N   . SER A 1 76  ? -3.069  20.103  -8.231  1.00 37.94  ? 76  SER A N   1 
ATOM   525  C CA  . SER A 1 76  ? -2.796  18.793  -7.673  1.00 34.58  ? 76  SER A CA  1 
ATOM   526  C C   . SER A 1 76  ? -2.957  18.811  -6.163  1.00 38.02  ? 76  SER A C   1 
ATOM   527  O O   . SER A 1 76  ? -2.950  19.877  -5.543  1.00 42.18  ? 76  SER A O   1 
ATOM   528  C CB  . SER A 1 76  ? -1.369  18.365  -8.009  1.00 36.93  ? 76  SER A CB  1 
ATOM   529  O OG  . SER A 1 76  ? -0.414  19.131  -7.292  1.00 36.93  ? 76  SER A OG  1 
ATOM   530  N N   . TYR A 1 77  ? -3.105  17.624  -5.580  1.00 35.99  ? 77  TYR A N   1 
ATOM   531  C CA  . TYR A 1 77  ? -2.978  17.447  -4.135  1.00 33.90  ? 77  TYR A CA  1 
ATOM   532  C C   . TYR A 1 77  ? -2.568  16.017  -3.855  1.00 36.76  ? 77  TYR A C   1 
ATOM   533  O O   . TYR A 1 77  ? -2.727  15.132  -4.721  1.00 33.10  ? 77  TYR A O   1 
ATOM   534  C CB  . TYR A 1 77  ? -4.287  17.753  -3.420  1.00 32.08  ? 77  TYR A CB  1 
ATOM   535  C CG  . TYR A 1 77  ? -5.460  16.915  -3.877  1.00 37.73  ? 77  TYR A CG  1 
ATOM   536  C CD1 . TYR A 1 77  ? -5.841  15.780  -3.172  1.00 36.44  ? 77  TYR A CD1 1 
ATOM   537  C CD2 . TYR A 1 77  ? -6.198  17.268  -5.007  1.00 36.80  ? 77  TYR A CD2 1 
ATOM   538  C CE1 . TYR A 1 77  ? -6.924  15.021  -3.576  1.00 37.41  ? 77  TYR A CE1 1 
ATOM   539  C CE2 . TYR A 1 77  ? -7.277  16.518  -5.420  1.00 36.65  ? 77  TYR A CE2 1 
ATOM   540  C CZ  . TYR A 1 77  ? -7.635  15.399  -4.699  1.00 38.88  ? 77  TYR A CZ  1 
ATOM   541  O OH  . TYR A 1 77  ? -8.709  14.656  -5.114  1.00 39.87  ? 77  TYR A OH  1 
ATOM   542  N N   . CYS A 1 78  ? -2.033  15.779  -2.663  1.00 36.43  ? 78  CYS A N   1 
ATOM   543  C CA  . CYS A 1 78  ? -1.685  14.416  -2.300  1.00 33.47  ? 78  CYS A CA  1 
ATOM   544  C C   . CYS A 1 78  ? -2.729  13.788  -1.356  1.00 34.37  ? 78  CYS A C   1 
ATOM   545  O O   . CYS A 1 78  ? -3.153  14.414  -0.376  1.00 33.30  ? 78  CYS A O   1 
ATOM   546  C CB  . CYS A 1 78  ? -0.258  14.344  -1.734  1.00 34.17  ? 78  CYS A CB  1 
ATOM   547  S SG  . CYS A 1 78  ? 0.745   12.923  -2.437  1.00 58.07  ? 78  CYS A SG  1 
ATOM   548  N N   . THR A 1 79  ? -3.152  12.563  -1.673  1.00 35.05  ? 79  THR A N   1 
ATOM   549  C CA  . THR A 1 79  ? -4.101  11.807  -0.838  1.00 30.60  ? 79  THR A CA  1 
ATOM   550  C C   . THR A 1 79  ? -3.701  10.317  -0.790  1.00 31.64  ? 79  THR A C   1 
ATOM   551  O O   . THR A 1 79  ? -2.891  9.868   -1.610  1.00 32.54  ? 79  THR A O   1 
ATOM   552  C CB  . THR A 1 79  ? -5.557  11.980  -1.333  1.00 35.83  ? 79  THR A CB  1 
ATOM   553  O OG1 . THR A 1 79  ? -6.478  11.453  -0.361  1.00 37.77  ? 79  THR A OG1 1 
ATOM   554  C CG2 . THR A 1 79  ? -5.762  11.300  -2.695  1.00 33.73  ? 79  THR A CG2 1 
ATOM   555  N N   . GLU A 1 80  ? -4.247  9.551   0.157   1.00 29.71  ? 80  GLU A N   1 
ATOM   556  C CA  . GLU A 1 80  ? -3.839  8.143   0.300   1.00 28.20  ? 80  GLU A CA  1 
ATOM   557  C C   . GLU A 1 80  ? -4.607  7.104   -0.538  1.00 27.34  ? 80  GLU A C   1 
ATOM   558  O O   . GLU A 1 80  ? -5.766  7.305   -0.886  1.00 30.79  ? 80  GLU A O   1 
ATOM   559  C CB  . GLU A 1 80  ? -3.808  7.703   1.775   1.00 28.80  ? 80  GLU A CB  1 
ATOM   560  C CG  . GLU A 1 80  ? -4.876  8.298   2.669   1.00 25.99  ? 80  GLU A CG  1 
ATOM   561  C CD  . GLU A 1 80  ? -4.465  9.641   3.244   1.00 31.12  ? 80  GLU A CD  1 
ATOM   562  O OE1 . GLU A 1 80  ? -5.255  10.601  3.095   1.00 33.76  ? 80  GLU A OE1 1 
ATOM   563  O OE2 . GLU A 1 80  ? -3.364  9.740   3.850   1.00 28.02  ? 80  GLU A OE2 1 
ATOM   564  N N   . THR A 1 81  ? -3.929  6.006   -0.883  1.00 25.86  ? 81  THR A N   1 
ATOM   565  C CA  . THR A 1 81  ? -4.578  4.819   -1.455  1.00 25.87  ? 81  THR A CA  1 
ATOM   566  C C   . THR A 1 81  ? -4.584  3.686   -0.422  1.00 29.37  ? 81  THR A C   1 
ATOM   567  O O   . THR A 1 81  ? -3.719  3.621   0.474   1.00 29.12  ? 81  THR A O   1 
ATOM   568  C CB  . THR A 1 81  ? -3.902  4.332   -2.764  1.00 25.29  ? 81  THR A CB  1 
ATOM   569  O OG1 . THR A 1 81  ? -2.583  3.850   -2.494  1.00 30.19  ? 81  THR A OG1 1 
ATOM   570  C CG2 . THR A 1 81  ? -3.814  5.440   -3.773  1.00 25.67  ? 81  THR A CG2 1 
ATOM   571  N N   . ASP A 1 82  ? -5.549  2.786   -0.539  1.00 31.49  ? 82  ASP A N   1 
ATOM   572  C CA  . ASP A 1 82  ? -5.697  1.752   0.473   1.00 29.22  ? 82  ASP A CA  1 
ATOM   573  C C   . ASP A 1 82  ? -5.083  0.430   0.033   1.00 28.39  ? 82  ASP A C   1 
ATOM   574  O O   . ASP A 1 82  ? -4.909  0.177   -1.162  1.00 32.65  ? 82  ASP A O   1 
ATOM   575  C CB  . ASP A 1 82  ? -7.178  1.563   0.816   1.00 29.67  ? 82  ASP A CB  1 
ATOM   576  C CG  . ASP A 1 82  ? -7.789  2.795   1.452   1.00 36.38  ? 82  ASP A CG  1 
ATOM   577  O OD1 . ASP A 1 82  ? -7.074  3.490   2.212   1.00 35.39  ? 82  ASP A OD1 1 
ATOM   578  O OD2 . ASP A 1 82  ? -8.980  3.066   1.199   1.00 41.39  ? 82  ASP A OD2 1 
ATOM   579  N N   . THR A 1 83  ? -4.727  -0.404  1.004   1.00 28.74  ? 83  THR A N   1 
ATOM   580  C CA  . THR A 1 83  ? -4.487  -1.816  0.726   1.00 29.27  ? 83  THR A CA  1 
ATOM   581  C C   . THR A 1 83  ? -5.544  -2.614  1.471   1.00 26.03  ? 83  THR A C   1 
ATOM   582  O O   . THR A 1 83  ? -6.388  -2.019  2.136   1.00 25.48  ? 83  THR A O   1 
ATOM   583  C CB  . THR A 1 83  ? -3.117  -2.255  1.183   1.00 24.57  ? 83  THR A CB  1 
ATOM   584  O OG1 . THR A 1 83  ? -3.007  -3.672  1.023   1.00 30.10  ? 83  THR A OG1 1 
ATOM   585  C CG2 . THR A 1 83  ? -2.921  -1.931  2.628   1.00 30.11  ? 83  THR A CG2 1 
ATOM   586  N N   . PHE A 1 84  ? -5.510  -3.940  1.393   1.00 28.25  ? 84  PHE A N   1 
ATOM   587  C CA  . PHE A 1 84  ? -6.468  -4.733  2.172   1.00 29.34  ? 84  PHE A CA  1 
ATOM   588  C C   . PHE A 1 84  ? -5.836  -5.864  2.948   1.00 29.08  ? 84  PHE A C   1 
ATOM   589  O O   . PHE A 1 84  ? -5.311  -6.814  2.376   1.00 34.63  ? 84  PHE A O   1 
ATOM   590  C CB  . PHE A 1 84  ? -7.600  -5.222  1.287   1.00 29.15  ? 84  PHE A CB  1 
ATOM   591  C CG  . PHE A 1 84  ? -8.432  -4.111  0.766   1.00 29.39  ? 84  PHE A CG  1 
ATOM   592  C CD1 . PHE A 1 84  ? -9.347  -3.486  1.590   1.00 30.58  ? 84  PHE A CD1 1 
ATOM   593  C CD2 . PHE A 1 84  ? -8.253  -3.634  -0.514  1.00 30.82  ? 84  PHE A CD2 1 
ATOM   594  C CE1 . PHE A 1 84  ? -10.108 -2.432  1.128   1.00 33.92  ? 84  PHE A CE1 1 
ATOM   595  C CE2 . PHE A 1 84  ? -9.020  -2.573  -0.992  1.00 34.39  ? 84  PHE A CE2 1 
ATOM   596  C CZ  . PHE A 1 84  ? -9.941  -1.970  -0.169  1.00 34.87  ? 84  PHE A CZ  1 
ATOM   597  N N   . ILE A 1 85  ? -5.867  -5.741  4.268   1.00 28.42  ? 85  ILE A N   1 
ATOM   598  C CA  . ILE A 1 85  ? -5.180  -6.701  5.110   1.00 26.79  ? 85  ILE A CA  1 
ATOM   599  C C   . ILE A 1 85  ? -6.164  -7.625  5.823   1.00 29.51  ? 85  ILE A C   1 
ATOM   600  O O   . ILE A 1 85  ? -7.172  -7.186  6.384   1.00 31.50  ? 85  ILE A O   1 
ATOM   601  C CB  . ILE A 1 85  ? -4.239  -6.011  6.116   1.00 26.72  ? 85  ILE A CB  1 
ATOM   602  C CG1 . ILE A 1 85  ? -2.854  -5.808  5.508   1.00 30.13  ? 85  ILE A CG1 1 
ATOM   603  C CG2 . ILE A 1 85  ? -4.021  -6.887  7.312   1.00 30.62  ? 85  ILE A CG2 1 
ATOM   604  C CD1 . ILE A 1 85  ? -2.817  -4.927  4.294   1.00 32.75  ? 85  ILE A CD1 1 
ATOM   605  N N   . LYS A 1 86  ? -5.869  -8.916  5.770   1.00 31.08  ? 86  LYS A N   1 
ATOM   606  C CA  . LYS A 1 86  ? -6.643  -9.919  6.473   1.00 30.00  ? 86  LYS A CA  1 
ATOM   607  C C   . LYS A 1 86  ? -6.466  -9.770  7.976   1.00 28.04  ? 86  LYS A C   1 
ATOM   608  O O   . LYS A 1 86  ? -5.339  -9.736  8.475   1.00 33.17  ? 86  LYS A O   1 
ATOM   609  C CB  . LYS A 1 86  ? -6.153  -11.298 6.060   1.00 30.82  ? 86  LYS A CB  1 
ATOM   610  C CG  . LYS A 1 86  ? -6.808  -12.416 6.813   1.00 36.59  ? 86  LYS A CG  1 
ATOM   611  C CD  . LYS A 1 86  ? -5.751  -13.299 7.411   1.00 42.16  ? 86  LYS A CD  1 
ATOM   612  C CE  . LYS A 1 86  ? -6.115  -14.729 7.169   1.00 43.89  ? 86  LYS A CE  1 
ATOM   613  N NZ  . LYS A 1 86  ? -5.961  -15.166 5.766   1.00 54.10  ? 86  LYS A NZ  1 
ATOM   614  N N   . ALA A 1 87  ? -7.576  -9.708  8.699   1.00 24.60  ? 87  ALA A N   1 
ATOM   615  C CA  . ALA A 1 87  ? -7.531  -9.555  10.159  1.00 28.25  ? 87  ALA A CA  1 
ATOM   616  C C   . ALA A 1 87  ? -8.692  -10.251 10.847  1.00 24.48  ? 87  ALA A C   1 
ATOM   617  O O   . ALA A 1 87  ? -9.730  -10.510 10.224  1.00 27.79  ? 87  ALA A O   1 
ATOM   618  C CB  . ALA A 1 87  ? -7.513  -8.072  10.549  1.00 26.96  ? 87  ALA A CB  1 
ATOM   619  N N   . LEU A 1 88  ? -8.547  -10.532 12.138  1.00 24.62  ? 88  LEU A N   1 
ATOM   620  C CA  . LEU A 1 88  ? -9.675  -11.125 12.858  1.00 26.49  ? 88  LEU A CA  1 
ATOM   621  C C   . LEU A 1 88  ? -10.643 -10.023 13.276  1.00 25.14  ? 88  LEU A C   1 
ATOM   622  O O   . LEU A 1 88  ? -10.238 -9.054  13.915  1.00 24.97  ? 88  LEU A O   1 
ATOM   623  C CB  . LEU A 1 88  ? -9.202  -11.901 14.081  1.00 26.93  ? 88  LEU A CB  1 
ATOM   624  C CG  . LEU A 1 88  ? -10.361 -12.582 14.813  1.00 23.37  ? 88  LEU A CG  1 
ATOM   625  C CD1 . LEU A 1 88  ? -11.055 -13.606 13.915  1.00 23.36  ? 88  LEU A CD1 1 
ATOM   626  C CD2 . LEU A 1 88  ? -9.889  -13.214 16.113  1.00 22.48  ? 88  LEU A CD2 1 
ATOM   627  N N   . THR A 1 89  ? -11.913 -10.157 12.908  1.00 26.80  ? 89  THR A N   1 
ATOM   628  C CA  . THR A 1 89  ? -12.890 -9.090  13.124  1.00 21.79  ? 89  THR A CA  1 
ATOM   629  C C   . THR A 1 89  ? -14.143 -9.562  13.853  1.00 23.30  ? 89  THR A C   1 
ATOM   630  O O   . THR A 1 89  ? -14.227 -10.692 14.323  1.00 27.54  ? 89  THR A O   1 
ATOM   631  C CB  . THR A 1 89  ? -13.369 -8.530  11.791  1.00 23.02  ? 89  THR A CB  1 
ATOM   632  O OG1 . THR A 1 89  ? -14.190 -9.514  11.119  1.00 19.92  ? 89  THR A OG1 1 
ATOM   633  C CG2 . THR A 1 89  ? -12.188 -8.111  10.927  1.00 24.58  ? 89  THR A CG2 1 
ATOM   634  N N   . MET A 1 90  ? -15.138 -8.689  13.910  1.00 24.37  ? 90  MET A N   1 
ATOM   635  C CA  . MET A 1 90  ? -16.426 -9.038  14.482  1.00 25.93  ? 90  MET A CA  1 
ATOM   636  C C   . MET A 1 90  ? -17.490 -8.060  13.987  1.00 28.06  ? 90  MET A C   1 
ATOM   637  O O   . MET A 1 90  ? -17.347 -6.844  14.169  1.00 27.04  ? 90  MET A O   1 
ATOM   638  C CB  . MET A 1 90  ? -16.333 -8.943  15.993  1.00 25.04  ? 90  MET A CB  1 
ATOM   639  C CG  . MET A 1 90  ? -16.870 -10.146 16.744  1.00 31.91  ? 90  MET A CG  1 
ATOM   640  S SD  . MET A 1 90  ? -17.122 -9.675  18.482  1.00 44.43  ? 90  MET A SD  1 
ATOM   641  C CE  . MET A 1 90  ? -17.888 -8.062  18.198  1.00 23.83  ? 90  MET A CE  1 
ATOM   642  N N   . GLU A 1 91  ? -18.540 -8.574  13.346  1.00 29.46  ? 91  GLU A N   1 
ATOM   643  C CA  . GLU A 1 91  ? -19.667 -7.729  12.948  1.00 27.00  ? 91  GLU A CA  1 
ATOM   644  C C   . GLU A 1 91  ? -20.876 -8.194  13.741  1.00 27.88  ? 91  GLU A C   1 
ATOM   645  O O   . GLU A 1 91  ? -21.302 -9.348  13.628  1.00 34.56  ? 91  GLU A O   1 
ATOM   646  C CB  . GLU A 1 91  ? -19.944 -7.827  11.438  1.00 27.33  ? 91  GLU A CB  1 
ATOM   647  C CG  . GLU A 1 91  ? -20.967 -6.798  10.939  1.00 29.70  ? 91  GLU A CG  1 
ATOM   648  C CD  . GLU A 1 91  ? -21.399 -7.014  9.494   1.00 30.17  ? 91  GLU A CD  1 
ATOM   649  O OE1 . GLU A 1 91  ? -22.439 -6.436  9.091   1.00 28.68  ? 91  GLU A OE1 1 
ATOM   650  O OE2 . GLU A 1 91  ? -20.704 -7.750  8.756   1.00 32.47  ? 91  GLU A OE2 1 
ATOM   651  N N   . GLY A 1 92  ? -21.432 -7.303  14.550  1.00 24.66  ? 92  GLY A N   1 
ATOM   652  C CA  . GLY A 1 92  ? -22.407 -7.720  15.545  1.00 27.85  ? 92  GLY A CA  1 
ATOM   653  C C   . GLY A 1 92  ? -21.630 -8.450  16.629  1.00 27.38  ? 92  GLY A C   1 
ATOM   654  O O   . GLY A 1 92  ? -20.800 -7.849  17.305  1.00 27.76  ? 92  GLY A O   1 
ATOM   655  N N   . ASN A 1 93  ? -21.879 -9.745  16.782  1.00 29.64  ? 93  ASN A N   1 
ATOM   656  C CA  . ASN A 1 93  ? -21.111 -10.564 17.716  1.00 26.30  ? 93  ASN A CA  1 
ATOM   657  C C   . ASN A 1 93  ? -20.612 -11.794 16.972  1.00 26.90  ? 93  ASN A C   1 
ATOM   658  O O   . ASN A 1 93  ? -20.211 -12.787 17.575  1.00 27.39  ? 93  ASN A O   1 
ATOM   659  C CB  . ASN A 1 93  ? -21.973 -10.991 18.896  1.00 22.96  ? 93  ASN A CB  1 
ATOM   660  C CG  . ASN A 1 93  ? -23.057 -12.000 18.497  1.00 25.43  ? 93  ASN A CG  1 
ATOM   661  O OD1 . ASN A 1 93  ? -23.410 -12.113 17.313  1.00 25.36  ? 93  ASN A OD1 1 
ATOM   662  N ND2 . ASN A 1 93  ? -23.598 -12.728 19.487  1.00 23.62  ? 93  ASN A ND2 1 
ATOM   663  N N   . GLN A 1 94  ? -20.686 -11.737 15.648  1.00 25.56  ? 94  GLN A N   1 
ATOM   664  C CA  . GLN A 1 94  ? -20.146 -12.804 14.825  1.00 28.07  ? 94  GLN A CA  1 
ATOM   665  C C   . GLN A 1 94  ? -18.718 -12.490 14.423  1.00 30.76  ? 94  GLN A C   1 
ATOM   666  O O   . GLN A 1 94  ? -18.456 -11.536 13.667  1.00 30.10  ? 94  GLN A O   1 
ATOM   667  C CB  . GLN A 1 94  ? -21.023 -13.017 13.597  1.00 29.71  ? 94  GLN A CB  1 
ATOM   668  C CG  . GLN A 1 94  ? -22.401 -13.543 13.966  1.00 29.32  ? 94  GLN A CG  1 
ATOM   669  C CD  . GLN A 1 94  ? -23.157 -14.093 12.783  1.00 37.54  ? 94  GLN A CD  1 
ATOM   670  O OE1 . GLN A 1 94  ? -22.843 -13.784 11.623  1.00 36.74  ? 94  GLN A OE1 1 
ATOM   671  N NE2 . GLN A 1 94  ? -24.162 -14.924 13.063  1.00 38.56  ? 94  GLN A NE2 1 
ATOM   672  N N   . ALA A 1 95  ? -17.802 -13.300 14.952  1.00 28.87  ? 95  ALA A N   1 
ATOM   673  C CA  . ALA A 1 95  ? -16.367 -13.171 14.685  1.00 27.83  ? 95  ALA A CA  1 
ATOM   674  C C   . ALA A 1 95  ? -16.010 -13.852 13.366  1.00 25.93  ? 95  ALA A C   1 
ATOM   675  O O   . ALA A 1 95  ? -16.460 -14.965 13.095  1.00 23.37  ? 95  ALA A O   1 
ATOM   676  C CB  . ALA A 1 95  ? -15.580 -13.793 15.814  1.00 24.65  ? 95  ALA A CB  1 
ATOM   677  N N   . SER A 1 96  ? -15.192 -13.199 12.547  1.00 27.98  ? 96  SER A N   1 
ATOM   678  C CA  . SER A 1 96  ? -14.844 -13.771 11.250  1.00 25.75  ? 96  SER A CA  1 
ATOM   679  C C   . SER A 1 96  ? -13.506 -13.231 10.786  1.00 26.35  ? 96  SER A C   1 
ATOM   680  O O   . SER A 1 96  ? -13.026 -12.216 11.310  1.00 26.68  ? 96  SER A O   1 
ATOM   681  C CB  . SER A 1 96  ? -15.931 -13.442 10.240  1.00 23.92  ? 96  SER A CB  1 
ATOM   682  O OG  . SER A 1 96  ? -16.212 -12.052 10.261  1.00 26.72  ? 96  SER A OG  1 
ATOM   683  N N   . TRP A 1 97  ? -12.880 -13.917 9.834   1.00 24.70  ? 97  TRP A N   1 
ATOM   684  C CA  . TRP A 1 97  ? -11.635 -13.410 9.253   1.00 27.19  ? 97  TRP A CA  1 
ATOM   685  C C   . TRP A 1 97  ? -11.997 -12.626 8.019   1.00 31.08  ? 97  TRP A C   1 
ATOM   686  O O   . TRP A 1 97  ? -12.685 -13.141 7.116   1.00 32.78  ? 97  TRP A O   1 
ATOM   687  C CB  . TRP A 1 97  ? -10.703 -14.543 8.855   1.00 31.94  ? 97  TRP A CB  1 
ATOM   688  C CG  . TRP A 1 97  ? -9.989  -15.190 10.001  1.00 32.79  ? 97  TRP A CG  1 
ATOM   689  C CD1 . TRP A 1 97  ? -10.339 -16.344 10.648  1.00 29.93  ? 97  TRP A CD1 1 
ATOM   690  C CD2 . TRP A 1 97  ? -8.783  -14.729 10.624  1.00 27.29  ? 97  TRP A CD2 1 
ATOM   691  N NE1 . TRP A 1 97  ? -9.421  -16.624 11.637  1.00 31.00  ? 97  TRP A NE1 1 
ATOM   692  C CE2 . TRP A 1 97  ? -8.456  -15.649 11.644  1.00 25.31  ? 97  TRP A CE2 1 
ATOM   693  C CE3 . TRP A 1 97  ? -7.952  -13.625 10.421  1.00 27.29  ? 97  TRP A CE3 1 
ATOM   694  C CZ2 . TRP A 1 97  ? -7.331  -15.497 12.460  1.00 26.95  ? 97  TRP A CZ2 1 
ATOM   695  C CZ3 . TRP A 1 97  ? -6.830  -13.477 11.229  1.00 33.03  ? 97  TRP A CZ3 1 
ATOM   696  C CH2 . TRP A 1 97  ? -6.530  -14.409 12.232  1.00 32.96  ? 97  TRP A CH2 1 
ATOM   697  N N   . ARG A 1 98  ? -11.561 -11.371 7.977   1.00 29.77  ? 98  ARG A N   1 
ATOM   698  C CA  . ARG A 1 98  ? -11.892 -10.521 6.849   1.00 28.62  ? 98  ARG A CA  1 
ATOM   699  C C   . ARG A 1 98  ? -10.706 -9.702  6.446   1.00 30.72  ? 98  ARG A C   1 
ATOM   700  O O   . ARG A 1 98  ? -9.775  -9.505  7.242   1.00 27.98  ? 98  ARG A O   1 
ATOM   701  C CB  . ARG A 1 98  ? -12.995 -9.541  7.214   1.00 29.42  ? 98  ARG A CB  1 
ATOM   702  C CG  . ARG A 1 98  ? -14.106 -10.078 8.064   1.00 29.91  ? 98  ARG A CG  1 
ATOM   703  C CD  . ARG A 1 98  ? -15.337 -9.262  7.794   1.00 30.66  ? 98  ARG A CD  1 
ATOM   704  N NE  . ARG A 1 98  ? -16.506 -9.792  8.470   1.00 34.49  ? 98  ARG A NE  1 
ATOM   705  C CZ  . ARG A 1 98  ? -17.717 -9.260  8.369   1.00 34.10  ? 98  ARG A CZ  1 
ATOM   706  N NH1 . ARG A 1 98  ? -17.902 -8.191  7.615   1.00 30.52  ? 98  ARG A NH1 1 
ATOM   707  N NH2 . ARG A 1 98  ? -18.738 -9.795  9.020   1.00 36.05  ? 98  ARG A NH2 1 
ATOM   708  N N   . PHE A 1 99  ? -10.765 -9.211  5.210   1.00 29.01  ? 99  PHE A N   1 
ATOM   709  C CA  . PHE A 1 99  ? -9.797  -8.256  4.715   1.00 26.55  ? 99  PHE A CA  1 
ATOM   710  C C   . PHE A 1 99  ? -10.285 -6.864  5.045   1.00 26.68  ? 99  PHE A C   1 
ATOM   711  O O   . PHE A 1 99  ? -11.388 -6.496  4.650   1.00 29.65  ? 99  PHE A O   1 
ATOM   712  C CB  . PHE A 1 99  ? -9.700  -8.371  3.208   1.00 28.50  ? 99  PHE A CB  1 
ATOM   713  C CG  . PHE A 1 99  ? -9.015  -9.602  2.751   1.00 26.79  ? 99  PHE A CG  1 
ATOM   714  C CD1 . PHE A 1 99  ? -7.686  -9.829  3.093   1.00 27.87  ? 99  PHE A CD1 1 
ATOM   715  C CD2 . PHE A 1 99  ? -9.690  -10.534 1.971   1.00 30.33  ? 99  PHE A CD2 1 
ATOM   716  C CE1 . PHE A 1 99  ? -7.043  -10.968 2.675   1.00 29.74  ? 99  PHE A CE1 1 
ATOM   717  C CE2 . PHE A 1 99  ? -9.057  -11.683 1.537   1.00 33.37  ? 99  PHE A CE2 1 
ATOM   718  C CZ  . PHE A 1 99  ? -7.731  -11.905 1.892   1.00 33.44  ? 99  PHE A CZ  1 
ATOM   719  N N   . ILE A 1 100 ? -9.467  -6.083  5.746   1.00 25.53  ? 100 ILE A N   1 
ATOM   720  C CA  . ILE A 1 100 ? -9.867  -4.729  6.118   1.00 24.19  ? 100 ILE A CA  1 
ATOM   721  C C   . ILE A 1 100 ? -9.028  -3.644  5.448   1.00 26.23  ? 100 ILE A C   1 
ATOM   722  O O   . ILE A 1 100 ? -7.874  -3.878  5.076   1.00 26.40  ? 100 ILE A O   1 
ATOM   723  C CB  . ILE A 1 100 ? -9.847  -4.541  7.640   1.00 25.40  ? 100 ILE A CB  1 
ATOM   724  C CG1 . ILE A 1 100 ? -8.419  -4.558  8.172   1.00 22.27  ? 100 ILE A CG1 1 
ATOM   725  C CG2 . ILE A 1 100 ? -10.673 -5.629  8.325   1.00 24.53  ? 100 ILE A CG2 1 
ATOM   726  C CD1 . ILE A 1 100 ? -8.342  -4.299  9.681   1.00 19.67  ? 100 ILE A CD1 1 
ATOM   727  N N   . ARG A 1 101 ? -9.618  -2.456  5.310   1.00 27.60  ? 101 ARG A N   1 
ATOM   728  C CA  . ARG A 1 101 ? -9.026  -1.354  4.554   1.00 25.85  ? 101 ARG A CA  1 
ATOM   729  C C   . ARG A 1 101 ? -8.004  -0.550  5.379   1.00 26.92  ? 101 ARG A C   1 
ATOM   730  O O   . ARG A 1 101 ? -8.378  0.185   6.303   1.00 32.21  ? 101 ARG A O   1 
ATOM   731  C CB  . ARG A 1 101 ? -10.159 -0.479  3.996   1.00 29.62  ? 101 ARG A CB  1 
ATOM   732  C CG  . ARG A 1 101 ? -9.799  0.921   3.491   1.00 35.98  ? 101 ARG A CG  1 
ATOM   733  C CD  . ARG A 1 101 ? -11.063 1.667   3.008   1.00 40.70  ? 101 ARG A CD  1 
ATOM   734  N NE  . ARG A 1 101 ? -11.536 1.200   1.694   1.00 52.42  ? 101 ARG A NE  1 
ATOM   735  C CZ  . ARG A 1 101 ? -12.610 0.430   1.486   1.00 51.37  ? 101 ARG A CZ  1 
ATOM   736  N NH1 . ARG A 1 101 ? -13.364 0.019   2.504   1.00 41.71  ? 101 ARG A NH1 1 
ATOM   737  N NH2 . ARG A 1 101 ? -12.939 0.071   0.246   1.00 45.84  ? 101 ARG A NH2 1 
ATOM   738  N N   . ILE A 1 102 ? -6.718  -0.727  5.051   1.00 24.61  ? 102 ILE A N   1 
ATOM   739  C CA  . ILE A 1 102 ? -5.616  0.024   5.664   1.00 27.50  ? 102 ILE A CA  1 
ATOM   740  C C   . ILE A 1 102 ? -4.965  0.918   4.636   1.00 28.12  ? 102 ILE A C   1 
ATOM   741  O O   . ILE A 1 102 ? -4.668  0.458   3.524   1.00 26.64  ? 102 ILE A O   1 
ATOM   742  C CB  . ILE A 1 102 ? -4.498  -0.884  6.207   1.00 24.38  ? 102 ILE A CB  1 
ATOM   743  C CG1 . ILE A 1 102 ? -4.898  -1.463  7.546   1.00 21.66  ? 102 ILE A CG1 1 
ATOM   744  C CG2 . ILE A 1 102 ? -3.231  -0.108  6.416   1.00 27.05  ? 102 ILE A CG2 1 
ATOM   745  C CD1 . ILE A 1 102 ? -5.609  -2.759  7.385   1.00 28.56  ? 102 ILE A CD1 1 
ATOM   746  N N   . GLU A 1 103 ? -4.739  2.181   5.018   1.00 26.08  ? 103 GLU A N   1 
ATOM   747  C CA  . GLU A 1 103 ? -4.070  3.151   4.159   1.00 25.30  ? 103 GLU A CA  1 
ATOM   748  C C   . GLU A 1 103 ? -2.609  2.771   3.972   1.00 27.12  ? 103 GLU A C   1 
ATOM   749  O O   . GLU A 1 103 ? -1.870  2.600   4.956   1.00 26.09  ? 103 GLU A O   1 
ATOM   750  C CB  . GLU A 1 103 ? -4.197  4.553   4.772   1.00 23.64  ? 103 GLU A CB  1 
ATOM   751  C CG  . GLU A 1 103 ? -5.610  5.125   4.648   1.00 26.56  ? 103 GLU A CG  1 
ATOM   752  C CD  . GLU A 1 103 ? -5.787  6.398   5.437   1.00 32.99  ? 103 GLU A CD  1 
ATOM   753  O OE1 . GLU A 1 103 ? -5.198  6.498   6.541   1.00 33.33  ? 103 GLU A OE1 1 
ATOM   754  O OE2 . GLU A 1 103 ? -6.517  7.294   4.957   1.00 37.48  ? 103 GLU A OE2 1 
ATOM   755  N N   . THR A 1 104 ? -2.181  2.672   2.717   1.00 28.12  ? 104 THR A N   1 
ATOM   756  C CA  . THR A 1 104 ? -0.876  2.080   2.425   1.00 30.34  ? 104 THR A CA  1 
ATOM   757  C C   . THR A 1 104 ? 0.107   2.960   1.653   1.00 30.95  ? 104 THR A C   1 
ATOM   758  O O   . THR A 1 104 ? 1.298   2.637   1.574   1.00 32.30  ? 104 THR A O   1 
ATOM   759  C CB  . THR A 1 104 ? -1.061  0.772   1.650   1.00 32.61  ? 104 THR A CB  1 
ATOM   760  O OG1 . THR A 1 104 ? 0.131   -0.014  1.730   1.00 36.55  ? 104 THR A OG1 1 
ATOM   761  C CG2 . THR A 1 104 ? -1.434  1.052   0.192   1.00 32.85  ? 104 THR A CG2 1 
ATOM   762  N N   . ALA A 1 105 ? -0.376  4.058   1.080   1.00 27.19  ? 105 ALA A N   1 
ATOM   763  C CA  . ALA A 1 105 ? 0.511   4.938   0.321   1.00 27.19  ? 105 ALA A CA  1 
ATOM   764  C C   . ALA A 1 105 ? -0.031  6.353   0.157   1.00 25.81  ? 105 ALA A C   1 
ATOM   765  O O   . ALA A 1 105 ? -1.241  6.579   0.229   1.00 24.69  ? 105 ALA A O   1 
ATOM   766  C CB  . ALA A 1 105 ? 0.799   4.332   -1.044  1.00 30.93  ? 105 ALA A CB  1 
ATOM   767  N N   . CYS A 1 106 ? 0.870   7.300   -0.089  1.00 26.48  ? 106 CYS A N   1 
ATOM   768  C CA  . CYS A 1 106 ? 0.467   8.687   -0.324  1.00 26.52  ? 106 CYS A CA  1 
ATOM   769  C C   . CYS A 1 106 ? 0.760   9.075   -1.782  1.00 29.29  ? 106 CYS A C   1 
ATOM   770  O O   . CYS A 1 106 ? 1.917   9.191   -2.174  1.00 28.54  ? 106 CYS A O   1 
ATOM   771  C CB  . CYS A 1 106 ? 1.193   9.626   0.636   1.00 23.95  ? 106 CYS A CB  1 
ATOM   772  S SG  . CYS A 1 106 ? 0.488   11.290  0.738   1.00 29.33  ? 106 CYS A SG  1 
ATOM   773  N N   . VAL A 1 107 ? -0.291  9.268   -2.579  1.00 28.50  ? 107 VAL A N   1 
ATOM   774  C CA  . VAL A 1 107 ? -0.117  9.516   -4.001  1.00 26.26  ? 107 VAL A CA  1 
ATOM   775  C C   . VAL A 1 107 ? -0.737  10.818  -4.486  1.00 31.06  ? 107 VAL A C   1 
ATOM   776  O O   . VAL A 1 107 ? -1.780  11.259  -3.982  1.00 32.20  ? 107 VAL A O   1 
ATOM   777  C CB  . VAL A 1 107 ? -0.664  8.356   -4.839  1.00 26.15  ? 107 VAL A CB  1 
ATOM   778  C CG1 . VAL A 1 107 ? -0.102  7.034   -4.317  1.00 29.94  ? 107 VAL A CG1 1 
ATOM   779  C CG2 . VAL A 1 107 ? -2.184  8.345   -4.817  1.00 22.94  ? 107 VAL A CG2 1 
ATOM   780  N N   . CYS A 1 108 ? -0.069  11.441  -5.455  1.00 32.43  ? 108 CYS A N   1 
ATOM   781  C CA  . CYS A 1 108 ? -0.520  12.704  -6.018  1.00 31.94  ? 108 CYS A CA  1 
ATOM   782  C C   . CYS A 1 108 ? -1.592  12.486  -7.073  1.00 31.83  ? 108 CYS A C   1 
ATOM   783  O O   . CYS A 1 108 ? -1.511  11.559  -7.882  1.00 34.84  ? 108 CYS A O   1 
ATOM   784  C CB  . CYS A 1 108 ? 0.652   13.446  -6.649  1.00 33.49  ? 108 CYS A CB  1 
ATOM   785  S SG  . CYS A 1 108 ? 0.123   14.910  -7.522  1.00 34.67  ? 108 CYS A SG  1 
ATOM   786  N N   . VAL A 1 109 ? -2.610  13.334  -7.054  1.00 32.59  ? 109 VAL A N   1 
ATOM   787  C CA  . VAL A 1 109 ? -3.647  13.264  -8.068  1.00 33.04  ? 109 VAL A CA  1 
ATOM   788  C C   . VAL A 1 109 ? -3.807  14.630  -8.723  1.00 36.14  ? 109 VAL A C   1 
ATOM   789  O O   . VAL A 1 109 ? -3.745  15.677  -8.070  1.00 35.99  ? 109 VAL A O   1 
ATOM   790  C CB  . VAL A 1 109 ? -4.975  12.738  -7.493  1.00 31.67  ? 109 VAL A CB  1 
ATOM   791  C CG1 . VAL A 1 109 ? -4.755  11.404  -6.814  1.00 34.66  ? 109 VAL A CG1 1 
ATOM   792  C CG2 . VAL A 1 109 ? -5.535  13.692  -6.485  1.00 34.75  ? 109 VAL A CG2 1 
ATOM   793  N N   . ILE A 1 110 ? -3.994  14.622  -10.031 1.00 39.14  ? 110 ILE A N   1 
ATOM   794  C CA  . ILE A 1 110 ? -3.987  15.868  -10.767 1.00 37.92  ? 110 ILE A CA  1 
ATOM   795  C C   . ILE A 1 110 ? -5.314  16.171  -11.435 1.00 39.19  ? 110 ILE A C   1 
ATOM   796  O O   . ILE A 1 110 ? -6.012  15.277  -11.923 1.00 40.94  ? 110 ILE A O   1 
ATOM   797  C CB  . ILE A 1 110 ? -2.857  15.882  -11.800 1.00 36.32  ? 110 ILE A CB  1 
ATOM   798  C CG1 . ILE A 1 110 ? -3.022  14.740  -12.798 1.00 36.60  ? 110 ILE A CG1 1 
ATOM   799  C CG2 . ILE A 1 110 ? -1.508  15.779  -11.092 1.00 35.75  ? 110 ILE A CG2 1 
ATOM   800  C CD1 . ILE A 1 110 ? -1.778  14.504  -13.655 1.00 39.01  ? 110 ILE A CD1 1 
ATOM   801  N N   . THR A 1 111 ? -5.664  17.445  -11.436 1.00 38.61  ? 111 THR A N   1 
ATOM   802  C CA  . THR A 1 111 ? -6.837  17.891  -12.150 1.00 46.76  ? 111 THR A CA  1 
ATOM   803  C C   . THR A 1 111 ? -6.408  18.915  -13.187 1.00 50.29  ? 111 THR A C   1 
ATOM   804  O O   . THR A 1 111 ? -5.924  20.001  -12.836 1.00 49.75  ? 111 THR A O   1 
ATOM   805  C CB  . THR A 1 111 ? -7.887  18.472  -11.191 1.00 52.70  ? 111 THR A CB  1 
ATOM   806  O OG1 . THR A 1 111 ? -8.291  17.455  -10.257 1.00 47.93  ? 111 THR A OG1 1 
ATOM   807  C CG2 . THR A 1 111 ? -9.111  18.975  -11.976 1.00 51.17  ? 111 THR A CG2 1 
ATOM   808  N N   . LYS A 1 112 ? -6.553  18.537  -14.460 1.00 56.58  ? 112 LYS A N   1 
ATOM   809  C CA  . LYS A 1 112 ? -6.269  19.417  -15.589 1.00 55.97  ? 112 LYS A CA  1 
ATOM   810  C C   . LYS A 1 112 ? -7.012  20.719  -15.384 1.00 59.71  ? 112 LYS A C   1 
ATOM   811  O O   . LYS A 1 112 ? -8.243  20.745  -15.397 1.00 62.28  ? 112 LYS A O   1 
ATOM   812  C CB  . LYS A 1 112 ? -6.710  18.766  -16.906 1.00 59.34  ? 112 LYS A CB  1 
ATOM   813  C CG  . LYS A 1 112 ? -6.290  19.532  -18.173 1.00 60.07  ? 112 LYS A CG  1 
ATOM   814  C CD  . LYS A 1 112 ? -4.794  19.390  -18.435 1.00 59.14  ? 112 LYS A CD  1 
ATOM   815  C CE  . LYS A 1 112 ? -4.284  20.368  -19.478 1.00 57.48  ? 112 LYS A CE  1 
ATOM   816  N NZ  . LYS A 1 112 ? -2.909  20.008  -19.937 1.00 59.77  ? 112 LYS A NZ  1 
ATOM   817  N N   . LYS A 1 113 ? -6.267  21.794  -15.156 1.00 58.87  ? 113 LYS A N   1 
ATOM   818  C CA  . LYS A 1 113 ? -6.898  23.080  -14.915 1.00 64.23  ? 113 LYS A CA  1 
ATOM   819  C C   . LYS A 1 113 ? -7.158  23.777  -16.230 1.00 71.43  ? 113 LYS A C   1 
ATOM   820  O O   . LYS A 1 113 ? -6.343  23.733  -17.155 1.00 71.34  ? 113 LYS A O   1 
ATOM   821  C CB  . LYS A 1 113 ? -6.060  23.967  -13.985 1.00 60.77  ? 113 LYS A CB  1 
ATOM   822  C CG  . LYS A 1 113 ? -4.687  24.329  -14.517 1.00 57.66  ? 113 LYS A CG  1 
ATOM   823  C CD  . LYS A 1 113 ? -3.807  25.011  -13.464 1.00 56.26  ? 113 LYS A CD  1 
ATOM   824  C CE  . LYS A 1 113 ? -4.254  26.432  -13.189 1.00 56.32  ? 113 LYS A CE  1 
ATOM   825  N NZ  . LYS A 1 113 ? -3.583  27.002  -11.979 1.00 55.40  ? 113 LYS A NZ  1 
ATOM   826  N N   . LYS A 1 114 ? -8.340  24.365  -16.318 1.00 81.40  ? 114 LYS A N   1 
ATOM   827  C CA  . LYS A 1 114 ? -8.659  25.353  -17.327 1.00 88.79  ? 114 LYS A CA  1 
ATOM   828  C C   . LYS A 1 114 ? -9.503  26.326  -16.531 1.00 93.36  ? 114 LYS A C   1 
ATOM   829  O O   . LYS A 1 114 ? -10.027 27.307  -17.059 1.00 95.64  ? 114 LYS A O   1 
ATOM   830  C CB  . LYS A 1 114 ? -9.457  24.731  -18.474 1.00 84.86  ? 114 LYS A CB  1 
ATOM   831  C CG  . LYS A 1 114 ? -9.624  25.630  -19.696 1.00 80.71  ? 114 LYS A CG  1 
ATOM   832  C CD  . LYS A 1 114 ? -10.210 24.840  -20.861 1.00 84.00  ? 114 LYS A CD  1 
ATOM   833  C CE  . LYS A 1 114 ? -9.300  23.673  -21.247 1.00 82.73  ? 114 LYS A CE  1 
ATOM   834  N NZ  . LYS A 1 114 ? -9.931  22.740  -22.226 1.00 74.79  ? 114 LYS A NZ  1 
ATOM   835  N N   . GLY A 1 115 ? -9.603  26.034  -15.232 1.00 100.95 ? 115 GLY A N   1 
ATOM   836  C CA  . GLY A 1 115 ? -10.412 26.808  -14.311 1.00 109.83 ? 115 GLY A CA  1 
ATOM   837  C C   . GLY A 1 115 ? -9.709  27.259  -13.041 1.00 93.18  ? 115 GLY A C   1 
ATOM   838  O O   . GLY A 1 115 ? -9.497  28.457  -12.844 1.00 93.93  ? 115 GLY A O   1 
ATOM   839  N N   . ASN A 1 116 ? -9.351  26.318  -12.173 1.00 81.23  ? 116 ASN A N   1 
ATOM   840  C CA  . ASN A 1 116 ? -8.827  26.675  -10.851 1.00 79.53  ? 116 ASN A CA  1 
ATOM   841  C C   . ASN A 1 116 ? -7.396  27.191  -10.887 1.00 80.82  ? 116 ASN A C   1 
ATOM   842  O O   . ASN A 1 116 ? -6.782  27.445  -9.842  1.00 80.45  ? 116 ASN A O   1 
ATOM   843  C CB  . ASN A 1 116 ? -8.953  25.508  -9.865  1.00 84.56  ? 116 ASN A CB  1 
ATOM   844  C CG  . ASN A 1 116 ? -10.390 25.260  -9.428  1.00 84.05  ? 116 ASN A CG  1 
ATOM   845  O OD1 . ASN A 1 116 ? -11.116 24.482  -10.050 1.00 86.33  ? 116 ASN A OD1 1 
ATOM   846  N ND2 . ASN A 1 116 ? -10.805 25.925  -8.352  1.00 66.64  ? 116 ASN A ND2 1 
ATOM   847  O OXT . ASN A 1 116 ? -6.842  27.369  -11.971 1.00 78.05  ? 116 ASN A OXT 1 
ATOM   848  N N   . GLY B 1 9   ? -12.967 14.251  -13.486 1.00 58.25  ? 9   GLY B N   1 
ATOM   849  C CA  . GLY B 1 9   ? -12.200 15.456  -13.733 1.00 51.80  ? 9   GLY B CA  1 
ATOM   850  C C   . GLY B 1 9   ? -10.769 15.349  -13.243 1.00 56.67  ? 9   GLY B C   1 
ATOM   851  O O   . GLY B 1 9   ? -9.985  16.290  -13.390 1.00 58.41  ? 9   GLY B O   1 
ATOM   852  N N   . GLU B 1 10  ? -10.418 14.199  -12.671 1.00 53.20  ? 10  GLU B N   1 
ATOM   853  C CA  . GLU B 1 10  ? -9.085  14.021  -12.110 1.00 47.49  ? 10  GLU B CA  1 
ATOM   854  C C   . GLU B 1 10  ? -8.351  12.848  -12.730 1.00 51.70  ? 10  GLU B C   1 
ATOM   855  O O   . GLU B 1 10  ? -8.966  11.992  -13.371 1.00 53.42  ? 10  GLU B O   1 
ATOM   856  C CB  . GLU B 1 10  ? -9.180  13.848  -10.602 1.00 44.74  ? 10  GLU B CB  1 
ATOM   857  C CG  . GLU B 1 10  ? -10.132 14.847  -9.975  1.00 52.00  ? 10  GLU B CG  1 
ATOM   858  C CD  . GLU B 1 10  ? -10.039 14.895  -8.464  1.00 60.39  ? 10  GLU B CD  1 
ATOM   859  O OE1 . GLU B 1 10  ? -9.303  15.764  -7.939  1.00 58.95  ? 10  GLU B OE1 1 
ATOM   860  O OE2 . GLU B 1 10  ? -10.713 14.072  -7.805  1.00 54.78  ? 10  GLU B OE2 1 
ATOM   861  N N   . HIS B 1 11  ? -7.033  12.826  -12.536 1.00 49.15  ? 11  HIS B N   1 
ATOM   862  C CA  . HIS B 1 11  ? -6.169  11.815  -13.129 1.00 45.54  ? 11  HIS B CA  1 
ATOM   863  C C   . HIS B 1 11  ? -5.112  11.405  -12.131 1.00 41.14  ? 11  HIS B C   1 
ATOM   864  O O   . HIS B 1 11  ? -4.766  12.172  -11.233 1.00 38.51  ? 11  HIS B O   1 
ATOM   865  C CB  . HIS B 1 11  ? -5.479  12.360  -14.387 1.00 48.84  ? 11  HIS B CB  1 
ATOM   866  C CG  . HIS B 1 11  ? -6.423  12.695  -15.496 1.00 58.03  ? 11  HIS B CG  1 
ATOM   867  N ND1 . HIS B 1 11  ? -6.983  13.946  -15.647 1.00 59.50  ? 11  HIS B ND1 1 
ATOM   868  C CD2 . HIS B 1 11  ? -6.925  11.936  -16.499 1.00 64.52  ? 11  HIS B CD2 1 
ATOM   869  C CE1 . HIS B 1 11  ? -7.787  13.942  -16.696 1.00 66.03  ? 11  HIS B CE1 1 
ATOM   870  N NE2 . HIS B 1 11  ? -7.769  12.735  -17.231 1.00 68.52  ? 11  HIS B NE2 1 
ATOM   871  N N   . SER B 1 12  ? -4.597  10.191  -12.292 1.00 41.78  ? 12  SER B N   1 
ATOM   872  C CA  . SER B 1 12  ? -3.440  9.743   -11.526 1.00 42.96  ? 12  SER B CA  1 
ATOM   873  C C   . SER B 1 12  ? -2.174  10.281  -12.189 1.00 41.81  ? 12  SER B C   1 
ATOM   874  O O   . SER B 1 12  ? -2.192  10.594  -13.372 1.00 38.23  ? 12  SER B O   1 
ATOM   875  C CB  . SER B 1 12  ? -3.406  8.214   -11.486 1.00 42.91  ? 12  SER B CB  1 
ATOM   876  O OG  . SER B 1 12  ? -3.861  7.736   -10.239 1.00 49.26  ? 12  SER B OG  1 
ATOM   877  N N   . VAL B 1 13  ? -1.082  10.401  -11.438 1.00 43.74  ? 13  VAL B N   1 
ATOM   878  C CA  . VAL B 1 13  ? 0.182   10.872  -12.022 1.00 42.97  ? 13  VAL B CA  1 
ATOM   879  C C   . VAL B 1 13  ? 0.990   9.715   -12.560 1.00 44.17  ? 13  VAL B C   1 
ATOM   880  O O   . VAL B 1 13  ? 1.748   9.860   -13.523 1.00 48.03  ? 13  VAL B O   1 
ATOM   881  C CB  . VAL B 1 13  ? 1.077   11.639  -11.026 1.00 40.60  ? 13  VAL B CB  1 
ATOM   882  C CG1 . VAL B 1 13  ? 0.570   13.044  -10.831 1.00 36.97  ? 13  VAL B CG1 1 
ATOM   883  C CG2 . VAL B 1 13  ? 1.191   10.882  -9.697  1.00 42.26  ? 13  VAL B CG2 1 
ATOM   884  N N   . CYS B 1 14  ? 0.861   8.574   -11.903 1.00 43.27  ? 14  CYS B N   1 
ATOM   885  C CA  . CYS B 1 14  ? 1.362   7.341   -12.471 1.00 46.31  ? 14  CYS B CA  1 
ATOM   886  C C   . CYS B 1 14  ? 0.234   6.307   -12.371 1.00 50.76  ? 14  CYS B C   1 
ATOM   887  O O   . CYS B 1 14  ? -0.560  6.344   -11.430 1.00 51.63  ? 14  CYS B O   1 
ATOM   888  C CB  . CYS B 1 14  ? 2.656   6.903   -11.777 1.00 38.21  ? 14  CYS B CB  1 
ATOM   889  S SG  . CYS B 1 14  ? 4.111   6.733   -12.940 1.00 48.40  ? 14  CYS B SG  1 
ATOM   890  N N   . ASP B 1 15  ? 0.129   5.418   -13.353 1.00 48.83  ? 15  ASP B N   1 
ATOM   891  C CA  . ASP B 1 15  ? -0.956  4.439   -13.343 1.00 46.98  ? 15  ASP B CA  1 
ATOM   892  C C   . ASP B 1 15  ? -0.630  3.162   -12.557 1.00 46.07  ? 15  ASP B C   1 
ATOM   893  O O   . ASP B 1 15  ? 0.542   2.830   -12.328 1.00 46.00  ? 15  ASP B O   1 
ATOM   894  C CB  . ASP B 1 15  ? -1.396  4.120   -14.766 1.00 49.24  ? 15  ASP B CB  1 
ATOM   895  C CG  . ASP B 1 15  ? -2.257  5.211   -15.354 1.00 53.67  ? 15  ASP B CG  1 
ATOM   896  O OD1 . ASP B 1 15  ? -3.073  5.788   -14.595 1.00 54.21  ? 15  ASP B OD1 1 
ATOM   897  O OD2 . ASP B 1 15  ? -2.118  5.492   -16.566 1.00 50.49  ? 15  ASP B OD2 1 
ATOM   898  N N   . SER B 1 16  ? -1.677  2.459   -12.133 1.00 44.51  ? 16  SER B N   1 
ATOM   899  C CA  . SER B 1 16  ? -1.510  1.307   -11.251 1.00 43.12  ? 16  SER B CA  1 
ATOM   900  C C   . SER B 1 16  ? -2.456  0.179   -11.630 1.00 41.40  ? 16  SER B C   1 
ATOM   901  O O   . SER B 1 16  ? -3.486  0.411   -12.270 1.00 42.97  ? 16  SER B O   1 
ATOM   902  C CB  . SER B 1 16  ? -1.711  1.706   -9.781  1.00 43.02  ? 16  SER B CB  1 
ATOM   903  O OG  . SER B 1 16  ? -2.960  2.353   -9.588  1.00 44.51  ? 16  SER B OG  1 
ATOM   904  N N   . VAL B 1 17  ? -2.091  -1.040  -11.243 1.00 41.52  ? 17  VAL B N   1 
ATOM   905  C CA  . VAL B 1 17  ? -2.878  -2.230  -11.550 1.00 40.45  ? 17  VAL B CA  1 
ATOM   906  C C   . VAL B 1 17  ? -2.963  -3.119  -10.327 1.00 37.94  ? 17  VAL B C   1 
ATOM   907  O O   . VAL B 1 17  ? -1.940  -3.558  -9.800  1.00 36.98  ? 17  VAL B O   1 
ATOM   908  C CB  . VAL B 1 17  ? -2.231  -3.053  -12.658 1.00 43.22  ? 17  VAL B CB  1 
ATOM   909  C CG1 . VAL B 1 17  ? -2.955  -4.383  -12.803 1.00 43.17  ? 17  VAL B CG1 1 
ATOM   910  C CG2 . VAL B 1 17  ? -2.230  -2.277  -13.967 1.00 46.56  ? 17  VAL B CG2 1 
ATOM   911  N N   . SER B 1 18  ? -4.176  -3.402  -9.879  1.00 35.05  ? 18  SER B N   1 
ATOM   912  C CA  . SER B 1 18  ? -4.323  -4.188  -8.676  1.00 34.58  ? 18  SER B CA  1 
ATOM   913  C C   . SER B 1 18  ? -4.978  -5.520  -8.950  1.00 40.24  ? 18  SER B C   1 
ATOM   914  O O   . SER B 1 18  ? -5.809  -5.639  -9.861  1.00 44.01  ? 18  SER B O   1 
ATOM   915  C CB  . SER B 1 18  ? -5.129  -3.427  -7.628  1.00 34.53  ? 18  SER B CB  1 
ATOM   916  O OG  . SER B 1 18  ? -4.379  -2.335  -7.143  1.00 37.47  ? 18  SER B OG  1 
ATOM   917  N N   . ALA B 1 19  ? -4.590  -6.518  -8.158  1.00 36.54  ? 19  ALA B N   1 
ATOM   918  C CA  . ALA B 1 19  ? -5.224  -7.831  -8.201  1.00 37.81  ? 19  ALA B CA  1 
ATOM   919  C C   . ALA B 1 19  ? -4.958  -8.618  -6.934  1.00 39.30  ? 19  ALA B C   1 
ATOM   920  O O   . ALA B 1 19  ? -4.000  -8.345  -6.205  1.00 37.72  ? 19  ALA B O   1 
ATOM   921  C CB  . ALA B 1 19  ? -4.750  -8.619  -9.413  1.00 41.84  ? 19  ALA B CB  1 
ATOM   922  N N   . TRP B 1 20  ? -5.816  -9.600  -6.684  1.00 41.24  ? 20  TRP B N   1 
ATOM   923  C CA  . TRP B 1 20  ? -5.589  -10.565 -5.619  1.00 39.51  ? 20  TRP B CA  1 
ATOM   924  C C   . TRP B 1 20  ? -4.718  -11.705 -6.152  1.00 40.70  ? 20  TRP B C   1 
ATOM   925  O O   . TRP B 1 20  ? -4.987  -12.244 -7.225  1.00 44.78  ? 20  TRP B O   1 
ATOM   926  C CB  . TRP B 1 20  ? -6.926  -11.084 -5.122  1.00 35.66  ? 20  TRP B CB  1 
ATOM   927  C CG  . TRP B 1 20  ? -7.668  -10.041 -4.351  1.00 36.96  ? 20  TRP B CG  1 
ATOM   928  C CD1 . TRP B 1 20  ? -8.626  -9.184  -4.818  1.00 38.94  ? 20  TRP B CD1 1 
ATOM   929  C CD2 . TRP B 1 20  ? -7.496  -9.733  -2.962  1.00 38.08  ? 20  TRP B CD2 1 
ATOM   930  N NE1 . TRP B 1 20  ? -9.062  -8.364  -3.793  1.00 38.01  ? 20  TRP B NE1 1 
ATOM   931  C CE2 . TRP B 1 20  ? -8.383  -8.687  -2.647  1.00 34.02  ? 20  TRP B CE2 1 
ATOM   932  C CE3 . TRP B 1 20  ? -6.678  -10.250 -1.953  1.00 36.11  ? 20  TRP B CE3 1 
ATOM   933  C CZ2 . TRP B 1 20  ? -8.470  -8.148  -1.366  1.00 31.08  ? 20  TRP B CZ2 1 
ATOM   934  C CZ3 . TRP B 1 20  ? -6.763  -9.722  -0.691  1.00 33.03  ? 20  TRP B CZ3 1 
ATOM   935  C CH2 . TRP B 1 20  ? -7.650  -8.679  -0.402  1.00 32.39  ? 20  TRP B CH2 1 
ATOM   936  N N   . VAL B 1 21  ? -3.656  -12.051 -5.430  1.00 39.52  ? 21  VAL B N   1 
ATOM   937  C CA  . VAL B 1 21  ? -2.683  -13.005 -5.953  1.00 43.05  ? 21  VAL B CA  1 
ATOM   938  C C   . VAL B 1 21  ? -2.256  -14.064 -4.946  1.00 43.68  ? 21  VAL B C   1 
ATOM   939  O O   . VAL B 1 21  ? -2.526  -13.950 -3.749  1.00 40.50  ? 21  VAL B O   1 
ATOM   940  C CB  . VAL B 1 21  ? -1.407  -12.299 -6.429  1.00 42.40  ? 21  VAL B CB  1 
ATOM   941  C CG1 . VAL B 1 21  ? -1.747  -11.176 -7.380  1.00 42.71  ? 21  VAL B CG1 1 
ATOM   942  C CG2 . VAL B 1 21  ? -0.620  -11.770 -5.234  1.00 40.91  ? 21  VAL B CG2 1 
ATOM   943  N N   . THR B 1 22  ? -1.577  -15.084 -5.464  1.00 45.49  ? 22  THR B N   1 
ATOM   944  C CA  . THR B 1 22  ? -1.005  -16.159 -4.672  1.00 41.80  ? 22  THR B CA  1 
ATOM   945  C C   . THR B 1 22  ? 0.484   -15.935 -4.748  1.00 45.25  ? 22  THR B C   1 
ATOM   946  O O   . THR B 1 22  ? 0.965   -15.322 -5.694  1.00 51.55  ? 22  THR B O   1 
ATOM   947  C CB  . THR B 1 22  ? -1.372  -17.513 -5.296  1.00 44.71  ? 22  THR B CB  1 
ATOM   948  O OG1 . THR B 1 22  ? -2.766  -17.756 -5.084  1.00 46.04  ? 22  THR B OG1 1 
ATOM   949  C CG2 . THR B 1 22  ? -0.562  -18.667 -4.699  1.00 48.48  ? 22  THR B CG2 1 
ATOM   950  N N   . LYS B 1 23  ? 1.227   -16.393 -3.755  1.00 42.60  ? 23  LYS B N   1 
ATOM   951  C CA  . LYS B 1 23  ? 2.658   -16.192 -3.779  1.00 40.66  ? 23  LYS B CA  1 
ATOM   952  C C   . LYS B 1 23  ? 3.313   -17.529 -3.494  1.00 44.09  ? 23  LYS B C   1 
ATOM   953  O O   . LYS B 1 23  ? 2.880   -18.252 -2.599  1.00 48.76  ? 23  LYS B O   1 
ATOM   954  C CB  . LYS B 1 23  ? 3.055   -15.152 -2.732  1.00 47.44  ? 23  LYS B CB  1 
ATOM   955  C CG  . LYS B 1 23  ? 3.656   -13.861 -3.298  1.00 49.61  ? 23  LYS B CG  1 
ATOM   956  C CD  . LYS B 1 23  ? 2.700   -13.116 -4.222  1.00 46.36  ? 23  LYS B CD  1 
ATOM   957  C CE  . LYS B 1 23  ? 3.479   -12.207 -5.181  1.00 44.92  ? 23  LYS B CE  1 
ATOM   958  N NZ  . LYS B 1 23  ? 4.595   -11.493 -4.497  1.00 43.14  ? 23  LYS B NZ  1 
ATOM   959  N N   . THR B 1 24  ? 4.326   -17.878 -4.283  1.00 43.08  ? 24  THR B N   1 
ATOM   960  C CA  . THR B 1 24  ? 5.095   -19.091 -4.036  1.00 42.78  ? 24  THR B CA  1 
ATOM   961  C C   . THR B 1 24  ? 6.400   -18.659 -3.394  1.00 43.15  ? 24  THR B C   1 
ATOM   962  O O   . THR B 1 24  ? 6.853   -19.245 -2.413  1.00 46.23  ? 24  THR B O   1 
ATOM   963  C CB  . THR B 1 24  ? 5.351   -19.900 -5.333  1.00 42.74  ? 24  THR B CB  1 
ATOM   964  O OG1 . THR B 1 24  ? 6.079   -19.103 -6.276  1.00 48.80  ? 24  THR B OG1 1 
ATOM   965  C CG2 . THR B 1 24  ? 4.043   -20.320 -5.954  1.00 36.05  ? 24  THR B CG2 1 
ATOM   966  N N   . THR B 1 25  ? 6.987   -17.611 -3.949  1.00 42.56  ? 25  THR B N   1 
ATOM   967  C CA  . THR B 1 25  ? 8.199   -17.020 -3.410  1.00 44.71  ? 25  THR B CA  1 
ATOM   968  C C   . THR B 1 25  ? 7.867   -15.599 -2.938  1.00 44.71  ? 25  THR B C   1 
ATOM   969  O O   . THR B 1 25  ? 6.894   -15.010 -3.405  1.00 45.46  ? 25  THR B O   1 
ATOM   970  C CB  . THR B 1 25  ? 9.272   -16.974 -4.509  1.00 52.32  ? 25  THR B CB  1 
ATOM   971  O OG1 . THR B 1 25  ? 10.370  -16.155 -4.087  1.00 60.00  ? 25  THR B OG1 1 
ATOM   972  C CG2 . THR B 1 25  ? 8.677   -16.425 -5.827  1.00 43.43  ? 25  THR B CG2 1 
ATOM   973  N N   . ALA B 1 26  ? 8.658   -15.046 -2.025  1.00 44.36  ? 26  ALA B N   1 
ATOM   974  C CA  . ALA B 1 26  ? 8.418   -13.685 -1.538  1.00 41.71  ? 26  ALA B CA  1 
ATOM   975  C C   . ALA B 1 26  ? 9.641   -13.137 -0.832  1.00 46.00  ? 26  ALA B C   1 
ATOM   976  O O   . ALA B 1 26  ? 10.445  -13.905 -0.306  1.00 50.25  ? 26  ALA B O   1 
ATOM   977  C CB  . ALA B 1 26  ? 7.242   -13.667 -0.591  1.00 42.44  ? 26  ALA B CB  1 
ATOM   978  N N   . THR B 1 27  ? 9.778   -11.814 -0.798  1.00 43.37  ? 27  THR B N   1 
ATOM   979  C CA  . THR B 1 27  ? 10.872  -11.203 -0.044  1.00 46.63  ? 27  THR B CA  1 
ATOM   980  C C   . THR B 1 27  ? 10.404  -10.900 1.367   1.00 44.06  ? 27  THR B C   1 
ATOM   981  O O   . THR B 1 27  ? 9.343   -10.307 1.548   1.00 46.52  ? 27  THR B O   1 
ATOM   982  C CB  . THR B 1 27  ? 11.353  -9.900  -0.674  1.00 44.65  ? 27  THR B CB  1 
ATOM   983  O OG1 . THR B 1 27  ? 11.680  -10.124 -2.051  1.00 48.03  ? 27  THR B OG1 1 
ATOM   984  C CG2 . THR B 1 27  ? 12.575  -9.381  0.076   1.00 42.46  ? 27  THR B CG2 1 
ATOM   985  N N   . ASP B 1 28  ? 11.182  -11.302 2.367   1.00 44.53  ? 28  ASP B N   1 
ATOM   986  C CA  . ASP B 1 28  ? 10.740  -11.167 3.753   1.00 44.65  ? 28  ASP B CA  1 
ATOM   987  C C   . ASP B 1 28  ? 11.038  -9.760  4.274   1.00 45.27  ? 28  ASP B C   1 
ATOM   988  O O   . ASP B 1 28  ? 11.533  -8.929  3.513   1.00 46.70  ? 28  ASP B O   1 
ATOM   989  C CB  . ASP B 1 28  ? 11.297  -12.309 4.634   1.00 49.24  ? 28  ASP B CB  1 
ATOM   990  C CG  . ASP B 1 28  ? 12.525  -11.915 5.440   1.00 55.54  ? 28  ASP B CG  1 
ATOM   991  O OD1 . ASP B 1 28  ? 13.478  -11.334 4.873   1.00 54.27  ? 28  ASP B OD1 1 
ATOM   992  O OD2 . ASP B 1 28  ? 12.539  -12.209 6.658   1.00 58.77  ? 28  ASP B OD2 1 
ATOM   993  N N   . ILE B 1 29  ? 10.707  -9.470  5.535   1.00 46.61  ? 29  ILE B N   1 
ATOM   994  C CA  . ILE B 1 29  ? 10.875  -8.105  6.055   1.00 49.14  ? 29  ILE B CA  1 
ATOM   995  C C   . ILE B 1 29  ? 12.347  -7.787  6.336   1.00 52.24  ? 29  ILE B C   1 
ATOM   996  O O   . ILE B 1 29  ? 12.755  -6.614  6.342   1.00 49.46  ? 29  ILE B O   1 
ATOM   997  C CB  . ILE B 1 29  ? 9.989   -7.817  7.314   1.00 45.72  ? 29  ILE B CB  1 
ATOM   998  C CG1 . ILE B 1 29  ? 9.850   -6.304  7.531   1.00 42.75  ? 29  ILE B CG1 1 
ATOM   999  C CG2 . ILE B 1 29  ? 10.541  -8.504  8.574   1.00 43.93  ? 29  ILE B CG2 1 
ATOM   1000 C CD1 . ILE B 1 29  ? 9.023   -5.898  8.735   1.00 36.57  ? 29  ILE B CD1 1 
ATOM   1001 N N   . LYS B 1 30  ? 13.136  -8.837  6.553   1.00 53.49  ? 30  LYS B N   1 
ATOM   1002 C CA  . LYS B 1 30  ? 14.557  -8.674  6.842   1.00 58.97  ? 30  LYS B CA  1 
ATOM   1003 C C   . LYS B 1 30  ? 15.440  -8.739  5.589   1.00 56.71  ? 30  LYS B C   1 
ATOM   1004 O O   . LYS B 1 30  ? 16.661  -8.725  5.697   1.00 58.62  ? 30  LYS B O   1 
ATOM   1005 C CB  . LYS B 1 30  ? 15.020  -9.682  7.913   1.00 53.64  ? 30  LYS B CB  1 
ATOM   1006 C CG  . LYS B 1 30  ? 14.461  -9.379  9.311   1.00 52.49  ? 30  LYS B CG  1 
ATOM   1007 C CD  . LYS B 1 30  ? 14.811  -10.443 10.348  1.00 52.08  ? 30  LYS B CD  1 
ATOM   1008 C CE  . LYS B 1 30  ? 14.035  -10.204 11.642  1.00 45.46  ? 30  LYS B CE  1 
ATOM   1009 N NZ  . LYS B 1 30  ? 14.285  -11.239 12.684  1.00 43.72  ? 30  LYS B NZ  1 
ATOM   1010 N N   . GLY B 1 31  ? 14.822  -8.795  4.408   1.00 53.74  ? 31  GLY B N   1 
ATOM   1011 C CA  . GLY B 1 31  ? 15.566  -8.871  3.159   1.00 50.00  ? 31  GLY B CA  1 
ATOM   1012 C C   . GLY B 1 31  ? 15.634  -10.245 2.483   1.00 54.32  ? 31  GLY B C   1 
ATOM   1013 O O   . GLY B 1 31  ? 15.794  -10.326 1.260   1.00 49.89  ? 31  GLY B O   1 
ATOM   1014 N N   . ASN B 1 32  ? 15.525  -11.324 3.261   1.00 51.75  ? 32  ASN B N   1 
ATOM   1015 C CA  . ASN B 1 32  ? 15.625  -12.682 2.717   1.00 50.35  ? 32  ASN B CA  1 
ATOM   1016 C C   . ASN B 1 32  ? 14.545  -13.020 1.701   1.00 52.23  ? 32  ASN B C   1 
ATOM   1017 O O   . ASN B 1 32  ? 13.411  -12.562 1.832   1.00 52.42  ? 32  ASN B O   1 
ATOM   1018 C CB  . ASN B 1 32  ? 15.543  -13.721 3.834   1.00 51.70  ? 32  ASN B CB  1 
ATOM   1019 C CG  . ASN B 1 32  ? 16.087  -13.212 5.150   1.00 59.86  ? 32  ASN B CG  1 
ATOM   1020 O OD1 . ASN B 1 32  ? 16.755  -12.175 5.202   1.00 64.59  ? 32  ASN B OD1 1 
ATOM   1021 N ND2 . ASN B 1 32  ? 15.814  -13.949 6.227   1.00 53.52  ? 32  ASN B ND2 1 
ATOM   1022 N N   . THR B 1 33  ? 14.889  -13.826 0.694   1.00 54.87  ? 33  THR B N   1 
ATOM   1023 C CA  . THR B 1 33  ? 13.869  -14.434 -0.162  1.00 53.56  ? 33  THR B CA  1 
ATOM   1024 C C   . THR B 1 33  ? 13.404  -15.731 0.475   1.00 55.17  ? 33  THR B C   1 
ATOM   1025 O O   . THR B 1 33  ? 14.213  -16.615 0.775   1.00 52.70  ? 33  THR B O   1 
ATOM   1026 C CB  . THR B 1 33  ? 14.337  -14.688 -1.609  1.00 55.31  ? 33  THR B CB  1 
ATOM   1027 O OG1 . THR B 1 33  ? 14.008  -13.551 -2.418  1.00 57.62  ? 33  THR B OG1 1 
ATOM   1028 C CG2 . THR B 1 33  ? 13.626  -15.903 -2.195  1.00 66.36  ? 33  THR B CG2 1 
ATOM   1029 N N   . VAL B 1 34  ? 12.094  -15.818 0.702   1.00 54.10  ? 34  VAL B N   1 
ATOM   1030 C CA  . VAL B 1 34  ? 11.497  -16.967 1.363   1.00 50.37  ? 34  VAL B CA  1 
ATOM   1031 C C   . VAL B 1 34  ? 10.347  -17.516 0.520   1.00 48.31  ? 34  VAL B C   1 
ATOM   1032 O O   . VAL B 1 34  ? 9.917   -16.891 -0.452  1.00 46.84  ? 34  VAL B O   1 
ATOM   1033 C CB  . VAL B 1 34  ? 11.022  -16.616 2.789   1.00 46.09  ? 34  VAL B CB  1 
ATOM   1034 C CG1 . VAL B 1 34  ? 9.697   -15.882 2.750   1.00 45.21  ? 34  VAL B CG1 1 
ATOM   1035 C CG2 . VAL B 1 34  ? 10.923  -17.877 3.654   1.00 52.76  ? 34  VAL B CG2 1 
ATOM   1036 N N   . THR B 1 35  ? 9.871   -18.698 0.879   1.00 44.71  ? 35  THR B N   1 
ATOM   1037 C CA  . THR B 1 35  ? 8.816   -19.331 0.123   1.00 44.00  ? 35  THR B CA  1 
ATOM   1038 C C   . THR B 1 35  ? 7.522   -19.324 0.943   1.00 44.13  ? 35  THR B C   1 
ATOM   1039 O O   . THR B 1 35  ? 7.512   -19.636 2.138   1.00 42.06  ? 35  THR B O   1 
ATOM   1040 C CB  . THR B 1 35  ? 9.250   -20.751 -0.363  1.00 46.81  ? 35  THR B CB  1 
ATOM   1041 O OG1 . THR B 1 35  ? 8.118   -21.509 -0.811  1.00 49.63  ? 35  THR B OG1 1 
ATOM   1042 C CG2 . THR B 1 35  ? 9.972   -21.504 0.742   1.00 48.28  ? 35  THR B CG2 1 
ATOM   1043 N N   . VAL B 1 36  ? 6.439   -18.918 0.297   1.00 41.87  ? 36  VAL B N   1 
ATOM   1044 C CA  . VAL B 1 36  ? 5.145   -18.842 0.949   1.00 42.55  ? 36  VAL B CA  1 
ATOM   1045 C C   . VAL B 1 36  ? 4.447   -20.184 0.833   1.00 40.05  ? 36  VAL B C   1 
ATOM   1046 O O   . VAL B 1 36  ? 4.596   -20.874 -0.175  1.00 40.93  ? 36  VAL B O   1 
ATOM   1047 C CB  . VAL B 1 36  ? 4.265   -17.792 0.273   1.00 45.42  ? 36  VAL B CB  1 
ATOM   1048 C CG1 . VAL B 1 36  ? 2.997   -17.562 1.078   1.00 39.31  ? 36  VAL B CG1 1 
ATOM   1049 C CG2 . VAL B 1 36  ? 5.041   -16.490 0.085   1.00 44.85  ? 36  VAL B CG2 1 
ATOM   1050 N N   . MET B 1 37  ? 3.690   -20.556 1.859   1.00 35.33  ? 37  MET B N   1 
ATOM   1051 C CA  . MET B 1 37  ? 2.866   -21.754 1.801   1.00 39.31  ? 37  MET B CA  1 
ATOM   1052 C C   . MET B 1 37  ? 1.810   -21.722 0.716   1.00 39.78  ? 37  MET B C   1 
ATOM   1053 O O   . MET B 1 37  ? 1.438   -20.658 0.219   1.00 44.37  ? 37  MET B O   1 
ATOM   1054 C CB  . MET B 1 37  ? 2.112   -21.929 3.103   1.00 45.03  ? 37  MET B CB  1 
ATOM   1055 C CG  . MET B 1 37  ? 2.246   -23.304 3.667   1.00 48.75  ? 37  MET B CG  1 
ATOM   1056 S SD  . MET B 1 37  ? 3.818   -23.343 4.515   1.00 45.84  ? 37  MET B SD  1 
ATOM   1057 C CE  . MET B 1 37  ? 3.729   -25.019 5.067   1.00 47.27  ? 37  MET B CE  1 
ATOM   1058 N N   . GLU B 1 38  ? 1.313   -22.905 0.378   1.00 40.16  ? 38  GLU B N   1 
ATOM   1059 C CA  . GLU B 1 38  ? 0.112   -23.038 -0.438  1.00 45.09  ? 38  GLU B CA  1 
ATOM   1060 C C   . GLU B 1 38  ? -1.102  -22.703 0.432   1.00 44.32  ? 38  GLU B C   1 
ATOM   1061 O O   . GLU B 1 38  ? -1.873  -21.791 0.117   1.00 42.66  ? 38  GLU B O   1 
ATOM   1062 C CB  . GLU B 1 38  ? 0.014   -24.467 -0.995  1.00 43.86  ? 38  GLU B CB  1 
ATOM   1063 C CG  . GLU B 1 38  ? -1.301  -24.842 -1.667  1.00 45.52  ? 38  GLU B CG  1 
ATOM   1064 C CD  . GLU B 1 38  ? -1.490  -24.184 -3.028  1.00 52.60  ? 38  GLU B CD  1 
ATOM   1065 O OE1 . GLU B 1 38  ? -0.538  -23.521 -3.504  1.00 57.26  ? 38  GLU B OE1 1 
ATOM   1066 O OE2 . GLU B 1 38  ? -2.592  -24.330 -3.624  1.00 44.89  ? 38  GLU B OE2 1 
ATOM   1067 N N   . ASN B 1 39  ? -1.239  -23.428 1.541   1.00 41.48  ? 39  ASN B N   1 
ATOM   1068 C CA  . ASN B 1 39  ? -2.373  -23.257 2.433   1.00 38.13  ? 39  ASN B CA  1 
ATOM   1069 C C   . ASN B 1 39  ? -1.966  -22.951 3.861   1.00 40.03  ? 39  ASN B C   1 
ATOM   1070 O O   . ASN B 1 39  ? -0.874  -23.303 4.298   1.00 43.13  ? 39  ASN B O   1 
ATOM   1071 C CB  . ASN B 1 39  ? -3.222  -24.529 2.470   1.00 39.62  ? 39  ASN B CB  1 
ATOM   1072 C CG  . ASN B 1 39  ? -3.483  -25.094 1.101   1.00 45.95  ? 39  ASN B CG  1 
ATOM   1073 O OD1 . ASN B 1 39  ? -4.185  -24.484 0.289   1.00 46.57  ? 39  ASN B OD1 1 
ATOM   1074 N ND2 . ASN B 1 39  ? -2.928  -26.276 0.831   1.00 48.79  ? 39  ASN B ND2 1 
ATOM   1075 N N   . VAL B 1 40  ? -2.873  -22.308 4.587   1.00 37.38  ? 40  VAL B N   1 
ATOM   1076 C CA  . VAL B 1 40  ? -2.802  -22.211 6.037   1.00 38.55  ? 40  VAL B CA  1 
ATOM   1077 C C   . VAL B 1 40  ? -3.771  -23.243 6.605   1.00 45.01  ? 40  VAL B C   1 
ATOM   1078 O O   . VAL B 1 40  ? -4.980  -23.192 6.333   1.00 42.58  ? 40  VAL B O   1 
ATOM   1079 C CB  . VAL B 1 40  ? -3.191  -20.798 6.534   1.00 35.45  ? 40  VAL B CB  1 
ATOM   1080 C CG1 . VAL B 1 40  ? -3.574  -20.815 8.006   1.00 37.81  ? 40  VAL B CG1 1 
ATOM   1081 C CG2 . VAL B 1 40  ? -2.053  -19.828 6.301   1.00 35.85  ? 40  VAL B CG2 1 
ATOM   1082 N N   . ASN B 1 41  ? -3.244  -24.199 7.363   1.00 50.66  ? 41  ASN B N   1 
ATOM   1083 C CA  . ASN B 1 41  ? -4.079  -25.255 7.917   1.00 46.91  ? 41  ASN B CA  1 
ATOM   1084 C C   . ASN B 1 41  ? -4.387  -24.944 9.363   1.00 50.30  ? 41  ASN B C   1 
ATOM   1085 O O   . ASN B 1 41  ? -3.608  -25.286 10.255  1.00 56.21  ? 41  ASN B O   1 
ATOM   1086 C CB  . ASN B 1 41  ? -3.373  -26.604 7.802   1.00 48.28  ? 41  ASN B CB  1 
ATOM   1087 C CG  . ASN B 1 41  ? -4.305  -27.778 8.046   1.00 55.50  ? 41  ASN B CG  1 
ATOM   1088 O OD1 . ASN B 1 41  ? -5.208  -27.715 8.879   1.00 55.82  ? 41  ASN B OD1 1 
ATOM   1089 N ND2 . ASN B 1 41  ? -4.086  -28.860 7.312   1.00 57.41  ? 41  ASN B ND2 1 
ATOM   1090 N N   . LEU B 1 42  ? -5.521  -24.291 9.597   1.00 48.95  ? 42  LEU B N   1 
ATOM   1091 C CA  . LEU B 1 42  ? -5.937  -23.980 10.962  1.00 53.15  ? 42  LEU B CA  1 
ATOM   1092 C C   . LEU B 1 42  ? -6.551  -25.190 11.680  1.00 60.00  ? 42  LEU B C   1 
ATOM   1093 O O   . LEU B 1 42  ? -5.873  -26.188 11.949  1.00 63.19  ? 42  LEU B O   1 
ATOM   1094 C CB  . LEU B 1 42  ? -6.902  -22.781 11.001  1.00 53.37  ? 42  LEU B CB  1 
ATOM   1095 C CG  . LEU B 1 42  ? -6.278  -21.385 10.971  1.00 52.15  ? 42  LEU B CG  1 
ATOM   1096 C CD1 . LEU B 1 42  ? -7.118  -20.372 11.751  1.00 43.77  ? 42  LEU B CD1 1 
ATOM   1097 C CD2 . LEU B 1 42  ? -4.857  -21.447 11.512  1.00 51.89  ? 42  LEU B CD2 1 
ATOM   1098 N N   . ASP B 1 43  ? -7.836  -25.088 11.991  1.00 60.69  ? 43  ASP B N   1 
ATOM   1099 C CA  . ASP B 1 43  ? -8.517  -26.068 12.831  1.00 63.28  ? 43  ASP B CA  1 
ATOM   1100 C C   . ASP B 1 43  ? -9.010  -27.267 12.026  1.00 62.93  ? 43  ASP B C   1 
ATOM   1101 O O   . ASP B 1 43  ? -10.156 -27.695 12.171  1.00 61.88  ? 43  ASP B O   1 
ATOM   1102 C CB  . ASP B 1 43  ? -9.691  -25.379 13.525  1.00 75.90  ? 43  ASP B CB  1 
ATOM   1103 C CG  . ASP B 1 43  ? -10.110 -24.095 12.818  1.00 64.70  ? 43  ASP B CG  1 
ATOM   1104 O OD1 . ASP B 1 43  ? -10.799 -23.263 13.444  1.00 68.49  ? 43  ASP B OD1 1 
ATOM   1105 O OD2 . ASP B 1 43  ? -9.742  -23.919 11.637  1.00 63.46  ? 43  ASP B OD2 1 
ATOM   1106 N N   . ASN B 1 44  ? -8.119  -27.815 11.203  1.00 56.30  ? 44  ASN B N   1 
ATOM   1107 C CA  . ASN B 1 44  ? -8.488  -28.724 10.115  1.00 56.30  ? 44  ASN B CA  1 
ATOM   1108 C C   . ASN B 1 44  ? -9.360  -28.031 9.047   1.00 53.10  ? 44  ASN B C   1 
ATOM   1109 O O   . ASN B 1 44  ? -10.034 -28.682 8.244   1.00 51.42  ? 44  ASN B O   1 
ATOM   1110 C CB  . ASN B 1 44  ? -9.121  -30.028 10.630  1.00 59.82  ? 44  ASN B CB  1 
ATOM   1111 C CG  . ASN B 1 44  ? -8.332  -31.276 10.211  1.00 60.20  ? 44  ASN B CG  1 
ATOM   1112 O OD1 . ASN B 1 44  ? -7.131  -31.202 9.912   1.00 53.35  ? 44  ASN B OD1 1 
ATOM   1113 N ND2 . ASN B 1 44  ? -9.009  -32.427 10.187  1.00 48.31  ? 44  ASN B ND2 1 
ATOM   1114 N N   . LYS B 1 45  ? -9.344  -26.701 9.057   1.00 50.93  ? 45  LYS B N   1 
ATOM   1115 C CA  . LYS B 1 45  ? -9.873  -25.917 7.953   1.00 46.61  ? 45  LYS B CA  1 
ATOM   1116 C C   . LYS B 1 45  ? -8.661  -25.374 7.230   1.00 46.12  ? 45  LYS B C   1 
ATOM   1117 O O   . LYS B 1 45  ? -7.660  -25.012 7.867   1.00 48.04  ? 45  LYS B O   1 
ATOM   1118 C CB  . LYS B 1 45  ? -10.715 -24.747 8.458   1.00 47.60  ? 45  LYS B CB  1 
ATOM   1119 C CG  . LYS B 1 45  ? -11.961 -25.144 9.233   1.00 52.43  ? 45  LYS B CG  1 
ATOM   1120 C CD  . LYS B 1 45  ? -13.147 -25.363 8.302   1.00 54.74  ? 45  LYS B CD  1 
ATOM   1121 C CE  . LYS B 1 45  ? -14.389 -24.598 8.762   1.00 59.32  ? 45  LYS B CE  1 
ATOM   1122 N NZ  . LYS B 1 45  ? -14.271 -23.114 8.556   1.00 60.16  ? 45  LYS B NZ  1 
ATOM   1123 N N   . VAL B 1 46  ? -8.719  -25.316 5.906   1.00 41.34  ? 46  VAL B N   1 
ATOM   1124 C CA  . VAL B 1 46  ? -7.536  -24.868 5.176   1.00 42.13  ? 46  VAL B CA  1 
ATOM   1125 C C   . VAL B 1 46  ? -7.817  -23.757 4.202   1.00 40.23  ? 46  VAL B C   1 
ATOM   1126 O O   . VAL B 1 46  ? -8.828  -23.765 3.494   1.00 44.80  ? 46  VAL B O   1 
ATOM   1127 C CB  . VAL B 1 46  ? -6.862  -26.012 4.457   1.00 44.21  ? 46  VAL B CB  1 
ATOM   1128 C CG1 . VAL B 1 46  ? -6.410  -27.018 5.485   1.00 46.40  ? 46  VAL B CG1 1 
ATOM   1129 C CG2 . VAL B 1 46  ? -7.832  -26.646 3.464   1.00 46.92  ? 46  VAL B CG2 1 
ATOM   1130 N N   . TYR B 1 47  ? -6.900  -22.800 4.162   1.00 34.62  ? 47  TYR B N   1 
ATOM   1131 C CA  . TYR B 1 47  ? -7.139  -21.584 3.424   1.00 33.94  ? 47  TYR B CA  1 
ATOM   1132 C C   . TYR B 1 47  ? -5.896  -21.225 2.637   1.00 34.38  ? 47  TYR B C   1 
ATOM   1133 O O   . TYR B 1 47  ? -4.797  -21.216 3.196   1.00 36.67  ? 47  TYR B O   1 
ATOM   1134 C CB  . TYR B 1 47  ? -7.446  -20.459 4.412   1.00 38.06  ? 47  TYR B CB  1 
ATOM   1135 C CG  . TYR B 1 47  ? -8.529  -20.758 5.428   1.00 35.55  ? 47  TYR B CG  1 
ATOM   1136 C CD1 . TYR B 1 47  ? -8.211  -21.240 6.680   1.00 37.08  ? 47  TYR B CD1 1 
ATOM   1137 C CD2 . TYR B 1 47  ? -9.866  -20.521 5.141   1.00 37.87  ? 47  TYR B CD2 1 
ATOM   1138 C CE1 . TYR B 1 47  ? -9.197  -21.489 7.620   1.00 42.41  ? 47  TYR B CE1 1 
ATOM   1139 C CE2 . TYR B 1 47  ? -10.848 -20.768 6.067   1.00 41.12  ? 47  TYR B CE2 1 
ATOM   1140 C CZ  . TYR B 1 47  ? -10.505 -21.255 7.305   1.00 43.18  ? 47  TYR B CZ  1 
ATOM   1141 O OH  . TYR B 1 47  ? -11.481 -21.508 8.237   1.00 52.62  ? 47  TYR B OH  1 
ATOM   1142 N N   . LYS B 1 48  ? -6.054  -20.926 1.348   1.00 28.94  ? 48  LYS B N   1 
ATOM   1143 C CA  . LYS B 1 48  ? -4.933  -20.403 0.579   1.00 30.86  ? 48  LYS B CA  1 
ATOM   1144 C C   . LYS B 1 48  ? -4.576  -19.007 1.090   1.00 29.73  ? 48  LYS B C   1 
ATOM   1145 O O   . LYS B 1 48  ? -5.337  -18.389 1.834   1.00 31.88  ? 48  LYS B O   1 
ATOM   1146 C CB  . LYS B 1 48  ? -5.275  -20.306 -0.896  1.00 32.49  ? 48  LYS B CB  1 
ATOM   1147 C CG  . LYS B 1 48  ? -5.457  -21.615 -1.612  1.00 33.47  ? 48  LYS B CG  1 
ATOM   1148 C CD  . LYS B 1 48  ? -4.871  -21.453 -3.008  1.00 39.38  ? 48  LYS B CD  1 
ATOM   1149 C CE  . LYS B 1 48  ? -5.734  -22.106 -4.053  1.00 42.69  ? 48  LYS B CE  1 
ATOM   1150 N NZ  . LYS B 1 48  ? -5.328  -21.624 -5.402  1.00 40.69  ? 48  LYS B NZ  1 
ATOM   1151 N N   . GLU B 1 49  ? -3.425  -18.497 0.684   1.00 29.14  ? 49  GLU B N   1 
ATOM   1152 C CA  . GLU B 1 49  ? -3.051  -17.169 1.113   1.00 29.33  ? 49  GLU B CA  1 
ATOM   1153 C C   . GLU B 1 49  ? -3.200  -16.207 -0.038  1.00 34.40  ? 49  GLU B C   1 
ATOM   1154 O O   . GLU B 1 49  ? -2.448  -16.265 -1.021  1.00 36.00  ? 49  GLU B O   1 
ATOM   1155 C CB  . GLU B 1 49  ? -1.636  -17.155 1.695   1.00 31.89  ? 49  GLU B CB  1 
ATOM   1156 C CG  . GLU B 1 49  ? -1.576  -17.770 3.092   1.00 32.80  ? 49  GLU B CG  1 
ATOM   1157 C CD  . GLU B 1 49  ? -0.164  -17.924 3.611   1.00 35.03  ? 49  GLU B CD  1 
ATOM   1158 O OE1 . GLU B 1 49  ? 0.644   -18.631 2.961   1.00 34.43  ? 49  GLU B OE1 1 
ATOM   1159 O OE2 . GLU B 1 49  ? 0.144   -17.341 4.674   1.00 38.34  ? 49  GLU B OE2 1 
ATOM   1160 N N   . TYR B 1 50  ? -4.198  -15.333 0.081   1.00 39.05  ? 50  TYR B N   1 
ATOM   1161 C CA  . TYR B 1 50  ? -4.449  -14.320 -0.937  1.00 35.93  ? 50  TYR B CA  1 
ATOM   1162 C C   . TYR B 1 50  ? -3.867  -12.995 -0.504  1.00 32.36  ? 50  TYR B C   1 
ATOM   1163 O O   . TYR B 1 50  ? -3.985  -12.605 0.662   1.00 33.63  ? 50  TYR B O   1 
ATOM   1164 C CB  . TYR B 1 50  ? -5.946  -14.183 -1.207  1.00 35.66  ? 50  TYR B CB  1 
ATOM   1165 C CG  . TYR B 1 50  ? -6.538  -15.417 -1.831  1.00 34.43  ? 50  TYR B CG  1 
ATOM   1166 C CD1 . TYR B 1 50  ? -6.303  -15.708 -3.161  1.00 33.97  ? 50  TYR B CD1 1 
ATOM   1167 C CD2 . TYR B 1 50  ? -7.313  -16.301 -1.087  1.00 32.09  ? 50  TYR B CD2 1 
ATOM   1168 C CE1 . TYR B 1 50  ? -6.826  -16.840 -3.745  1.00 30.07  ? 50  TYR B CE1 1 
ATOM   1169 C CE2 . TYR B 1 50  ? -7.843  -17.433 -1.662  1.00 31.77  ? 50  TYR B CE2 1 
ATOM   1170 C CZ  . TYR B 1 50  ? -7.591  -17.701 -2.995  1.00 32.12  ? 50  TYR B CZ  1 
ATOM   1171 O OH  . TYR B 1 50  ? -8.101  -18.836 -3.596  1.00 37.20  ? 50  TYR B OH  1 
ATOM   1172 N N   . PHE B 1 51  ? -3.228  -12.310 -1.443  1.00 34.95  ? 51  PHE B N   1 
ATOM   1173 C CA  . PHE B 1 51  ? -2.640  -11.013 -1.154  1.00 35.78  ? 51  PHE B CA  1 
ATOM   1174 C C   . PHE B 1 51  ? -3.097  -10.010 -2.188  1.00 37.67  ? 51  PHE B C   1 
ATOM   1175 O O   . PHE B 1 51  ? -3.150  -10.318 -3.383  1.00 39.76  ? 51  PHE B O   1 
ATOM   1176 C CB  . PHE B 1 51  ? -1.119  -11.104 -1.167  1.00 32.09  ? 51  PHE B CB  1 
ATOM   1177 C CG  . PHE B 1 51  ? -0.587  -12.210 -0.328  1.00 36.57  ? 51  PHE B CG  1 
ATOM   1178 C CD1 . PHE B 1 51  ? -0.426  -12.037 1.034   1.00 33.70  ? 51  PHE B CD1 1 
ATOM   1179 C CD2 . PHE B 1 51  ? -0.254  -13.436 -0.900  1.00 42.32  ? 51  PHE B CD2 1 
ATOM   1180 C CE1 . PHE B 1 51  ? 0.063   -13.056 1.818   1.00 35.18  ? 51  PHE B CE1 1 
ATOM   1181 C CE2 . PHE B 1 51  ? 0.234   -14.472 -0.119  1.00 38.53  ? 51  PHE B CE2 1 
ATOM   1182 C CZ  . PHE B 1 51  ? 0.394   -14.277 1.246   1.00 35.94  ? 51  PHE B CZ  1 
ATOM   1183 N N   . PHE B 1 52  ? -3.433  -8.815  -1.720  1.00 37.31  ? 52  PHE B N   1 
ATOM   1184 C CA  . PHE B 1 52  ? -3.811  -7.715  -2.590  1.00 35.09  ? 52  PHE B CA  1 
ATOM   1185 C C   . PHE B 1 52  ? -2.548  -6.929  -2.950  1.00 35.73  ? 52  PHE B C   1 
ATOM   1186 O O   . PHE B 1 52  ? -2.001  -6.199  -2.108  1.00 37.77  ? 52  PHE B O   1 
ATOM   1187 C CB  . PHE B 1 52  ? -4.814  -6.840  -1.846  1.00 34.77  ? 52  PHE B CB  1 
ATOM   1188 C CG  . PHE B 1 52  ? -5.454  -5.783  -2.690  1.00 33.03  ? 52  PHE B CG  1 
ATOM   1189 C CD1 . PHE B 1 52  ? -6.198  -6.123  -3.811  1.00 35.93  ? 52  PHE B CD1 1 
ATOM   1190 C CD2 . PHE B 1 52  ? -5.345  -4.450  -2.342  1.00 31.96  ? 52  PHE B CD2 1 
ATOM   1191 C CE1 . PHE B 1 52  ? -6.800  -5.142  -4.589  1.00 36.32  ? 52  PHE B CE1 1 
ATOM   1192 C CE2 . PHE B 1 52  ? -5.942  -3.471  -3.108  1.00 35.15  ? 52  PHE B CE2 1 
ATOM   1193 C CZ  . PHE B 1 52  ? -6.675  -3.818  -4.235  1.00 38.13  ? 52  PHE B CZ  1 
ATOM   1194 N N   . GLU B 1 53  ? -2.065  -7.103  -4.182  1.00 34.36  ? 53  GLU B N   1 
ATOM   1195 C CA  . GLU B 1 53  ? -0.893  -6.357  -4.648  1.00 35.62  ? 53  GLU B CA  1 
ATOM   1196 C C   . GLU B 1 53  ? -1.263  -5.377  -5.748  1.00 35.90  ? 53  GLU B C   1 
ATOM   1197 O O   . GLU B 1 53  ? -2.099  -5.660  -6.615  1.00 34.93  ? 53  GLU B O   1 
ATOM   1198 C CB  . GLU B 1 53  ? 0.234   -7.288  -5.132  1.00 40.19  ? 53  GLU B CB  1 
ATOM   1199 C CG  . GLU B 1 53  ? 0.260   -7.586  -6.640  1.00 41.09  ? 53  GLU B CG  1 
ATOM   1200 C CD  . GLU B 1 53  ? 1.355   -8.586  -7.032  1.00 45.24  ? 53  GLU B CD  1 
ATOM   1201 O OE1 . GLU B 1 53  ? 2.273   -8.849  -6.216  1.00 43.71  ? 53  GLU B OE1 1 
ATOM   1202 O OE2 . GLU B 1 53  ? 1.292   -9.112  -8.164  1.00 49.21  ? 53  GLU B OE2 1 
ATOM   1203 N N   . THR B 1 54  ? -0.639  -4.210  -5.691  1.00 36.79  ? 54  THR B N   1 
ATOM   1204 C CA  . THR B 1 54  ? -0.812  -3.194  -6.712  1.00 38.37  ? 54  THR B CA  1 
ATOM   1205 C C   . THR B 1 54  ? 0.552   -2.905  -7.308  1.00 40.93  ? 54  THR B C   1 
ATOM   1206 O O   . THR B 1 54  ? 1.519   -2.709  -6.574  1.00 43.27  ? 54  THR B O   1 
ATOM   1207 C CB  . THR B 1 54  ? -1.339  -1.906  -6.115  1.00 39.18  ? 54  THR B CB  1 
ATOM   1208 O OG1 . THR B 1 54  ? -2.511  -2.181  -5.333  1.00 39.11  ? 54  THR B OG1 1 
ATOM   1209 C CG2 . THR B 1 54  ? -1.646  -0.907  -7.225  1.00 40.15  ? 54  THR B CG2 1 
ATOM   1210 N N   . LYS B 1 55  ? 0.633   -2.878  -8.633  1.00 41.25  ? 55  LYS B N   1 
ATOM   1211 C CA  . LYS B 1 55  ? 1.892   -2.600  -9.319  1.00 41.69  ? 55  LYS B CA  1 
ATOM   1212 C C   . LYS B 1 55  ? 1.702   -1.416  -10.260 1.00 43.37  ? 55  LYS B C   1 
ATOM   1213 O O   . LYS B 1 55  ? 0.565   -1.060  -10.587 1.00 42.13  ? 55  LYS B O   1 
ATOM   1214 C CB  . LYS B 1 55  ? 2.316   -3.821  -10.140 1.00 37.82  ? 55  LYS B CB  1 
ATOM   1215 C CG  . LYS B 1 55  ? 2.919   -4.982  -9.359  1.00 38.61  ? 55  LYS B CG  1 
ATOM   1216 C CD  . LYS B 1 55  ? 2.978   -6.233  -10.254 1.00 37.56  ? 55  LYS B CD  1 
ATOM   1217 C CE  . LYS B 1 55  ? 3.916   -7.302  -9.707  1.00 45.51  ? 55  LYS B CE  1 
ATOM   1218 N NZ  . LYS B 1 55  ? 5.329   -6.815  -9.580  1.00 42.50  ? 55  LYS B NZ  1 
ATOM   1219 N N   . CYS B 1 56  ? 2.801   -0.810  -10.703 1.00 42.02  ? 56  CYS B N   1 
ATOM   1220 C CA  . CYS B 1 56  ? 2.725   0.151   -11.796 1.00 38.79  ? 56  CYS B CA  1 
ATOM   1221 C C   . CYS B 1 56  ? 2.546   -0.661  -13.073 1.00 46.21  ? 56  CYS B C   1 
ATOM   1222 O O   . CYS B 1 56  ? 2.980   -1.813  -13.133 1.00 51.93  ? 56  CYS B O   1 
ATOM   1223 C CB  . CYS B 1 56  ? 4.025   0.949   -11.896 1.00 39.24  ? 56  CYS B CB  1 
ATOM   1224 S SG  . CYS B 1 56  ? 4.756   1.445   -10.327 1.00 52.47  ? 56  CYS B SG  1 
ATOM   1225 N N   . LYS B 1 57  ? 1.926   -0.088  -14.100 1.00 45.41  ? 57  LYS B N   1 
ATOM   1226 C CA  . LYS B 1 57  ? 1.924   -0.747  -15.410 1.00 48.56  ? 57  LYS B CA  1 
ATOM   1227 C C   . LYS B 1 57  ? 3.001   -0.159  -16.321 1.00 45.47  ? 57  LYS B C   1 
ATOM   1228 O O   . LYS B 1 57  ? 3.214   -0.632  -17.444 1.00 48.14  ? 57  LYS B O   1 
ATOM   1229 C CB  . LYS B 1 57  ? 0.549   -0.631  -16.077 1.00 45.45  ? 57  LYS B CB  1 
ATOM   1230 C CG  . LYS B 1 57  ? 0.028   0.781   -16.129 1.00 45.57  ? 57  LYS B CG  1 
ATOM   1231 C CD  . LYS B 1 57  ? -1.340  0.843   -16.783 1.00 54.25  ? 57  LYS B CD  1 
ATOM   1232 C CE  . LYS B 1 57  ? -1.269  0.524   -18.265 1.00 53.48  ? 57  LYS B CE  1 
ATOM   1233 N NZ  . LYS B 1 57  ? -2.574  0.796   -18.933 1.00 53.83  ? 57  LYS B NZ  1 
ATOM   1234 N N   . ASN B 1 58  ? 3.684   0.864   -15.823 1.00 43.04  ? 58  ASN B N   1 
ATOM   1235 C CA  . ASN B 1 58  ? 4.528   1.712   -16.659 1.00 44.75  ? 58  ASN B CA  1 
ATOM   1236 C C   . ASN B 1 58  ? 5.423   2.547   -15.796 1.00 45.76  ? 58  ASN B C   1 
ATOM   1237 O O   . ASN B 1 58  ? 4.939   3.403   -15.056 1.00 49.70  ? 58  ASN B O   1 
ATOM   1238 C CB  . ASN B 1 58  ? 3.660   2.692   -17.441 1.00 47.47  ? 58  ASN B CB  1 
ATOM   1239 C CG  . ASN B 1 58  ? 3.368   2.225   -18.826 1.00 50.47  ? 58  ASN B CG  1 
ATOM   1240 O OD1 . ASN B 1 58  ? 2.237   1.852   -19.143 1.00 48.79  ? 58  ASN B OD1 1 
ATOM   1241 N ND2 . ASN B 1 58  ? 4.386   2.252   -19.678 1.00 54.37  ? 58  ASN B ND2 1 
ATOM   1242 N N   . PRO B 1 59  ? 6.731   2.337   -15.900 1.00 44.14  ? 59  PRO B N   1 
ATOM   1243 C CA  . PRO B 1 59  ? 7.681   3.192   -15.172 1.00 45.64  ? 59  PRO B CA  1 
ATOM   1244 C C   . PRO B 1 59  ? 7.571   4.667   -15.616 1.00 45.99  ? 59  PRO B C   1 
ATOM   1245 O O   . PRO B 1 59  ? 7.897   5.581   -14.856 1.00 47.02  ? 59  PRO B O   1 
ATOM   1246 C CB  . PRO B 1 59  ? 9.051   2.598   -15.543 1.00 42.95  ? 59  PRO B CB  1 
ATOM   1247 C CG  . PRO B 1 59  ? 8.815   1.815   -16.805 1.00 41.59  ? 59  PRO B CG  1 
ATOM   1248 C CD  . PRO B 1 59  ? 7.390   1.322   -16.733 1.00 41.47  ? 59  PRO B CD  1 
ATOM   1249 N N   . ASN B 1 60  ? 7.121   4.879   -16.850 1.00 46.88  ? 60  ASN B N   1 
ATOM   1250 C CA  . ASN B 1 60  ? 6.811   6.208   -17.341 1.00 45.76  ? 60  ASN B CA  1 
ATOM   1251 C C   . ASN B 1 60  ? 5.597   6.121   -18.242 1.00 47.42  ? 60  ASN B C   1 
ATOM   1252 O O   . ASN B 1 60  ? 5.691   5.622   -19.361 1.00 50.41  ? 60  ASN B O   1 
ATOM   1253 C CB  . ASN B 1 60  ? 7.996   6.812   -18.099 1.00 48.02  ? 60  ASN B CB  1 
ATOM   1254 C CG  . ASN B 1 60  ? 9.179   5.876   -18.161 1.00 46.63  ? 60  ASN B CG  1 
ATOM   1255 O OD1 . ASN B 1 60  ? 9.056   4.761   -18.670 1.00 45.40  ? 60  ASN B OD1 1 
ATOM   1256 N ND2 . ASN B 1 60  ? 10.333  6.316   -17.646 1.00 40.82  ? 60  ASN B ND2 1 
ATOM   1257 N N   . PRO B 1 61  ? 4.447   6.596   -17.739 1.00 48.28  ? 61  PRO B N   1 
ATOM   1258 C CA  . PRO B 1 61  ? 3.150   6.659   -18.425 1.00 48.32  ? 61  PRO B CA  1 
ATOM   1259 C C   . PRO B 1 61  ? 3.114   7.749   -19.484 1.00 50.00  ? 61  PRO B C   1 
ATOM   1260 O O   . PRO B 1 61  ? 2.211   7.758   -20.318 1.00 55.06  ? 61  PRO B O   1 
ATOM   1261 C CB  . PRO B 1 61  ? 2.179   7.028   -17.297 1.00 48.37  ? 61  PRO B CB  1 
ATOM   1262 C CG  . PRO B 1 61  ? 3.016   7.750   -16.296 1.00 45.17  ? 61  PRO B CG  1 
ATOM   1263 C CD  . PRO B 1 61  ? 4.356   7.071   -16.347 1.00 47.67  ? 61  PRO B CD  1 
ATOM   1264 N N   . GLU B 1 62  ? 4.069   8.671   -19.424 1.00 50.43  ? 62  GLU B N   1 
ATOM   1265 C CA  . GLU B 1 62  ? 4.226   9.700   -20.447 1.00 46.47  ? 62  GLU B CA  1 
ATOM   1266 C C   . GLU B 1 62  ? 5.689   9.716   -20.825 1.00 49.18  ? 62  GLU B C   1 
ATOM   1267 O O   . GLU B 1 62  ? 6.533   9.226   -20.059 1.00 49.29  ? 62  GLU B O   1 
ATOM   1268 C CB  . GLU B 1 62  ? 3.811   11.063  -19.910 1.00 45.05  ? 62  GLU B CB  1 
ATOM   1269 C CG  . GLU B 1 62  ? 2.376   11.107  -19.445 1.00 47.77  ? 62  GLU B CG  1 
ATOM   1270 C CD  . GLU B 1 62  ? 1.556   12.114  -20.204 1.00 51.30  ? 62  GLU B CD  1 
ATOM   1271 O OE1 . GLU B 1 62  ? 0.360   11.845  -20.444 1.00 51.42  ? 62  GLU B OE1 1 
ATOM   1272 O OE2 . GLU B 1 62  ? 2.107   13.181  -20.551 1.00 55.33  ? 62  GLU B OE2 1 
ATOM   1273 N N   . PRO B 1 63  ? 6.002   10.259  -22.012 1.00 45.61  ? 63  PRO B N   1 
ATOM   1274 C CA  . PRO B 1 63  ? 7.396   10.197  -22.459 1.00 46.39  ? 63  PRO B CA  1 
ATOM   1275 C C   . PRO B 1 63  ? 8.296   10.935  -21.478 1.00 48.93  ? 63  PRO B C   1 
ATOM   1276 O O   . PRO B 1 63  ? 9.448   10.565  -21.283 1.00 50.43  ? 63  PRO B O   1 
ATOM   1277 C CB  . PRO B 1 63  ? 7.360   10.930  -23.802 1.00 49.16  ? 63  PRO B CB  1 
ATOM   1278 C CG  . PRO B 1 63  ? 5.928   10.777  -24.291 1.00 46.95  ? 63  PRO B CG  1 
ATOM   1279 C CD  . PRO B 1 63  ? 5.114   10.865  -23.027 1.00 45.60  ? 63  PRO B CD  1 
ATOM   1280 N N   . SER B 1 64  ? 7.736   11.951  -20.837 1.00 52.92  ? 64  SER B N   1 
ATOM   1281 C CA  . SER B 1 64  ? 8.477   12.816  -19.934 1.00 52.44  ? 64  SER B CA  1 
ATOM   1282 C C   . SER B 1 64  ? 8.743   12.191  -18.557 1.00 52.57  ? 64  SER B C   1 
ATOM   1283 O O   . SER B 1 64  ? 9.519   12.732  -17.763 1.00 54.75  ? 64  SER B O   1 
ATOM   1284 C CB  . SER B 1 64  ? 7.689   14.113  -19.780 1.00 50.66  ? 64  SER B CB  1 
ATOM   1285 O OG  . SER B 1 64  ? 6.716   14.205  -20.815 1.00 55.07  ? 64  SER B OG  1 
ATOM   1286 N N   . GLY B 1 65  ? 8.111   11.052  -18.284 1.00 48.87  ? 65  GLY B N   1 
ATOM   1287 C CA  . GLY B 1 65  ? 8.129   10.456  -16.953 1.00 46.47  ? 65  GLY B CA  1 
ATOM   1288 C C   . GLY B 1 65  ? 6.714   10.327  -16.399 1.00 43.31  ? 65  GLY B C   1 
ATOM   1289 O O   . GLY B 1 65  ? 5.821   9.827   -17.096 1.00 45.93  ? 65  GLY B O   1 
ATOM   1290 N N   . CYS B 1 66  ? 6.492   10.777  -15.164 1.00 41.53  ? 66  CYS B N   1 
ATOM   1291 C CA  . CYS B 1 66  ? 5.137   10.770  -14.582 1.00 40.10  ? 66  CYS B CA  1 
ATOM   1292 C C   . CYS B 1 66  ? 4.264   11.871  -15.181 1.00 39.11  ? 66  CYS B C   1 
ATOM   1293 O O   . CYS B 1 66  ? 4.766   12.879  -15.676 1.00 41.06  ? 66  CYS B O   1 
ATOM   1294 C CB  . CYS B 1 66  ? 5.176   10.957  -13.059 1.00 33.96  ? 66  CYS B CB  1 
ATOM   1295 S SG  . CYS B 1 66  ? 6.460   10.034  -12.198 1.00 39.96  ? 66  CYS B SG  1 
ATOM   1296 N N   . ARG B 1 67  ? 2.956   11.683  -15.113 1.00 38.79  ? 67  ARG B N   1 
ATOM   1297 C CA  . ARG B 1 67  ? 1.998   12.658  -15.637 1.00 40.82  ? 67  ARG B CA  1 
ATOM   1298 C C   . ARG B 1 67  ? 2.023   13.984  -14.863 1.00 40.22  ? 67  ARG B C   1 
ATOM   1299 O O   . ARG B 1 67  ? 2.206   13.998  -13.645 1.00 40.22  ? 67  ARG B O   1 
ATOM   1300 C CB  . ARG B 1 67  ? 0.587   12.059  -15.589 1.00 39.75  ? 67  ARG B CB  1 
ATOM   1301 C CG  . ARG B 1 67  ? -0.396  12.634  -16.587 1.00 41.50  ? 67  ARG B CG  1 
ATOM   1302 C CD  . ARG B 1 67  ? -0.911  11.525  -17.472 1.00 42.99  ? 67  ARG B CD  1 
ATOM   1303 N NE  . ARG B 1 67  ? -1.397  10.390  -16.693 1.00 46.78  ? 67  ARG B NE  1 
ATOM   1304 C CZ  . ARG B 1 67  ? -1.540  9.154   -17.168 1.00 49.31  ? 67  ARG B CZ  1 
ATOM   1305 N NH1 . ARG B 1 67  ? -1.218  8.874   -18.425 1.00 53.08  ? 67  ARG B NH1 1 
ATOM   1306 N NH2 . ARG B 1 67  ? -1.996  8.189   -16.384 1.00 46.66  ? 67  ARG B NH2 1 
ATOM   1307 N N   . GLY B 1 68  ? 1.847   15.097  -15.575 1.00 41.07  ? 68  GLY B N   1 
ATOM   1308 C CA  . GLY B 1 68  ? 1.698   16.407  -14.948 1.00 40.62  ? 68  GLY B CA  1 
ATOM   1309 C C   . GLY B 1 68  ? 2.957   17.064  -14.404 1.00 38.52  ? 68  GLY B C   1 
ATOM   1310 O O   . GLY B 1 68  ? 2.908   18.162  -13.839 1.00 40.91  ? 68  GLY B O   1 
ATOM   1311 N N   . ILE B 1 69  ? 4.091   16.399  -14.581 1.00 34.99  ? 69  ILE B N   1 
ATOM   1312 C CA  . ILE B 1 69  ? 5.336   16.882  -14.005 1.00 40.31  ? 69  ILE B CA  1 
ATOM   1313 C C   . ILE B 1 69  ? 5.979   18.011  -14.817 1.00 44.80  ? 69  ILE B C   1 
ATOM   1314 O O   . ILE B 1 69  ? 6.043   17.942  -16.052 1.00 44.47  ? 69  ILE B O   1 
ATOM   1315 C CB  . ILE B 1 69  ? 6.320   15.729  -13.872 1.00 40.67  ? 69  ILE B CB  1 
ATOM   1316 C CG1 . ILE B 1 69  ? 5.772   14.712  -12.868 1.00 39.99  ? 69  ILE B CG1 1 
ATOM   1317 C CG2 . ILE B 1 69  ? 7.695   16.237  -13.469 1.00 40.40  ? 69  ILE B CG2 1 
ATOM   1318 C CD1 . ILE B 1 69  ? 6.539   14.647  -11.547 1.00 35.77  ? 69  ILE B CD1 1 
ATOM   1319 N N   . ASP B 1 70  ? 6.441   19.048  -14.118 1.00 43.48  ? 70  ASP B N   1 
ATOM   1320 C CA  . ASP B 1 70  ? 7.238   20.102  -14.735 1.00 47.57  ? 70  ASP B CA  1 
ATOM   1321 C C   . ASP B 1 70  ? 8.545   19.464  -15.149 1.00 49.30  ? 70  ASP B C   1 
ATOM   1322 O O   . ASP B 1 70  ? 9.516   19.465  -14.384 1.00 51.25  ? 70  ASP B O   1 
ATOM   1323 C CB  . ASP B 1 70  ? 7.505   21.237  -13.741 1.00 48.65  ? 70  ASP B CB  1 
ATOM   1324 C CG  . ASP B 1 70  ? 8.338   22.354  -14.340 1.00 51.57  ? 70  ASP B CG  1 
ATOM   1325 O OD1 . ASP B 1 70  ? 8.275   22.551  -15.576 1.00 52.85  ? 70  ASP B OD1 1 
ATOM   1326 O OD2 . ASP B 1 70  ? 9.055   23.031  -13.574 1.00 55.92  ? 70  ASP B OD2 1 
ATOM   1327 N N   . SER B 1 71  ? 8.564   18.912  -16.359 1.00 47.35  ? 71  SER B N   1 
ATOM   1328 C CA  . SER B 1 71  ? 9.691   18.108  -16.809 1.00 47.27  ? 71  SER B CA  1 
ATOM   1329 C C   . SER B 1 71  ? 10.908  18.975  -17.034 1.00 53.59  ? 71  SER B C   1 
ATOM   1330 O O   . SER B 1 71  ? 12.031  18.467  -17.082 1.00 55.54  ? 71  SER B O   1 
ATOM   1331 C CB  . SER B 1 71  ? 9.347   17.339  -18.084 1.00 44.20  ? 71  SER B CB  1 
ATOM   1332 O OG  . SER B 1 71  ? 8.996   18.215  -19.133 1.00 47.61  ? 71  SER B OG  1 
ATOM   1333 N N   . SER B 1 72  ? 10.685  20.284  -17.161 1.00 52.38  ? 72  SER B N   1 
ATOM   1334 C CA  . SER B 1 72  ? 11.775  21.215  -17.450 1.00 52.73  ? 72  SER B CA  1 
ATOM   1335 C C   . SER B 1 72  ? 12.754  21.281  -16.281 1.00 55.61  ? 72  SER B C   1 
ATOM   1336 O O   . SER B 1 72  ? 13.961  21.473  -16.469 1.00 58.69  ? 72  SER B O   1 
ATOM   1337 C CB  . SER B 1 72  ? 11.231  22.612  -17.762 1.00 54.86  ? 72  SER B CB  1 
ATOM   1338 O OG  . SER B 1 72  ? 10.800  23.281  -16.587 1.00 55.30  ? 72  SER B OG  1 
ATOM   1339 N N   . HIS B 1 73  ? 12.235  21.104  -15.070 1.00 53.38  ? 73  HIS B N   1 
ATOM   1340 C CA  . HIS B 1 73  ? 13.069  21.243  -13.889 1.00 56.71  ? 73  HIS B CA  1 
ATOM   1341 C C   . HIS B 1 73  ? 13.272  19.908  -13.188 1.00 59.34  ? 73  HIS B C   1 
ATOM   1342 O O   . HIS B 1 73  ? 14.145  19.795  -12.330 1.00 60.72  ? 73  HIS B O   1 
ATOM   1343 C CB  . HIS B 1 73  ? 12.464  22.263  -12.922 1.00 57.00  ? 73  HIS B CB  1 
ATOM   1344 C CG  . HIS B 1 73  ? 12.420  23.660  -13.456 1.00 60.69  ? 73  HIS B CG  1 
ATOM   1345 N ND1 . HIS B 1 73  ? 12.765  23.979  -14.757 1.00 63.16  ? 73  HIS B ND1 1 
ATOM   1346 C CD2 . HIS B 1 73  ? 12.076  24.831  -12.869 1.00 63.38  ? 73  HIS B CD2 1 
ATOM   1347 C CE1 . HIS B 1 73  ? 12.632  25.276  -14.943 1.00 64.43  ? 73  HIS B CE1 1 
ATOM   1348 N NE2 . HIS B 1 73  ? 12.213  25.821  -13.811 1.00 63.04  ? 73  HIS B NE2 1 
ATOM   1349 N N   . TRP B 1 74  ? 12.478  18.904  -13.567 1.00 55.81  ? 74  TRP B N   1 
ATOM   1350 C CA  . TRP B 1 74  ? 12.452  17.626  -12.850 1.00 54.30  ? 74  TRP B CA  1 
ATOM   1351 C C   . TRP B 1 74  ? 12.449  16.393  -13.742 1.00 51.59  ? 74  TRP B C   1 
ATOM   1352 O O   . TRP B 1 74  ? 11.669  16.307  -14.695 1.00 50.50  ? 74  TRP B O   1 
ATOM   1353 C CB  . TRP B 1 74  ? 11.189  17.540  -12.010 1.00 52.22  ? 74  TRP B CB  1 
ATOM   1354 C CG  . TRP B 1 74  ? 11.037  18.589  -10.964 1.00 56.42  ? 74  TRP B CG  1 
ATOM   1355 C CD1 . TRP B 1 74  ? 10.303  19.749  -11.048 1.00 52.99  ? 74  TRP B CD1 1 
ATOM   1356 C CD2 . TRP B 1 74  ? 11.599  18.561  -9.647  1.00 57.77  ? 74  TRP B CD2 1 
ATOM   1357 N NE1 . TRP B 1 74  ? 10.391  20.441  -9.861  1.00 56.29  ? 74  TRP B NE1 1 
ATOM   1358 C CE2 . TRP B 1 74  ? 11.178  19.735  -8.985  1.00 58.50  ? 74  TRP B CE2 1 
ATOM   1359 C CE3 . TRP B 1 74  ? 12.426  17.658  -8.966  1.00 58.70  ? 74  TRP B CE3 1 
ATOM   1360 C CZ2 . TRP B 1 74  ? 11.560  20.027  -7.668  1.00 63.13  ? 74  TRP B CZ2 1 
ATOM   1361 C CZ3 . TRP B 1 74  ? 12.801  17.953  -7.656  1.00 59.21  ? 74  TRP B CZ3 1 
ATOM   1362 C CH2 . TRP B 1 74  ? 12.370  19.126  -7.027  1.00 62.63  ? 74  TRP B CH2 1 
ATOM   1363 N N   . ASN B 1 75  ? 13.285  15.416  -13.404 1.00 50.33  ? 75  ASN B N   1 
ATOM   1364 C CA  . ASN B 1 75  ? 13.157  14.098  -14.017 1.00 53.37  ? 75  ASN B CA  1 
ATOM   1365 C C   . ASN B 1 75  ? 12.268  13.200  -13.152 1.00 50.84  ? 75  ASN B C   1 
ATOM   1366 O O   . ASN B 1 75  ? 12.331  13.272  -11.923 1.00 52.72  ? 75  ASN B O   1 
ATOM   1367 C CB  . ASN B 1 75  ? 14.530  13.457  -14.230 1.00 55.68  ? 75  ASN B CB  1 
ATOM   1368 C CG  . ASN B 1 75  ? 15.267  14.044  -15.416 1.00 49.33  ? 75  ASN B CG  1 
ATOM   1369 O OD1 . ASN B 1 75  ? 16.360  14.584  -15.271 1.00 45.50  ? 75  ASN B OD1 1 
ATOM   1370 N ND2 . ASN B 1 75  ? 14.668  13.938  -16.604 1.00 47.62  ? 75  ASN B ND2 1 
ATOM   1371 N N   . SER B 1 76  ? 11.451  12.360  -13.787 1.00 46.63  ? 76  SER B N   1 
ATOM   1372 C CA  . SER B 1 76  ? 10.437  11.597  -13.066 1.00 45.38  ? 76  SER B CA  1 
ATOM   1373 C C   . SER B 1 76  ? 10.203  10.199  -13.624 1.00 47.28  ? 76  SER B C   1 
ATOM   1374 O O   . SER B 1 76  ? 10.380  9.952   -14.818 1.00 48.94  ? 76  SER B O   1 
ATOM   1375 C CB  . SER B 1 76  ? 9.109   12.342  -13.092 1.00 44.20  ? 76  SER B CB  1 
ATOM   1376 O OG  . SER B 1 76  ? 8.568   12.301  -14.401 1.00 44.89  ? 76  SER B OG  1 
ATOM   1377 N N   . TYR B 1 77  ? 9.787   9.296   -12.735 1.00 47.78  ? 77  TYR B N   1 
ATOM   1378 C CA  . TYR B 1 77  ? 9.394   7.937   -13.092 1.00 43.06  ? 77  TYR B CA  1 
ATOM   1379 C C   . TYR B 1 77  ? 8.566   7.359   -11.948 1.00 45.37  ? 77  TYR B C   1 
ATOM   1380 O O   . TYR B 1 77  ? 8.777   7.732   -10.784 1.00 45.02  ? 77  TYR B O   1 
ATOM   1381 C CB  . TYR B 1 77  ? 10.625  7.080   -13.342 1.00 41.58  ? 77  TYR B CB  1 
ATOM   1382 C CG  . TYR B 1 77  ? 11.396  6.698   -12.098 1.00 42.22  ? 77  TYR B CG  1 
ATOM   1383 C CD1 . TYR B 1 77  ? 12.191  7.618   -11.425 1.00 42.93  ? 77  TYR B CD1 1 
ATOM   1384 C CD2 . TYR B 1 77  ? 11.360  5.400   -11.622 1.00 42.41  ? 77  TYR B CD2 1 
ATOM   1385 C CE1 . TYR B 1 77  ? 12.911  7.245   -10.291 1.00 44.97  ? 77  TYR B CE1 1 
ATOM   1386 C CE2 . TYR B 1 77  ? 12.077  5.026   -10.508 1.00 40.28  ? 77  TYR B CE2 1 
ATOM   1387 C CZ  . TYR B 1 77  ? 12.839  5.943   -9.840  1.00 42.51  ? 77  TYR B CZ  1 
ATOM   1388 O OH  . TYR B 1 77  ? 13.525  5.537   -8.718  1.00 42.52  ? 77  TYR B OH  1 
ATOM   1389 N N   . CYS B 1 78  ? 7.624   6.471   -12.272 1.00 44.31  ? 78  CYS B N   1 
ATOM   1390 C CA  . CYS B 1 78  ? 6.756   5.865   -11.256 1.00 42.46  ? 78  CYS B CA  1 
ATOM   1391 C C   . CYS B 1 78  ? 7.195   4.440   -10.864 1.00 42.01  ? 78  CYS B C   1 
ATOM   1392 O O   . CYS B 1 78  ? 7.479   3.618   -11.728 1.00 43.29  ? 78  CYS B O   1 
ATOM   1393 C CB  . CYS B 1 78  ? 5.288   5.892   -11.718 1.00 44.44  ? 78  CYS B CB  1 
ATOM   1394 S SG  . CYS B 1 78  ? 4.202   7.244   -10.994 1.00 45.65  ? 78  CYS B SG  1 
ATOM   1395 N N   . THR B 1 79  ? 7.244   4.151   -9.562  1.00 41.61  ? 79  THR B N   1 
ATOM   1396 C CA  . THR B 1 79  ? 7.698   2.838   -9.061  1.00 39.65  ? 79  THR B CA  1 
ATOM   1397 C C   . THR B 1 79  ? 6.824   2.331   -7.926  1.00 38.29  ? 79  THR B C   1 
ATOM   1398 O O   . THR B 1 79  ? 6.219   3.137   -7.216  1.00 36.64  ? 79  THR B O   1 
ATOM   1399 C CB  . THR B 1 79  ? 9.133   2.922   -8.542  1.00 40.18  ? 79  THR B CB  1 
ATOM   1400 O OG1 . THR B 1 79  ? 9.951   3.449   -9.580  1.00 53.31  ? 79  THR B OG1 1 
ATOM   1401 C CG2 . THR B 1 79  ? 9.684   1.537   -8.132  1.00 33.52  ? 79  THR B CG2 1 
ATOM   1402 N N   . GLU B 1 80  ? 6.760   1.007   -7.754  1.00 40.05  ? 80  GLU B N   1 
ATOM   1403 C CA  . GLU B 1 80  ? 6.003   0.393   -6.656  1.00 36.20  ? 80  GLU B CA  1 
ATOM   1404 C C   . GLU B 1 80  ? 6.581   0.735   -5.297  1.00 37.43  ? 80  GLU B C   1 
ATOM   1405 O O   . GLU B 1 80  ? 7.777   1.050   -5.167  1.00 32.74  ? 80  GLU B O   1 
ATOM   1406 C CB  . GLU B 1 80  ? 5.949   -1.133  -6.775  1.00 37.43  ? 80  GLU B CB  1 
ATOM   1407 C CG  . GLU B 1 80  ? 5.352   -1.665  -8.073  1.00 42.59  ? 80  GLU B CG  1 
ATOM   1408 C CD  . GLU B 1 80  ? 6.316   -1.553  -9.239  1.00 39.63  ? 80  GLU B CD  1 
ATOM   1409 O OE1 . GLU B 1 80  ? 5.833   -1.468  -10.388 1.00 40.46  ? 80  GLU B OE1 1 
ATOM   1410 O OE2 . GLU B 1 80  ? 7.551   -1.545  -9.003  1.00 38.13  ? 80  GLU B OE2 1 
ATOM   1411 N N   . THR B 1 81  ? 5.705   0.682   -4.295  1.00 38.19  ? 81  THR B N   1 
ATOM   1412 C CA  . THR B 1 81  ? 6.094   0.743   -2.890  1.00 35.13  ? 81  THR B CA  1 
ATOM   1413 C C   . THR B 1 81  ? 5.582   -0.515  -2.204  1.00 36.81  ? 81  THR B C   1 
ATOM   1414 O O   . THR B 1 81  ? 4.619   -1.139  -2.659  1.00 35.25  ? 81  THR B O   1 
ATOM   1415 C CB  . THR B 1 81  ? 5.544   1.994   -2.182  1.00 36.60  ? 81  THR B CB  1 
ATOM   1416 O OG1 . THR B 1 81  ? 4.112   2.049   -2.317  1.00 41.95  ? 81  THR B OG1 1 
ATOM   1417 C CG2 . THR B 1 81  ? 6.169   3.251   -2.763  1.00 32.73  ? 81  THR B CG2 1 
ATOM   1418 N N   . ASP B 1 82  ? 6.223   -0.890  -1.108  1.00 40.40  ? 82  ASP B N   1 
ATOM   1419 C CA  . ASP B 1 82  ? 5.881   -2.140  -0.444  1.00 37.53  ? 82  ASP B CA  1 
ATOM   1420 C C   . ASP B 1 82  ? 5.086   -1.938  0.852   1.00 37.09  ? 82  ASP B C   1 
ATOM   1421 O O   . ASP B 1 82  ? 5.285   -0.952  1.579   1.00 35.14  ? 82  ASP B O   1 
ATOM   1422 C CB  . ASP B 1 82  ? 7.158   -2.949  -0.149  1.00 34.96  ? 82  ASP B CB  1 
ATOM   1423 C CG  . ASP B 1 82  ? 7.841   -3.475  -1.415  1.00 39.09  ? 82  ASP B CG  1 
ATOM   1424 O OD1 . ASP B 1 82  ? 7.146   -3.666  -2.436  1.00 40.01  ? 82  ASP B OD1 1 
ATOM   1425 O OD2 . ASP B 1 82  ? 9.074   -3.715  -1.377  1.00 40.93  ? 82  ASP B OD2 1 
ATOM   1426 N N   . THR B 1 83  ? 4.182   -2.877  1.129   1.00 39.91  ? 83  THR B N   1 
ATOM   1427 C CA  . THR B 1 83  ? 3.583   -2.996  2.462   1.00 38.96  ? 83  THR B CA  1 
ATOM   1428 C C   . THR B 1 83  ? 4.136   -4.259  3.124   1.00 37.29  ? 83  THR B C   1 
ATOM   1429 O O   . THR B 1 83  ? 4.900   -5.008  2.507   1.00 36.72  ? 83  THR B O   1 
ATOM   1430 C CB  . THR B 1 83  ? 2.049   -3.061  2.408   1.00 35.08  ? 83  THR B CB  1 
ATOM   1431 O OG1 . THR B 1 83  ? 1.497   -2.767  3.701   1.00 38.25  ? 83  THR B OG1 1 
ATOM   1432 C CG2 . THR B 1 83  ? 1.598   -4.436  1.961   1.00 34.98  ? 83  THR B CG2 1 
ATOM   1433 N N   . PHE B 1 84  ? 3.761   -4.494  4.374   1.00 32.62  ? 84  PHE B N   1 
ATOM   1434 C CA  . PHE B 1 84  ? 4.253   -5.659  5.095   1.00 33.67  ? 84  PHE B CA  1 
ATOM   1435 C C   . PHE B 1 84  ? 3.086   -6.466  5.625   1.00 34.92  ? 84  PHE B C   1 
ATOM   1436 O O   . PHE B 1 84  ? 2.331   -5.984  6.477   1.00 34.25  ? 84  PHE B O   1 
ATOM   1437 C CB  . PHE B 1 84  ? 5.167   -5.227  6.248   1.00 35.45  ? 84  PHE B CB  1 
ATOM   1438 C CG  . PHE B 1 84  ? 6.405   -4.523  5.792   1.00 36.15  ? 84  PHE B CG  1 
ATOM   1439 C CD1 . PHE B 1 84  ? 7.455   -5.244  5.235   1.00 40.74  ? 84  PHE B CD1 1 
ATOM   1440 C CD2 . PHE B 1 84  ? 6.521   -3.143  5.904   1.00 36.00  ? 84  PHE B CD2 1 
ATOM   1441 C CE1 . PHE B 1 84  ? 8.608   -4.603  4.795   1.00 42.45  ? 84  PHE B CE1 1 
ATOM   1442 C CE2 . PHE B 1 84  ? 7.672   -2.488  5.470   1.00 38.46  ? 84  PHE B CE2 1 
ATOM   1443 C CZ  . PHE B 1 84  ? 8.718   -3.222  4.912   1.00 43.49  ? 84  PHE B CZ  1 
ATOM   1444 N N   . ILE B 1 85  ? 2.946   -7.693  5.124   1.00 32.86  ? 85  ILE B N   1 
ATOM   1445 C CA  . ILE B 1 85  ? 1.791   -8.540  5.427   1.00 29.47  ? 85  ILE B CA  1 
ATOM   1446 C C   . ILE B 1 85  ? 2.278   -9.852  6.032   1.00 30.16  ? 85  ILE B C   1 
ATOM   1447 O O   . ILE B 1 85  ? 3.276   -10.411 5.573   1.00 28.09  ? 85  ILE B O   1 
ATOM   1448 C CB  . ILE B 1 85  ? 0.958   -8.785  4.139   1.00 30.12  ? 85  ILE B CB  1 
ATOM   1449 C CG1 . ILE B 1 85  ? 0.395   -7.456  3.623   1.00 31.77  ? 85  ILE B CG1 1 
ATOM   1450 C CG2 . ILE B 1 85  ? -0.179  -9.785  4.373   1.00 31.04  ? 85  ILE B CG2 1 
ATOM   1451 C CD1 . ILE B 1 85  ? -0.377  -7.547  2.311   1.00 35.47  ? 85  ILE B CD1 1 
ATOM   1452 N N   . LYS B 1 86  ? 1.603   -10.336 7.074   1.00 30.73  ? 86  LYS B N   1 
ATOM   1453 C CA  . LYS B 1 86  ? 1.991   -11.609 7.687   1.00 30.40  ? 86  LYS B CA  1 
ATOM   1454 C C   . LYS B 1 86  ? 1.520   -12.772 6.830   1.00 32.26  ? 86  LYS B C   1 
ATOM   1455 O O   . LYS B 1 86  ? 0.320   -12.952 6.619   1.00 34.69  ? 86  LYS B O   1 
ATOM   1456 C CB  . LYS B 1 86  ? 1.393   -11.758 9.085   1.00 27.94  ? 86  LYS B CB  1 
ATOM   1457 C CG  . LYS B 1 86  ? 2.284   -12.493 10.054  1.00 29.56  ? 86  LYS B CG  1 
ATOM   1458 C CD  . LYS B 1 86  ? 2.503   -11.628 11.274  1.00 29.14  ? 86  LYS B CD  1 
ATOM   1459 C CE  . LYS B 1 86  ? 3.730   -12.015 12.052  1.00 29.37  ? 86  LYS B CE  1 
ATOM   1460 N NZ  . LYS B 1 86  ? 3.736   -11.370 13.409  1.00 35.81  ? 86  LYS B NZ  1 
ATOM   1461 N N   . ALA B 1 87  ? 2.458   -13.562 6.331   1.00 31.13  ? 87  ALA B N   1 
ATOM   1462 C CA  . ALA B 1 87  ? 2.087   -14.794 5.658   1.00 31.77  ? 87  ALA B CA  1 
ATOM   1463 C C   . ALA B 1 87  ? 2.758   -15.969 6.333   1.00 32.15  ? 87  ALA B C   1 
ATOM   1464 O O   . ALA B 1 87  ? 3.745   -15.799 7.059   1.00 34.90  ? 87  ALA B O   1 
ATOM   1465 C CB  . ALA B 1 87  ? 2.453   -14.744 4.193   1.00 34.33  ? 87  ALA B CB  1 
ATOM   1466 N N   . LEU B 1 88  ? 2.216   -17.157 6.091   1.00 34.04  ? 88  LEU B N   1 
ATOM   1467 C CA  . LEU B 1 88  ? 2.822   -18.403 6.556   1.00 34.79  ? 88  LEU B CA  1 
ATOM   1468 C C   . LEU B 1 88  ? 3.862   -18.886 5.541   1.00 38.13  ? 88  LEU B C   1 
ATOM   1469 O O   . LEU B 1 88  ? 3.535   -19.226 4.394   1.00 38.47  ? 88  LEU B O   1 
ATOM   1470 C CB  . LEU B 1 88  ? 1.757   -19.473 6.761   1.00 33.48  ? 88  LEU B CB  1 
ATOM   1471 C CG  . LEU B 1 88  ? 2.230   -20.683 7.561   1.00 35.03  ? 88  LEU B CG  1 
ATOM   1472 C CD1 . LEU B 1 88  ? 2.522   -20.255 8.995   1.00 32.74  ? 88  LEU B CD1 1 
ATOM   1473 C CD2 . LEU B 1 88  ? 1.206   -21.824 7.511   1.00 31.55  ? 88  LEU B CD2 1 
ATOM   1474 N N   . THR B 1 89  ? 5.119   -18.907 5.973   1.00 38.54  ? 89  THR B N   1 
ATOM   1475 C CA  . THR B 1 89  ? 6.222   -19.301 5.115   1.00 38.27  ? 89  THR B CA  1 
ATOM   1476 C C   . THR B 1 89  ? 6.807   -20.622 5.594   1.00 44.27  ? 89  THR B C   1 
ATOM   1477 O O   . THR B 1 89  ? 6.505   -21.090 6.698   1.00 43.33  ? 89  THR B O   1 
ATOM   1478 C CB  . THR B 1 89  ? 7.346   -18.289 5.213   1.00 42.37  ? 89  THR B CB  1 
ATOM   1479 O OG1 . THR B 1 89  ? 8.115   -18.545 6.405   1.00 42.42  ? 89  THR B OG1 1 
ATOM   1480 C CG2 . THR B 1 89  ? 6.782   -16.874 5.249   1.00 37.42  ? 89  THR B CG2 1 
ATOM   1481 N N   . MET B 1 90  ? 7.686   -21.190 4.778   1.00 48.20  ? 90  MET B N   1 
ATOM   1482 C CA  . MET B 1 90  ? 8.343   -22.444 5.100   1.00 45.34  ? 90  MET B CA  1 
ATOM   1483 C C   . MET B 1 90  ? 9.777   -22.420 4.609   1.00 50.30  ? 90  MET B C   1 
ATOM   1484 O O   . MET B 1 90  ? 10.128  -21.662 3.694   1.00 52.18  ? 90  MET B O   1 
ATOM   1485 C CB  . MET B 1 90  ? 7.631   -23.563 4.370   1.00 45.35  ? 90  MET B CB  1 
ATOM   1486 C CG  . MET B 1 90  ? 7.614   -23.300 2.870   1.00 50.19  ? 90  MET B CG  1 
ATOM   1487 S SD  . MET B 1 90  ? 6.424   -24.312 2.010   1.00 60.46  ? 90  MET B SD  1 
ATOM   1488 C CE  . MET B 1 90  ? 6.712   -25.874 2.846   1.00 53.27  ? 90  MET B CE  1 
ATOM   1489 N N   . GLU B 1 91  ? 10.608  -23.235 5.246   1.00 49.73  ? 91  GLU B N   1 
ATOM   1490 C CA  . GLU B 1 91  ? 11.845  -23.712 4.640   1.00 52.50  ? 91  GLU B CA  1 
ATOM   1491 C C   . GLU B 1 91  ? 11.975  -25.173 5.035   1.00 47.73  ? 91  GLU B C   1 
ATOM   1492 O O   . GLU B 1 91  ? 12.374  -25.494 6.156   1.00 46.89  ? 91  GLU B O   1 
ATOM   1493 C CB  . GLU B 1 91  ? 13.073  -22.879 5.048   1.00 56.29  ? 91  GLU B CB  1 
ATOM   1494 C CG  . GLU B 1 91  ? 13.021  -22.245 6.440   1.00 59.34  ? 91  GLU B CG  1 
ATOM   1495 C CD  . GLU B 1 91  ? 13.998  -21.079 6.593   1.00 72.09  ? 91  GLU B CD  1 
ATOM   1496 O OE1 . GLU B 1 91  ? 14.259  -20.375 5.591   1.00 81.94  ? 91  GLU B OE1 1 
ATOM   1497 O OE2 . GLU B 1 91  ? 14.505  -20.862 7.717   1.00 77.08  ? 91  GLU B OE2 1 
ATOM   1498 N N   . GLY B 1 92  ? 11.580  -26.052 4.118   1.00 48.57  ? 92  GLY B N   1 
ATOM   1499 C CA  . GLY B 1 92  ? 11.607  -27.486 4.355   1.00 44.72  ? 92  GLY B CA  1 
ATOM   1500 C C   . GLY B 1 92  ? 10.495  -27.984 5.260   1.00 47.84  ? 92  GLY B C   1 
ATOM   1501 O O   . GLY B 1 92  ? 9.316   -27.919 4.910   1.00 52.01  ? 92  GLY B O   1 
ATOM   1502 N N   . ASN B 1 93  ? 10.875  -28.495 6.426   1.00 46.95  ? 93  ASN B N   1 
ATOM   1503 C CA  . ASN B 1 93  ? 9.912   -28.995 7.393   1.00 50.47  ? 93  ASN B CA  1 
ATOM   1504 C C   . ASN B 1 93  ? 9.377   -27.902 8.332   1.00 47.90  ? 93  ASN B C   1 
ATOM   1505 O O   . ASN B 1 93  ? 8.397   -28.121 9.048   1.00 47.09  ? 93  ASN B O   1 
ATOM   1506 C CB  . ASN B 1 93  ? 10.543  -30.119 8.223   1.00 51.72  ? 93  ASN B CB  1 
ATOM   1507 C CG  . ASN B 1 93  ? 11.637  -29.606 9.162   1.00 61.28  ? 93  ASN B CG  1 
ATOM   1508 O OD1 . ASN B 1 93  ? 12.523  -28.853 8.742   1.00 54.85  ? 93  ASN B OD1 1 
ATOM   1509 N ND2 . ASN B 1 93  ? 11.569  -29.995 10.440  1.00 56.19  ? 93  ASN B ND2 1 
ATOM   1510 N N   . GLN B 1 94  ? 10.005  -26.726 8.321   1.00 46.72  ? 94  GLN B N   1 
ATOM   1511 C CA  . GLN B 1 94  ? 9.736   -25.721 9.356   1.00 47.96  ? 94  GLN B CA  1 
ATOM   1512 C C   . GLN B 1 94  ? 8.915   -24.500 8.924   1.00 44.51  ? 94  GLN B C   1 
ATOM   1513 O O   . GLN B 1 94  ? 9.459   -23.534 8.383   1.00 43.13  ? 94  GLN B O   1 
ATOM   1514 C CB  . GLN B 1 94  ? 11.049  -25.255 9.988   1.00 44.86  ? 94  GLN B CB  1 
ATOM   1515 C CG  . GLN B 1 94  ? 10.836  -24.464 11.242  1.00 40.97  ? 94  GLN B CG  1 
ATOM   1516 C CD  . GLN B 1 94  ? 9.916   -25.175 12.203  1.00 46.83  ? 94  GLN B CD  1 
ATOM   1517 O OE1 . GLN B 1 94  ? 8.942   -24.598 12.697  1.00 48.73  ? 94  GLN B OE1 1 
ATOM   1518 N NE2 . GLN B 1 94  ? 10.223  -26.440 12.482  1.00 45.38  ? 94  GLN B NE2 1 
ATOM   1519 N N   . ALA B 1 95  ? 7.615   -24.529 9.203   1.00 46.29  ? 95  ALA B N   1 
ATOM   1520 C CA  . ALA B 1 95  ? 6.727   -23.411 8.880   1.00 45.11  ? 95  ALA B CA  1 
ATOM   1521 C C   . ALA B 1 95  ? 6.796   -22.285 9.917   1.00 43.40  ? 95  ALA B C   1 
ATOM   1522 O O   . ALA B 1 95  ? 6.901   -22.535 11.126  1.00 44.02  ? 95  ALA B O   1 
ATOM   1523 C CB  . ALA B 1 95  ? 5.309   -23.895 8.743   1.00 43.95  ? 95  ALA B CB  1 
ATOM   1524 N N   . SER B 1 96  ? 6.718   -21.047 9.438   1.00 38.62  ? 96  SER B N   1 
ATOM   1525 C CA  . SER B 1 96  ? 6.724   -19.887 10.333  1.00 41.10  ? 96  SER B CA  1 
ATOM   1526 C C   . SER B 1 96  ? 5.990   -18.680 9.746   1.00 39.01  ? 96  SER B C   1 
ATOM   1527 O O   . SER B 1 96  ? 5.967   -18.483 8.519   1.00 36.98  ? 96  SER B O   1 
ATOM   1528 C CB  . SER B 1 96  ? 8.158   -19.508 10.726  1.00 41.66  ? 96  SER B CB  1 
ATOM   1529 O OG  . SER B 1 96  ? 8.933   -19.086 9.613   1.00 40.62  ? 96  SER B OG  1 
ATOM   1530 N N   . TRP B 1 97  ? 5.375   -17.889 10.624  1.00 35.99  ? 97  TRP B N   1 
ATOM   1531 C CA  . TRP B 1 97  ? 4.743   -16.637 10.206  1.00 33.99  ? 97  TRP B CA  1 
ATOM   1532 C C   . TRP B 1 97  ? 5.797   -15.534 10.150  1.00 35.01  ? 97  TRP B C   1 
ATOM   1533 O O   . TRP B 1 97  ? 6.595   -15.380 11.088  1.00 37.29  ? 97  TRP B O   1 
ATOM   1534 C CB  . TRP B 1 97  ? 3.623   -16.219 11.178  1.00 34.07  ? 97  TRP B CB  1 
ATOM   1535 C CG  . TRP B 1 97  ? 2.439   -17.148 11.216  1.00 30.99  ? 97  TRP B CG  1 
ATOM   1536 C CD1 . TRP B 1 97  ? 2.243   -18.193 12.078  1.00 31.08  ? 97  TRP B CD1 1 
ATOM   1537 C CD2 . TRP B 1 97  ? 1.289   -17.108 10.364  1.00 28.62  ? 97  TRP B CD2 1 
ATOM   1538 N NE1 . TRP B 1 97  ? 1.050   -18.808 11.803  1.00 30.97  ? 97  TRP B NE1 1 
ATOM   1539 C CE2 . TRP B 1 97  ? 0.439   -18.163 10.753  1.00 28.89  ? 97  TRP B CE2 1 
ATOM   1540 C CE3 . TRP B 1 97  ? 0.892   -16.285 9.304   1.00 29.71  ? 97  TRP B CE3 1 
ATOM   1541 C CZ2 . TRP B 1 97  ? -0.785  -18.420 10.123  1.00 27.67  ? 97  TRP B CZ2 1 
ATOM   1542 C CZ3 . TRP B 1 97  ? -0.323  -16.538 8.681   1.00 32.52  ? 97  TRP B CZ3 1 
ATOM   1543 C CH2 . TRP B 1 97  ? -1.141  -17.599 9.090   1.00 31.51  ? 97  TRP B CH2 1 
ATOM   1544 N N   . ARG B 1 98  ? 5.789   -14.765 9.059   1.00 33.02  ? 98  ARG B N   1 
ATOM   1545 C CA  . ARG B 1 98  ? 6.729   -13.659 8.881   1.00 33.29  ? 98  ARG B CA  1 
ATOM   1546 C C   . ARG B 1 98  ? 6.119   -12.557 8.040   1.00 34.82  ? 98  ARG B C   1 
ATOM   1547 O O   . ARG B 1 98  ? 5.321   -12.830 7.131   1.00 35.75  ? 98  ARG B O   1 
ATOM   1548 C CB  . ARG B 1 98  ? 7.983   -14.147 8.160   1.00 39.71  ? 98  ARG B CB  1 
ATOM   1549 C CG  . ARG B 1 98  ? 8.927   -14.974 8.984   1.00 41.89  ? 98  ARG B CG  1 
ATOM   1550 C CD  . ARG B 1 98  ? 9.974   -15.588 8.097   1.00 42.76  ? 98  ARG B CD  1 
ATOM   1551 N NE  . ARG B 1 98  ? 10.904  -16.392 8.882   1.00 53.72  ? 98  ARG B NE  1 
ATOM   1552 C CZ  . ARG B 1 98  ? 11.749  -17.272 8.357   1.00 58.53  ? 98  ARG B CZ  1 
ATOM   1553 N NH1 . ARG B 1 98  ? 11.777  -17.465 7.042   1.00 48.54  ? 98  ARG B NH1 1 
ATOM   1554 N NH2 . ARG B 1 98  ? 12.559  -17.960 9.152   1.00 57.51  ? 98  ARG B NH2 1 
ATOM   1555 N N   . PHE B 1 99  ? 6.502   -11.314 8.317   1.00 33.03  ? 99  PHE B N   1 
ATOM   1556 C CA  . PHE B 1 99  ? 6.071   -10.211 7.467   1.00 31.72  ? 99  PHE B CA  1 
ATOM   1557 C C   . PHE B 1 99  ? 6.819   -10.269 6.136   1.00 33.71  ? 99  PHE B C   1 
ATOM   1558 O O   . PHE B 1 99  ? 8.050   -10.155 6.085   1.00 35.79  ? 99  PHE B O   1 
ATOM   1559 C CB  . PHE B 1 99  ? 6.297   -8.865  8.153   1.00 35.06  ? 99  PHE B CB  1 
ATOM   1560 C CG  . PHE B 1 99  ? 5.397   -8.623  9.328   1.00 34.38  ? 99  PHE B CG  1 
ATOM   1561 C CD1 . PHE B 1 99  ? 4.033   -8.386  9.139   1.00 33.47  ? 99  PHE B CD1 1 
ATOM   1562 C CD2 . PHE B 1 99  ? 5.909   -8.618  10.628  1.00 31.94  ? 99  PHE B CD2 1 
ATOM   1563 C CE1 . PHE B 1 99  ? 3.191   -8.159  10.232  1.00 33.04  ? 99  PHE B CE1 1 
ATOM   1564 C CE2 . PHE B 1 99  ? 5.074   -8.399  11.720  1.00 33.93  ? 99  PHE B CE2 1 
ATOM   1565 C CZ  . PHE B 1 99  ? 3.716   -8.169  11.524  1.00 32.85  ? 99  PHE B CZ  1 
ATOM   1566 N N   . ILE B 1 100 ? 6.072   -10.487 5.062   1.00 32.88  ? 100 ILE B N   1 
ATOM   1567 C CA  . ILE B 1 100 ? 6.636   -10.448 3.724   1.00 34.25  ? 100 ILE B CA  1 
ATOM   1568 C C   . ILE B 1 100 ? 6.240   -9.116  3.082   1.00 38.20  ? 100 ILE B C   1 
ATOM   1569 O O   . ILE B 1 100 ? 5.371   -8.392  3.602   1.00 34.83  ? 100 ILE B O   1 
ATOM   1570 C CB  . ILE B 1 100 ? 6.132   -11.617 2.873   1.00 30.58  ? 100 ILE B CB  1 
ATOM   1571 C CG1 . ILE B 1 100 ? 4.699   -11.367 2.398   1.00 34.27  ? 100 ILE B CG1 1 
ATOM   1572 C CG2 . ILE B 1 100 ? 6.208   -12.898 3.671   1.00 31.53  ? 100 ILE B CG2 1 
ATOM   1573 C CD1 . ILE B 1 100 ? 3.988   -12.614 1.882   1.00 30.88  ? 100 ILE B CD1 1 
ATOM   1574 N N   . ARG B 1 101 ? 6.875   -8.793  1.958   1.00 37.26  ? 101 ARG B N   1 
ATOM   1575 C CA  . ARG B 1 101 ? 6.647   -7.522  1.293   1.00 31.14  ? 101 ARG B CA  1 
ATOM   1576 C C   . ARG B 1 101 ? 5.648   -7.690  0.159   1.00 33.16  ? 101 ARG B C   1 
ATOM   1577 O O   . ARG B 1 101 ? 5.663   -8.702  -0.536  1.00 37.45  ? 101 ARG B O   1 
ATOM   1578 C CB  . ARG B 1 101 ? 7.972   -6.984  0.765   1.00 33.67  ? 101 ARG B CB  1 
ATOM   1579 C CG  . ARG B 1 101 ? 9.010   -6.729  1.866   1.00 39.22  ? 101 ARG B CG  1 
ATOM   1580 C CD  . ARG B 1 101 ? 10.331  -6.210  1.305   1.00 38.93  ? 101 ARG B CD  1 
ATOM   1581 N NE  . ARG B 1 101 ? 10.431  -4.753  1.351   1.00 45.49  ? 101 ARG B NE  1 
ATOM   1582 C CZ  . ARG B 1 101 ? 11.145  -4.076  2.252   1.00 50.63  ? 101 ARG B CZ  1 
ATOM   1583 N NH1 . ARG B 1 101 ? 11.829  -4.726  3.196   1.00 51.81  ? 101 ARG B NH1 1 
ATOM   1584 N NH2 . ARG B 1 101 ? 11.181  -2.748  2.206   1.00 39.08  ? 101 ARG B NH2 1 
ATOM   1585 N N   . ILE B 1 102 ? 4.775   -6.706  -0.027  1.00 33.21  ? 102 ILE B N   1 
ATOM   1586 C CA  . ILE B 1 102 ? 3.837   -6.735  -1.151  1.00 35.04  ? 102 ILE B CA  1 
ATOM   1587 C C   . ILE B 1 102 ? 3.712   -5.339  -1.764  1.00 38.96  ? 102 ILE B C   1 
ATOM   1588 O O   . ILE B 1 102 ? 3.597   -4.337  -1.046  1.00 36.76  ? 102 ILE B O   1 
ATOM   1589 C CB  . ILE B 1 102 ? 2.433   -7.253  -0.739  1.00 35.91  ? 102 ILE B CB  1 
ATOM   1590 C CG1 . ILE B 1 102 ? 2.481   -8.730  -0.357  1.00 38.24  ? 102 ILE B CG1 1 
ATOM   1591 C CG2 . ILE B 1 102 ? 1.443   -7.088  -1.866  1.00 35.67  ? 102 ILE B CG2 1 
ATOM   1592 C CD1 . ILE B 1 102 ? 2.764   -9.650  -1.508  1.00 38.39  ? 102 ILE B CD1 1 
ATOM   1593 N N   . GLU B 1 103 ? 3.733   -5.269  -3.091  1.00 38.62  ? 103 GLU B N   1 
ATOM   1594 C CA  . GLU B 1 103 ? 3.667   -3.986  -3.759  1.00 37.89  ? 103 GLU B CA  1 
ATOM   1595 C C   . GLU B 1 103 ? 2.243   -3.442  -3.671  1.00 38.43  ? 103 GLU B C   1 
ATOM   1596 O O   . GLU B 1 103 ? 1.305   -4.073  -4.154  1.00 42.42  ? 103 GLU B O   1 
ATOM   1597 C CB  . GLU B 1 103 ? 4.149   -4.119  -5.209  1.00 41.22  ? 103 GLU B CB  1 
ATOM   1598 C CG  . GLU B 1 103 ? 5.634   -4.492  -5.331  1.00 43.63  ? 103 GLU B CG  1 
ATOM   1599 C CD  . GLU B 1 103 ? 5.999   -4.994  -6.708  1.00 46.93  ? 103 GLU B CD  1 
ATOM   1600 O OE1 . GLU B 1 103 ? 5.225   -5.816  -7.236  1.00 46.49  ? 103 GLU B OE1 1 
ATOM   1601 O OE2 . GLU B 1 103 ? 7.051   -4.573  -7.257  1.00 47.26  ? 103 GLU B OE2 1 
ATOM   1602 N N   . THR B 1 104 ? 2.086   -2.273  -3.057  1.00 39.11  ? 104 THR B N   1 
ATOM   1603 C CA  . THR B 1 104 ? 0.760   -1.744  -2.753  1.00 39.92  ? 104 THR B CA  1 
ATOM   1604 C C   . THR B 1 104 ? 0.360   -0.495  -3.523  1.00 45.68  ? 104 THR B C   1 
ATOM   1605 O O   . THR B 1 104 ? -0.827  -0.150  -3.550  1.00 48.45  ? 104 THR B O   1 
ATOM   1606 C CB  . THR B 1 104 ? 0.599   -1.452  -1.263  1.00 38.12  ? 104 THR B CB  1 
ATOM   1607 O OG1 . THR B 1 104 ? 1.891   -1.218  -0.677  1.00 36.37  ? 104 THR B OG1 1 
ATOM   1608 C CG2 . THR B 1 104 ? -0.089  -2.628  -0.581  1.00 34.57  ? 104 THR B CG2 1 
ATOM   1609 N N   . ALA B 1 105 ? 1.330   0.190   -4.131  1.00 44.68  ? 105 ALA B N   1 
ATOM   1610 C CA  . ALA B 1 105 ? 0.999   1.346   -4.969  1.00 43.56  ? 105 ALA B CA  1 
ATOM   1611 C C   . ALA B 1 105 ? 2.127   1.791   -5.888  1.00 40.03  ? 105 ALA B C   1 
ATOM   1612 O O   . ALA B 1 105 ? 3.289   1.445   -5.668  1.00 36.02  ? 105 ALA B O   1 
ATOM   1613 C CB  . ALA B 1 105 ? 0.528   2.518   -4.111  1.00 44.79  ? 105 ALA B CB  1 
ATOM   1614 N N   . CYS B 1 106 ? 1.757   2.569   -6.907  1.00 41.57  ? 106 CYS B N   1 
ATOM   1615 C CA  . CYS B 1 106 ? 2.702   3.154   -7.853  1.00 35.76  ? 106 CYS B CA  1 
ATOM   1616 C C   . CYS B 1 106 ? 2.848   4.646   -7.550  1.00 37.63  ? 106 CYS B C   1 
ATOM   1617 O O   . CYS B 1 106 ? 1.892   5.410   -7.690  1.00 39.09  ? 106 CYS B O   1 
ATOM   1618 C CB  . CYS B 1 106 ? 2.181   2.978   -9.281  1.00 36.41  ? 106 CYS B CB  1 
ATOM   1619 S SG  . CYS B 1 106 ? 3.464   2.989   -10.564 1.00 44.04  ? 106 CYS B SG  1 
ATOM   1620 N N   . VAL B 1 107 ? 4.032   5.074   -7.135  1.00 36.89  ? 107 VAL B N   1 
ATOM   1621 C CA  . VAL B 1 107 ? 4.219   6.485   -6.808  1.00 33.06  ? 107 VAL B CA  1 
ATOM   1622 C C   . VAL B 1 107 ? 5.189   7.165   -7.750  1.00 38.10  ? 107 VAL B C   1 
ATOM   1623 O O   . VAL B 1 107 ? 6.069   6.515   -8.323  1.00 42.12  ? 107 VAL B O   1 
ATOM   1624 C CB  . VAL B 1 107 ? 4.730   6.646   -5.380  1.00 32.83  ? 107 VAL B CB  1 
ATOM   1625 C CG1 . VAL B 1 107 ? 3.820   5.907   -4.431  1.00 32.26  ? 107 VAL B CG1 1 
ATOM   1626 C CG2 . VAL B 1 107 ? 6.146   6.102   -5.257  1.00 36.28  ? 107 VAL B CG2 1 
ATOM   1627 N N   . CYS B 1 108 ? 5.046   8.474   -7.909  1.00 40.20  ? 108 CYS B N   1 
ATOM   1628 C CA  . CYS B 1 108 ? 5.978   9.200   -8.758  1.00 38.31  ? 108 CYS B CA  1 
ATOM   1629 C C   . CYS B 1 108 ? 7.203   9.651   -7.976  1.00 38.75  ? 108 CYS B C   1 
ATOM   1630 O O   . CYS B 1 108 ? 7.078   10.179  -6.855  1.00 36.25  ? 108 CYS B O   1 
ATOM   1631 C CB  . CYS B 1 108 ? 5.305   10.394  -9.410  1.00 30.62  ? 108 CYS B CB  1 
ATOM   1632 S SG  . CYS B 1 108 ? 6.417   11.204  -10.536 1.00 34.60  ? 108 CYS B SG  1 
ATOM   1633 N N   . VAL B 1 109 ? 8.379   9.418   -8.563  1.00 39.08  ? 109 VAL B N   1 
ATOM   1634 C CA  . VAL B 1 109 ? 9.642   9.834   -7.962  1.00 38.74  ? 109 VAL B CA  1 
ATOM   1635 C C   . VAL B 1 109 ? 10.328  10.894  -8.825  1.00 42.93  ? 109 VAL B C   1 
ATOM   1636 O O   . VAL B 1 109 ? 10.387  10.771  -10.056 1.00 40.89  ? 109 VAL B O   1 
ATOM   1637 C CB  . VAL B 1 109 ? 10.584  8.660   -7.806  1.00 36.54  ? 109 VAL B CB  1 
ATOM   1638 C CG1 . VAL B 1 109 ? 11.625  8.977   -6.771  1.00 44.81  ? 109 VAL B CG1 1 
ATOM   1639 C CG2 . VAL B 1 109 ? 9.816   7.441   -7.388  1.00 39.82  ? 109 VAL B CG2 1 
ATOM   1640 N N   . ILE B 1 110 ? 10.856  11.923  -8.170  1.00 44.39  ? 110 ILE B N   1 
ATOM   1641 C CA  . ILE B 1 110 ? 11.483  13.041  -8.860  1.00 46.36  ? 110 ILE B CA  1 
ATOM   1642 C C   . ILE B 1 110 ? 12.886  13.333  -8.333  1.00 50.57  ? 110 ILE B C   1 
ATOM   1643 O O   . ILE B 1 110 ? 13.175  13.135  -7.146  1.00 49.46  ? 110 ILE B O   1 
ATOM   1644 C CB  . ILE B 1 110 ? 10.633  14.304  -8.732  1.00 44.51  ? 110 ILE B CB  1 
ATOM   1645 C CG1 . ILE B 1 110 ? 10.113  14.437  -7.300  1.00 45.23  ? 110 ILE B CG1 1 
ATOM   1646 C CG2 . ILE B 1 110 ? 9.477   14.235  -9.685  1.00 43.52  ? 110 ILE B CG2 1 
ATOM   1647 C CD1 . ILE B 1 110 ? 9.344   15.727  -7.024  1.00 44.98  ? 110 ILE B CD1 1 
ATOM   1648 N N   . THR B 1 111 ? 13.747  13.841  -9.210  1.00 53.76  ? 111 THR B N   1 
ATOM   1649 C CA  . THR B 1 111 ? 15.151  13.979  -8.863  1.00 59.87  ? 111 THR B CA  1 
ATOM   1650 C C   . THR B 1 111 ? 15.810  15.328  -9.135  1.00 63.67  ? 111 THR B C   1 
ATOM   1651 O O   . THR B 1 111 ? 16.590  15.801  -8.304  1.00 67.50  ? 111 THR B O   1 
ATOM   1652 C CB  . THR B 1 111 ? 15.974  12.924  -9.583  1.00 55.22  ? 111 THR B CB  1 
ATOM   1653 O OG1 . THR B 1 111 ? 15.453  12.763  -10.908 1.00 60.53  ? 111 THR B OG1 1 
ATOM   1654 C CG2 . THR B 1 111 ? 15.913  11.602  -8.836  1.00 50.70  ? 111 THR B CG2 1 
ATOM   1655 N N   . LYS B 1 112 ? 15.522  15.935  -10.285 1.00 60.20  ? 112 LYS B N   1 
ATOM   1656 C CA  . LYS B 1 112 ? 16.420  16.982  -10.806 1.00 65.28  ? 112 LYS B CA  1 
ATOM   1657 C C   . LYS B 1 112 ? 16.611  18.232  -9.939  1.00 68.44  ? 112 LYS B C   1 
ATOM   1658 O O   . LYS B 1 112 ? 17.335  18.186  -8.944  1.00 70.02  ? 112 LYS B O   1 
ATOM   1659 C CB  . LYS B 1 112 ? 16.095  17.372  -12.253 1.00 62.91  ? 112 LYS B CB  1 
ATOM   1660 C CG  . LYS B 1 112 ? 17.250  18.092  -12.960 1.00 56.34  ? 112 LYS B CG  1 
ATOM   1661 C CD  . LYS B 1 112 ? 16.794  18.711  -14.274 1.00 60.04  ? 112 LYS B CD  1 
ATOM   1662 C CE  . LYS B 1 112 ? 15.828  17.792  -15.033 1.00 55.14  ? 112 LYS B CE  1 
ATOM   1663 N NZ  . LYS B 1 112 ? 15.427  18.312  -16.378 1.00 46.76  ? 112 LYS B NZ  1 
ATOM   1664 N N   . LYS B 1 113 ? 15.998  19.352  -10.309 1.00 73.68  ? 113 LYS B N   1 
ATOM   1665 C CA  . LYS B 1 113 ? 16.387  20.603  -9.653  1.00 89.04  ? 113 LYS B CA  1 
ATOM   1666 C C   . LYS B 1 113 ? 15.296  21.607  -9.216  1.00 86.18  ? 113 LYS B C   1 
ATOM   1667 O O   . LYS B 1 113 ? 14.557  22.157  -10.040 1.00 85.49  ? 113 LYS B O   1 
ATOM   1668 C CB  . LYS B 1 113 ? 17.516  21.299  -10.442 1.00 89.17  ? 113 LYS B CB  1 
ATOM   1669 C CG  . LYS B 1 113 ? 17.142  21.830  -11.820 1.00 76.37  ? 113 LYS B CG  1 
ATOM   1670 C CD  . LYS B 1 113 ? 16.994  23.355  -11.829 1.00 76.08  ? 113 LYS B CD  1 
ATOM   1671 C CE  . LYS B 1 113 ? 18.278  24.064  -11.420 1.00 82.66  ? 113 LYS B CE  1 
ATOM   1672 N NZ  . LYS B 1 113 ? 18.360  24.302  -9.948  1.00 83.48  ? 113 LYS B NZ  1 
ATOM   1673 N N   . LYS B 1 114 ? 15.229  21.796  -7.895  1.00 90.48  ? 114 LYS B N   1 
ATOM   1674 C CA  . LYS B 1 114 ? 14.572  22.918  -7.199  1.00 98.41  ? 114 LYS B CA  1 
ATOM   1675 C C   . LYS B 1 114 ? 14.678  22.693  -5.683  1.00 107.36 ? 114 LYS B C   1 
ATOM   1676 O O   . LYS B 1 114 ? 15.368  23.439  -4.981  1.00 112.61 ? 114 LYS B O   1 
ATOM   1677 C CB  . LYS B 1 114 ? 13.110  23.134  -7.620  1.00 97.59  ? 114 LYS B CB  1 
ATOM   1678 C CG  . LYS B 1 114 ? 12.859  24.475  -8.322  1.00 99.56  ? 114 LYS B CG  1 
ATOM   1679 C CD  . LYS B 1 114 ? 13.354  25.659  -7.487  1.00 103.86 ? 114 LYS B CD  1 
ATOM   1680 C CE  . LYS B 1 114 ? 13.415  26.948  -8.303  1.00 102.20 ? 114 LYS B CE  1 
ATOM   1681 N NZ  . LYS B 1 114 ? 12.077  27.396  -8.772  1.00 98.63  ? 114 LYS B NZ  1 
ATOM   1682 N N   . GLY B 1 115 ? 14.004  21.653  -5.190  1.00 106.82 ? 115 GLY B N   1 
ATOM   1683 C CA  . GLY B 1 115 ? 14.118  21.242  -3.799  1.00 111.29 ? 115 GLY B CA  1 
ATOM   1684 C C   . GLY B 1 115 ? 13.022  21.769  -2.892  1.00 114.41 ? 115 GLY B C   1 
ATOM   1685 O O   . GLY B 1 115 ? 11.912  21.227  -2.864  1.00 106.47 ? 115 GLY B O   1 
ATOM   1686 N N   . ASN B 1 116 ? 13.359  22.813  -2.132  1.00 121.75 ? 116 ASN B N   1 
ATOM   1687 C CA  . ASN B 1 116 ? 12.425  23.542  -1.263  1.00 115.96 ? 116 ASN B CA  1 
ATOM   1688 C C   . ASN B 1 116 ? 11.870  22.759  -0.065  1.00 110.14 ? 116 ASN B C   1 
ATOM   1689 O O   . ASN B 1 116 ? 11.962  21.533  0.004   1.00 120.02 ? 116 ASN B O   1 
ATOM   1690 C CB  . ASN B 1 116 ? 11.288  24.180  -2.080  1.00 115.41 ? 116 ASN B CB  1 
ATOM   1691 C CG  . ASN B 1 116 ? 11.784  25.253  -3.045  1.00 110.35 ? 116 ASN B CG  1 
ATOM   1692 O OD1 . ASN B 1 116 ? 12.960  25.285  -3.409  1.00 109.23 ? 116 ASN B OD1 1 
ATOM   1693 N ND2 . ASN B 1 116 ? 10.883  26.135  -3.462  1.00 105.44 ? 116 ASN B ND2 1 
ATOM   1694 O OXT . ASN B 1 116 ? 11.321  23.349  0.870   1.00 100.30 ? 116 ASN B OXT 1 
HETATM 1695 C C1  . L44 C 2 .   ? -12.049 -15.637 4.866   1.00 53.78  ? 200 L44 A C1  1 
HETATM 1696 O O1  . L44 C 2 .   ? -12.102 -17.006 5.301   1.00 51.92  ? 200 L44 A O1  1 
HETATM 1697 C C2  . L44 C 2 .   ? -10.697 -15.364 4.220   1.00 50.68  ? 200 L44 A C2  1 
HETATM 1698 O O2  . L44 C 2 .   ? -9.757  -15.069 5.275   1.00 51.45  ? 200 L44 A O2  1 
HETATM 1699 C C3  . L44 C 2 .   ? -10.872 -14.264 3.144   1.00 40.11  ? 200 L44 A C3  1 
HETATM 1700 O O3  . L44 C 2 .   ? -10.372 -14.733 1.870   1.00 50.31  ? 200 L44 A O3  1 
HETATM 1701 C C4  . L44 C 2 .   ? -11.127 -14.399 0.691   1.00 39.89  ? 200 L44 A C4  1 
HETATM 1702 O O4  . L44 C 2 .   ? -12.269 -15.245 0.696   1.00 47.05  ? 200 L44 A O4  1 
HETATM 1703 C C5  . L44 C 2 .   ? -10.401 -14.752 -0.614  1.00 31.91  ? 200 L44 A C5  1 
HETATM 1704 C C6  . L44 C 2 .   ? -9.970  -13.576 -1.502  1.00 29.17  ? 200 L44 A C6  1 
HETATM 1705 C C7  . L44 C 2 .   ? -11.147 -12.887 -2.153  1.00 24.53  ? 200 L44 A C7  1 
HETATM 1706 C C8  . L44 C 2 .   ? -10.874 -11.441 -2.548  1.00 28.16  ? 200 L44 A C8  1 
HETATM 1707 C C9  . L44 C 2 .   ? -12.178 -10.875 -3.123  1.00 36.93  ? 200 L44 A C9  1 
HETATM 1708 C C10 . L44 C 2 .   ? -12.148 -9.455  -3.677  1.00 37.61  ? 200 L44 A C10 1 
HETATM 1709 C C11 . L44 C 2 .   ? -12.397 -9.397  -5.196  1.00 42.41  ? 200 L44 A C11 1 
HETATM 1710 C C12 . L44 C 2 .   ? -12.572 -7.961  -5.720  1.00 50.60  ? 200 L44 A C12 1 
HETATM 1711 C C13 . L44 C 2 .   ? -11.689 -7.567  -6.910  1.00 47.09  ? 200 L44 A C13 1 
HETATM 1712 C C14 . L44 C 2 .   ? -10.536 -6.621  -6.523  1.00 53.80  ? 200 L44 A C14 1 
HETATM 1713 C C15 . L44 C 2 .   ? -10.909 -5.140  -6.339  1.00 53.06  ? 200 L44 A C15 1 
HETATM 1714 C C16 . L44 C 2 .   ? -10.561 -4.685  -4.932  1.00 46.46  ? 200 L44 A C16 1 
HETATM 1715 C C17 . L44 C 2 .   ? -10.962 -3.306  -4.412  1.00 31.36  ? 200 L44 A C17 1 
HETATM 1716 C C18 . L44 C 2 .   ? -8.839  -16.169 5.634   1.00 46.76  ? 200 L44 A C18 1 
HETATM 1717 O O18 . L44 C 2 .   ? -7.863  -16.339 4.925   1.00 50.46  ? 200 L44 A O18 1 
HETATM 1718 C C19 . L44 C 2 .   ? -8.998  -17.070 6.853   1.00 39.32  ? 200 L44 A C19 1 
HETATM 1719 C C20 . L44 C 2 .   ? -7.660  -17.774 7.144   1.00 38.15  ? 200 L44 A C20 1 
HETATM 1720 C C21 . L44 C 2 .   ? -7.200  -17.775 8.608   1.00 34.44  ? 200 L44 A C21 1 
HETATM 1721 C C22 . L44 C 2 .   ? -5.669  -17.713 8.728   1.00 33.68  ? 200 L44 A C22 1 
HETATM 1722 C C23 . L44 C 2 .   ? -5.167  -16.774 9.840   1.00 30.33  ? 200 L44 A C23 1 
HETATM 1723 C C24 . L44 C 2 .   ? -3.981  -15.901 9.400   1.00 33.50  ? 200 L44 A C24 1 
HETATM 1724 C C25 . L44 C 2 .   ? -3.377  -14.975 10.470  1.00 35.94  ? 200 L44 A C25 1 
HETATM 1725 C C26 . L44 C 2 .   ? -3.275  -13.503 10.030  1.00 33.06  ? 200 L44 A C26 1 
HETATM 1726 C C27 . L44 C 2 .   ? -2.925  -12.524 11.161  1.00 23.62  ? 200 L44 A C27 1 
HETATM 1727 C C28 . L44 C 2 .   ? -3.243  -11.050 10.843  1.00 25.12  ? 200 L44 A C28 1 
HETATM 1728 C C29 . L44 C 2 .   ? -2.966  -10.114 12.028  1.00 18.70  ? 200 L44 A C29 1 
HETATM 1729 C C30 . L44 C 2 .   ? -1.928  -9.028  11.731  1.00 21.46  ? 200 L44 A C30 1 
HETATM 1730 C C31 . L44 C 2 .   ? -1.046  -8.670  12.952  1.00 22.78  ? 200 L44 A C31 1 
HETATM 1731 C C32 . L44 C 2 .   ? 0.249   -9.499  13.122  1.00 23.45  ? 200 L44 A C32 1 
HETATM 1732 C C33 . L44 C 2 .   ? 0.199   -10.682 14.126  1.00 25.11  ? 200 L44 A C33 1 
HETATM 1733 C C34 . L44 C 2 .   ? 0.140   -12.086 13.475  1.00 27.73  ? 200 L44 A C34 1 
HETATM 1734 C C35 . L44 C 2 .   ? 0.546   -13.304 14.336  1.00 30.75  ? 200 L44 A C35 1 
HETATM 1735 C C36 . L44 C 2 .   ? 1.719   -14.201 13.865  1.00 32.46  ? 200 L44 A C36 1 
HETATM 1736 C C37 . L44 C 2 .   ? 2.960   -14.096 14.791  1.00 37.74  ? 200 L44 A C37 1 
HETATM 1737 C C38 . L44 C 2 .   ? 4.301   -14.645 14.268  1.00 27.49  ? 200 L44 A C38 1 
HETATM 1738 C C39 . L44 C 2 .   ? 5.488   -13.741 14.578  1.00 16.08  ? 200 L44 A C39 1 
HETATM 1739 O O   . HOH D 3 .   ? -6.552  -7.169  26.335  1.00 35.29  ? 301 HOH A O   1 
HETATM 1740 O O   . HOH D 3 .   ? -5.056  -16.855 4.430   1.00 34.66  ? 302 HOH A O   1 
HETATM 1741 O O   . HOH D 3 .   ? -9.783  4.015   5.527   1.00 32.13  ? 303 HOH A O   1 
HETATM 1742 O O   . HOH D 3 .   ? -18.610 -15.715 15.738  1.00 25.26  ? 304 HOH A O   1 
HETATM 1743 O O   . HOH D 3 .   ? -6.760  1.908   18.114  1.00 27.03  ? 305 HOH A O   1 
HETATM 1744 O O   . HOH D 3 .   ? -3.278  -8.186  1.278   1.00 33.22  ? 306 HOH A O   1 
HETATM 1745 O O   . HOH D 3 .   ? -3.220  21.686  -3.548  1.00 27.22  ? 307 HOH A O   1 
HETATM 1746 O O   . HOH D 3 .   ? -12.726 -18.301 2.582   1.00 39.77  ? 308 HOH A O   1 
HETATM 1747 O O   . HOH D 3 .   ? 1.524   0.003   3.902   1.00 31.53  ? 309 HOH A O   1 
HETATM 1748 O O   . HOH D 3 .   ? -12.868 -0.925  -1.952  1.00 36.74  ? 310 HOH A O   1 
HETATM 1749 O O   . HOH D 3 .   ? -9.445  6.016   7.169   1.00 37.12  ? 311 HOH A O   1 
HETATM 1750 O O   . HOH D 3 .   ? 6.687   21.964  -6.645  1.00 36.40  ? 312 HOH A O   1 
HETATM 1751 O O   . HOH D 3 .   ? 9.486   -1.418  8.339   1.00 29.71  ? 313 HOH A O   1 
HETATM 1752 O O   . HOH D 3 .   ? -5.756  9.579   7.233   1.00 33.15  ? 314 HOH A O   1 
HETATM 1753 O O   . HOH D 3 .   ? 0.149   -4.080  7.271   1.00 27.93  ? 315 HOH A O   1 
HETATM 1754 O O   . HOH D 3 .   ? 9.571   -2.458  10.725  1.00 39.30  ? 316 HOH A O   1 
HETATM 1755 O O   . HOH D 3 .   ? -5.042  3.547   17.339  1.00 36.97  ? 317 HOH A O   1 
HETATM 1756 O O   . HOH D 3 .   ? -3.745  -10.203 4.137   1.00 31.25  ? 318 HOH A O   1 
HETATM 1757 O O   . HOH D 3 .   ? -2.068  3.021   16.946  1.00 24.26  ? 319 HOH A O   1 
HETATM 1758 O O   . HOH D 3 .   ? -4.983  -4.779  17.592  1.00 32.42  ? 320 HOH A O   1 
HETATM 1759 O O   . HOH E 3 .   ? 9.097   -15.843 12.430  1.00 33.72  ? 201 HOH B O   1 
HETATM 1760 O O   . HOH E 3 .   ? -1.237  -28.142 1.218   1.00 40.49  ? 202 HOH B O   1 
HETATM 1761 O O   . HOH E 3 .   ? 14.351  17.347  -18.133 1.00 47.83  ? 203 HOH B O   1 
HETATM 1762 O O   . HOH E 3 .   ? -13.456 12.038  -13.669 1.00 50.25  ? 204 HOH B O   1 
HETATM 1763 O O   . HOH E 3 .   ? -7.885  16.239  -15.036 1.00 46.45  ? 205 HOH B O   1 
# 
